data_4IIB
#
_entry.id   4IIB
#
_cell.length_a   82.162
_cell.length_b   123.024
_cell.length_c   222.254
_cell.angle_alpha   90.00
_cell.angle_beta   90.00
_cell.angle_gamma   90.00
#
_symmetry.space_group_name_H-M   'P 21 21 21'
#
loop_
_entity.id
_entity.type
_entity.pdbx_description
1 polymer 'Beta-glucosidase 1'
2 branched alpha-D-mannopyranose-(1-2)-alpha-D-mannopyranose-(1-3)-[alpha-D-mannopyranose-(1-6)]beta-D-mannopyranose-(1-4)-2-acetamido-2-deoxy-beta-D-glucopyranose-(1-4)-2-acetamido-2-deoxy-beta-D-glucopyranose
3 branched beta-D-mannopyranose-(1-4)-2-acetamido-2-deoxy-beta-D-glucopyranose-(1-4)-2-acetamido-2-deoxy-beta-D-glucopyranose
4 branched 2-acetamido-2-deoxy-beta-D-glucopyranose-(1-4)-2-acetamido-2-deoxy-beta-D-glucopyranose
5 branched alpha-D-mannopyranose-(1-2)-alpha-D-mannopyranose-(1-3)-[alpha-D-mannopyranose-(1-2)-alpha-D-mannopyranose-(1-6)]alpha-D-mannopyranose-(1-6)-[alpha-D-mannopyranose-(1-2)-alpha-D-mannopyranose-(1-3)]beta-D-mannopyranose-(1-4)-2-acetamido-2-deoxy-beta-D-glucopyranose-(1-4)-2-acetamido-2-deoxy-beta-D-glucopyranose
6 branched alpha-D-mannopyranose-(1-2)-alpha-D-mannopyranose-(1-6)-alpha-D-mannopyranose-(1-6)-[alpha-D-mannopyranose-(1-3)]beta-D-mannopyranose-(1-4)-2-acetamido-2-deoxy-beta-D-glucopyranose-(1-4)-2-acetamido-2-deoxy-beta-D-glucopyranose
7 branched alpha-D-mannopyranose-(1-2)-alpha-D-mannopyranose-(1-3)-[alpha-D-mannopyranose-(1-6)]alpha-D-mannopyranose-(1-6)-beta-D-mannopyranose-(1-4)-2-acetamido-2-deoxy-beta-D-glucopyranose-(1-4)-2-acetamido-2-deoxy-beta-D-glucopyranose
8 branched alpha-D-mannopyranose-(1-2)-alpha-D-mannopyranose-(1-2)-alpha-D-mannopyranose-(1-3)-[alpha-D-mannopyranose-(1-6)]beta-D-mannopyranose-(1-4)-2-acetamido-2-deoxy-beta-D-glucopyranose-(1-4)-2-acetamido-2-deoxy-beta-D-glucopyranose
9 branched alpha-D-mannopyranose-(1-3)-alpha-D-mannopyranose-(1-6)-[alpha-D-mannopyranose-(1-3)]beta-D-mannopyranose-(1-4)-2-acetamido-2-deoxy-beta-D-glucopyranose-(1-4)-2-acetamido-2-deoxy-beta-D-glucopyranose
10 branched alpha-D-mannopyranose-(1-2)-alpha-D-mannopyranose-(1-3)-[alpha-D-mannopyranose-(1-6)]alpha-D-mannopyranose-(1-6)-[alpha-D-mannopyranose-(1-3)]beta-D-mannopyranose-(1-4)-2-acetamido-2-deoxy-beta-D-glucopyranose-(1-4)-2-acetamido-2-deoxy-beta-D-glucopyranose
11 non-polymer 2-acetamido-2-deoxy-beta-D-glucopyranose
12 non-polymer (4S)-2-METHYL-2,4-PENTANEDIOL
13 non-polymer (4R)-2-METHYLPENTANE-2,4-DIOL
14 non-polymer 'SODIUM ION'
15 non-polymer 'ACETIC ACID'
16 water water
#
_entity_poly.entity_id   1
_entity_poly.type   'polypeptide(L)'
_entity_poly.pdbx_seq_one_letter_code
;DELAFSPPFYPSPWANGQGEWAEAYQRAVAIVSQMTLDEKVNLTTGTGWELEKCVGQTGGVPRLNIGGMCLQDSPLGIRD
SDYNSAFPAGVNVAATWDKNLAYLRGQAMGQEFSDKGIDVQLGPAAGPLGRSPDGGRNWEGFSPDPALTGVLFAETIKGI
QDAGVVATAKHYILNEQEHFRQVAEAAGYGFNISDTISSNVDDKTIHEMYLWPFADAVRAGVGAIMCSYNQINNSYGCQN
SYTLNKLLKAELGFQGFVMSDWGAHHSGVGSALAGLDMSMPGDITFDSATSFWGTNLTIAVLNGTVPQWRVDDMAVRIMA
AYYKVGRDRLYQPPNFSSWTRDEYGFKYFYPQEGPYEKVNHFVNVQRNHSEVIRKLGADSTVLLKNNNALPLTGKERKVA
ILGEDAGSNSYGANGCSDRGCDNGTLAMAWGSGTAEFPYLVTPEQAIQAEVLKHKGSVYAITDNWALSQVETLAKQASVS
LVFVNSDAGEGYISVDGNEGDRNNLTLWKNGDNLIKAAANNCNNTIVVIHSVGPVLVDEWYDHPNVTAILWAGLPGQESG
NSLADVLYGRVNPGAKSPFTWGKTREAYGDYLVRELNNGNGAPQDDFSEGVFIDYRGFDKRNETPIYEFGHGLSYTTFNY
SGLHIQVLNASSNAQVATETGAAPTFGQVGNASDYVYPEGLTRISKFIYPWLNSTDLKASSGDPYYGVDTAEHVPEGATD
GSPQPVLPAGGGSGGNPRLYDELIRVSVTVKNTGRVAGDAVPQLYVSLGGPNEPKVVLRKFDRLTLKPSEETVWTTTLTR
RDLSNWDVAAQDWVITSYPKKVHVGSSSRQLPLHAALPKVQ
;
_entity_poly.pdbx_strand_id   A,B
#
loop_
_chem_comp.id
_chem_comp.type
_chem_comp.name
_chem_comp.formula
ACY non-polymer 'ACETIC ACID' 'C2 H4 O2'
BMA D-saccharide, beta linking beta-D-mannopyranose 'C6 H12 O6'
MAN D-saccharide, alpha linking alpha-D-mannopyranose 'C6 H12 O6'
MPD non-polymer (4S)-2-METHYL-2,4-PENTANEDIOL 'C6 H14 O2'
MRD non-polymer (4R)-2-METHYLPENTANE-2,4-DIOL 'C6 H14 O2'
NA non-polymer 'SODIUM ION' 'Na 1'
NAG D-saccharide, beta linking 2-acetamido-2-deoxy-beta-D-glucopyranose 'C8 H15 N O6'
#
# COMPACT_ATOMS: atom_id res chain seq x y z
N LEU A 3 9.71 25.56 -48.07
CA LEU A 3 9.50 24.41 -47.04
C LEU A 3 10.42 23.26 -47.40
N ALA A 4 10.86 22.53 -46.38
CA ALA A 4 11.74 21.37 -46.65
C ALA A 4 11.12 20.43 -47.63
N PHE A 5 11.96 19.71 -48.39
CA PHE A 5 11.40 18.93 -49.48
C PHE A 5 12.11 17.54 -49.43
N SER A 6 11.39 16.51 -49.78
CA SER A 6 11.93 15.12 -49.66
C SER A 6 12.11 14.59 -51.08
N PRO A 7 13.36 14.51 -51.54
CA PRO A 7 13.56 14.10 -52.94
C PRO A 7 13.18 12.67 -53.19
N PRO A 8 12.73 12.33 -54.43
CA PRO A 8 12.24 11.01 -54.77
C PRO A 8 13.42 10.03 -54.84
N PHE A 9 13.13 8.75 -54.49
CA PHE A 9 14.06 7.66 -54.79
C PHE A 9 13.25 6.46 -55.19
N TYR A 10 13.33 6.09 -56.49
CA TYR A 10 12.55 5.01 -57.07
C TYR A 10 13.45 4.30 -58.10
N PRO A 11 13.22 2.99 -58.32
CA PRO A 11 12.13 2.21 -57.83
C PRO A 11 12.36 1.70 -56.37
N SER A 12 11.29 1.15 -55.81
CA SER A 12 11.37 0.53 -54.46
C SER A 12 12.17 -0.79 -54.54
N PRO A 13 13.35 -0.89 -53.93
CA PRO A 13 14.18 -2.11 -54.08
C PRO A 13 13.45 -3.40 -53.76
N TRP A 14 13.66 -4.40 -54.59
CA TRP A 14 13.14 -5.74 -54.35
C TRP A 14 14.09 -6.60 -53.54
N ALA A 15 13.52 -7.48 -52.77
CA ALA A 15 14.29 -8.37 -51.90
C ALA A 15 15.23 -9.22 -52.77
N ASN A 16 16.33 -9.69 -52.19
CA ASN A 16 17.21 -10.54 -52.99
C ASN A 16 17.84 -11.71 -52.28
N GLY A 17 17.25 -12.12 -51.16
CA GLY A 17 17.91 -13.13 -50.33
C GLY A 17 19.27 -12.76 -49.73
N GLN A 18 19.48 -11.50 -49.34
CA GLN A 18 20.82 -11.03 -48.91
C GLN A 18 21.23 -11.81 -47.64
N GLY A 19 22.52 -12.15 -47.54
CA GLY A 19 23.08 -12.60 -46.26
C GLY A 19 22.30 -13.74 -45.58
N GLU A 20 21.85 -13.49 -44.33
CA GLU A 20 21.23 -14.58 -43.56
C GLU A 20 19.78 -14.77 -44.02
N TRP A 21 19.34 -14.04 -45.06
CA TRP A 21 17.99 -14.17 -45.56
C TRP A 21 17.85 -15.15 -46.74
N ALA A 22 18.96 -15.79 -47.14
CA ALA A 22 18.94 -16.65 -48.35
C ALA A 22 17.84 -17.72 -48.28
N GLU A 23 17.83 -18.47 -47.19
CA GLU A 23 16.89 -19.58 -47.09
C GLU A 23 15.45 -19.08 -46.94
N ALA A 24 15.25 -18.08 -46.07
CA ALA A 24 13.84 -17.64 -45.81
C ALA A 24 13.29 -17.08 -47.15
N TYR A 25 14.15 -16.40 -47.90
CA TYR A 25 13.73 -15.80 -49.19
C TYR A 25 13.32 -16.88 -50.22
N GLN A 26 14.08 -17.95 -50.26
CA GLN A 26 13.77 -19.02 -51.19
C GLN A 26 12.45 -19.64 -50.79
N ARG A 27 12.20 -19.82 -49.48
CA ARG A 27 10.89 -20.36 -49.09
C ARG A 27 9.77 -19.43 -49.40
N ALA A 28 10.02 -18.12 -49.19
CA ALA A 28 8.99 -17.14 -49.44
C ALA A 28 8.65 -17.12 -50.96
N VAL A 29 9.70 -17.16 -51.78
CA VAL A 29 9.42 -17.06 -53.25
C VAL A 29 8.60 -18.29 -53.68
N ALA A 30 9.00 -19.43 -53.19
CA ALA A 30 8.29 -20.68 -53.53
C ALA A 30 6.80 -20.66 -53.12
N ILE A 31 6.44 -20.10 -51.94
CA ILE A 31 5.04 -20.07 -51.57
C ILE A 31 4.30 -18.90 -52.25
N VAL A 32 4.95 -17.71 -52.39
CA VAL A 32 4.27 -16.54 -53.03
C VAL A 32 3.98 -16.88 -54.53
N SER A 33 4.83 -17.71 -55.06
CA SER A 33 4.71 -18.11 -56.55
C SER A 33 3.48 -18.92 -56.73
N GLN A 34 2.92 -19.49 -55.62
CA GLN A 34 1.63 -20.23 -55.66
C GLN A 34 0.39 -19.41 -55.45
N MET A 35 0.56 -18.12 -55.09
CA MET A 35 -0.60 -17.32 -54.64
C MET A 35 -1.27 -16.60 -55.75
N THR A 36 -2.57 -16.41 -55.60
CA THR A 36 -3.35 -15.53 -56.48
C THR A 36 -3.12 -14.09 -56.07
N LEU A 37 -3.61 -13.12 -56.86
CA LEU A 37 -3.32 -11.67 -56.56
C LEU A 37 -4.06 -11.30 -55.25
N ASP A 38 -5.31 -11.80 -55.07
CA ASP A 38 -6.06 -11.51 -53.91
C ASP A 38 -5.43 -12.08 -52.63
N GLU A 39 -4.79 -13.26 -52.72
CA GLU A 39 -4.11 -13.83 -51.56
C GLU A 39 -2.92 -12.96 -51.19
N LYS A 40 -2.10 -12.56 -52.19
CA LYS A 40 -0.99 -11.65 -51.93
C LYS A 40 -1.46 -10.38 -51.23
N VAL A 41 -2.57 -9.79 -51.74
CA VAL A 41 -3.09 -8.54 -51.15
C VAL A 41 -3.44 -8.77 -49.64
N ASN A 42 -4.02 -9.93 -49.35
CA ASN A 42 -4.42 -10.26 -47.94
C ASN A 42 -3.21 -10.22 -47.03
N LEU A 43 -2.07 -10.64 -47.51
CA LEU A 43 -0.88 -10.57 -46.62
C LEU A 43 -0.52 -9.13 -46.28
N THR A 44 -0.82 -8.17 -47.17
CA THR A 44 -0.24 -6.81 -47.06
C THR A 44 -1.24 -5.95 -46.25
N THR A 45 -2.49 -6.37 -46.04
CA THR A 45 -3.47 -5.40 -45.49
C THR A 45 -4.15 -5.95 -44.23
N GLY A 46 -4.18 -5.16 -43.16
CA GLY A 46 -4.87 -5.65 -41.96
C GLY A 46 -6.39 -5.72 -42.16
N THR A 47 -7.13 -6.42 -41.30
CA THR A 47 -8.54 -6.65 -41.62
C THR A 47 -9.53 -5.64 -41.00
N GLY A 48 -8.98 -4.61 -40.39
CA GLY A 48 -9.76 -3.48 -39.84
C GLY A 48 -9.60 -3.37 -38.29
N TRP A 49 -9.83 -2.17 -37.74
CA TRP A 49 -9.58 -1.99 -36.31
C TRP A 49 -10.57 -2.81 -35.46
N GLU A 50 -10.02 -3.70 -34.59
CA GLU A 50 -10.84 -4.49 -33.63
C GLU A 50 -11.74 -5.48 -34.37
N LEU A 51 -11.31 -5.92 -35.58
CA LEU A 51 -12.18 -6.92 -36.27
C LEU A 51 -11.78 -8.33 -35.82
N GLU A 52 -10.52 -8.55 -35.43
CA GLU A 52 -10.13 -9.90 -35.09
C GLU A 52 -9.57 -9.90 -33.62
N LYS A 53 -8.44 -10.57 -33.37
CA LYS A 53 -8.01 -10.63 -31.92
C LYS A 53 -6.91 -9.61 -31.62
N CYS A 54 -5.96 -9.44 -32.56
CA CYS A 54 -4.71 -8.68 -32.23
C CYS A 54 -4.85 -7.24 -32.58
N VAL A 55 -4.01 -6.34 -32.01
CA VAL A 55 -4.15 -4.94 -32.34
C VAL A 55 -3.93 -4.69 -33.85
N GLY A 56 -3.13 -5.56 -34.51
CA GLY A 56 -3.10 -5.56 -36.00
C GLY A 56 -3.30 -7.01 -36.37
N GLN A 57 -4.03 -7.26 -37.50
CA GLN A 57 -4.11 -8.68 -37.82
C GLN A 57 -4.42 -8.69 -39.36
N THR A 58 -3.69 -9.54 -40.10
CA THR A 58 -4.06 -9.72 -41.52
C THR A 58 -4.91 -11.00 -41.69
N GLY A 59 -5.56 -11.15 -42.89
CA GLY A 59 -6.48 -12.34 -43.11
C GLY A 59 -5.71 -13.60 -43.40
N GLY A 60 -4.43 -13.49 -43.74
CA GLY A 60 -3.62 -14.67 -44.08
C GLY A 60 -4.08 -15.27 -45.47
N VAL A 61 -3.69 -16.51 -45.74
CA VAL A 61 -3.98 -17.13 -47.05
C VAL A 61 -4.48 -18.57 -46.72
N PRO A 62 -5.77 -18.74 -46.45
CA PRO A 62 -6.23 -19.99 -45.91
C PRO A 62 -6.01 -21.18 -46.89
N ARG A 63 -6.09 -20.92 -48.19
CA ARG A 63 -5.92 -22.03 -49.14
C ARG A 63 -4.54 -22.63 -49.00
N LEU A 64 -3.51 -21.83 -48.65
CA LEU A 64 -2.21 -22.38 -48.52
C LEU A 64 -1.81 -22.60 -47.02
N ASN A 65 -2.83 -22.64 -46.16
CA ASN A 65 -2.64 -22.87 -44.70
C ASN A 65 -1.69 -21.86 -44.08
N ILE A 66 -1.79 -20.60 -44.50
CA ILE A 66 -1.02 -19.56 -43.86
C ILE A 66 -2.01 -18.81 -42.98
N GLY A 67 -1.88 -18.87 -41.65
CA GLY A 67 -2.84 -18.20 -40.81
C GLY A 67 -2.69 -16.67 -40.88
N GLY A 68 -3.74 -15.94 -40.52
CA GLY A 68 -3.66 -14.46 -40.49
C GLY A 68 -2.51 -14.05 -39.54
N MET A 69 -1.74 -13.02 -39.90
CA MET A 69 -0.60 -12.66 -38.96
C MET A 69 -1.20 -11.79 -37.87
N CYS A 70 -0.82 -12.12 -36.62
CA CYS A 70 -1.33 -11.41 -35.46
C CYS A 70 -0.10 -10.58 -34.99
N LEU A 71 -0.29 -9.27 -34.96
CA LEU A 71 0.74 -8.29 -34.60
C LEU A 71 0.26 -7.62 -33.29
N GLN A 72 1.15 -7.60 -32.26
CA GLN A 72 0.69 -7.13 -30.96
C GLN A 72 1.78 -6.28 -30.32
N ASP A 73 1.33 -5.12 -29.78
CA ASP A 73 2.18 -4.34 -28.83
C ASP A 73 2.42 -5.19 -27.55
N SER A 74 3.44 -4.90 -26.74
CA SER A 74 4.27 -3.67 -26.79
C SER A 74 5.74 -4.02 -26.71
N PRO A 75 6.66 -3.00 -26.76
CA PRO A 75 8.07 -3.27 -26.67
C PRO A 75 8.46 -3.76 -25.26
N LEU A 76 7.54 -3.74 -24.28
CA LEU A 76 7.89 -4.20 -22.91
C LEU A 76 6.98 -5.29 -22.37
N GLY A 77 6.20 -5.95 -23.23
CA GLY A 77 5.30 -7.01 -22.73
C GLY A 77 4.00 -6.96 -23.54
N ILE A 78 3.31 -8.11 -23.53
CA ILE A 78 2.11 -8.24 -24.39
C ILE A 78 1.08 -7.21 -23.88
N ARG A 79 0.53 -6.44 -24.84
CA ARG A 79 -0.55 -5.45 -24.53
C ARG A 79 -1.93 -6.10 -24.58
N ASP A 80 -2.82 -5.58 -23.72
CA ASP A 80 -4.28 -5.85 -23.85
C ASP A 80 -4.54 -7.39 -23.74
N SER A 81 -3.82 -8.08 -22.81
CA SER A 81 -4.02 -9.54 -22.74
C SER A 81 -4.11 -9.93 -21.22
N ASP A 82 -3.93 -11.21 -20.94
CA ASP A 82 -3.93 -11.69 -19.53
C ASP A 82 -2.84 -12.65 -19.28
N TYR A 83 -2.51 -12.75 -17.98
CA TYR A 83 -1.51 -13.73 -17.47
C TYR A 83 -0.23 -13.61 -18.24
N ASN A 84 0.15 -12.36 -18.48
CA ASN A 84 1.46 -12.02 -19.11
C ASN A 84 2.33 -11.25 -18.13
N SER A 85 3.60 -11.06 -18.46
CA SER A 85 4.47 -10.29 -17.60
C SER A 85 4.59 -8.85 -18.03
N ALA A 86 5.07 -7.97 -17.14
CA ALA A 86 5.22 -6.55 -17.46
C ALA A 86 6.71 -6.27 -17.21
N PHE A 87 7.49 -6.15 -18.29
CA PHE A 87 8.95 -6.02 -18.19
C PHE A 87 9.33 -4.55 -17.94
N PRO A 88 10.60 -4.28 -17.54
CA PRO A 88 11.00 -2.91 -17.39
C PRO A 88 11.01 -2.28 -18.80
N ALA A 89 10.87 -0.96 -18.80
CA ALA A 89 10.92 -0.29 -20.13
C ALA A 89 12.32 -0.33 -20.82
N GLY A 90 12.30 -0.05 -22.13
CA GLY A 90 13.56 0.04 -22.94
C GLY A 90 14.57 0.95 -22.29
N VAL A 91 14.13 2.07 -21.73
CA VAL A 91 15.14 2.98 -21.13
C VAL A 91 15.90 2.27 -19.95
N ASN A 92 15.25 1.38 -19.20
CA ASN A 92 15.94 0.67 -18.15
C ASN A 92 16.94 -0.27 -18.77
N VAL A 93 16.57 -0.87 -19.91
CA VAL A 93 17.56 -1.77 -20.59
C VAL A 93 18.80 -0.96 -20.97
N ALA A 94 18.58 0.25 -21.47
CA ALA A 94 19.72 1.17 -21.77
C ALA A 94 20.58 1.37 -20.50
N ALA A 95 19.93 1.70 -19.36
CA ALA A 95 20.63 1.91 -18.13
C ALA A 95 21.45 0.67 -17.67
N THR A 96 21.06 -0.57 -18.04
CA THR A 96 21.89 -1.67 -17.62
C THR A 96 23.27 -1.65 -18.36
N TRP A 97 23.33 -1.07 -19.54
CA TRP A 97 24.52 -1.18 -20.38
C TRP A 97 24.93 -2.64 -20.62
N ASP A 98 23.95 -3.55 -20.64
CA ASP A 98 24.22 -4.98 -20.53
C ASP A 98 23.61 -5.68 -21.73
N LYS A 99 24.49 -6.01 -22.71
CA LYS A 99 23.95 -6.67 -23.96
C LYS A 99 23.26 -7.99 -23.63
N ASN A 100 23.80 -8.72 -22.64
CA ASN A 100 23.21 -10.03 -22.31
C ASN A 100 21.79 -9.84 -21.74
N LEU A 101 21.60 -8.92 -20.79
CA LEU A 101 20.24 -8.72 -20.27
C LEU A 101 19.29 -8.24 -21.37
N ALA A 102 19.77 -7.40 -22.24
CA ALA A 102 18.91 -6.96 -23.38
C ALA A 102 18.43 -8.18 -24.16
N TYR A 103 19.35 -9.11 -24.45
CA TYR A 103 18.96 -10.31 -25.22
C TYR A 103 18.02 -11.15 -24.39
N LEU A 104 18.33 -11.33 -23.08
CA LEU A 104 17.45 -12.23 -22.26
C LEU A 104 16.06 -11.62 -22.11
N ARG A 105 15.97 -10.27 -21.92
CA ARG A 105 14.58 -9.71 -21.88
C ARG A 105 13.86 -9.91 -23.24
N GLY A 106 14.62 -9.75 -24.35
CA GLY A 106 13.96 -10.01 -25.70
C GLY A 106 13.46 -11.52 -25.75
N GLN A 107 14.32 -12.45 -25.33
CA GLN A 107 13.93 -13.90 -25.39
C GLN A 107 12.71 -14.14 -24.49
N ALA A 108 12.72 -13.57 -23.26
CA ALA A 108 11.55 -13.84 -22.36
C ALA A 108 10.27 -13.23 -22.98
N MET A 109 10.34 -12.01 -23.52
CA MET A 109 9.15 -11.45 -24.21
C MET A 109 8.76 -12.34 -25.41
N GLY A 110 9.73 -12.65 -26.26
CA GLY A 110 9.37 -13.48 -27.47
C GLY A 110 8.66 -14.78 -27.02
N GLN A 111 9.15 -15.42 -25.96
CA GLN A 111 8.45 -16.67 -25.50
C GLN A 111 6.99 -16.37 -25.13
N GLU A 112 6.73 -15.30 -24.35
CA GLU A 112 5.38 -14.98 -23.99
C GLU A 112 4.52 -14.69 -25.21
N PHE A 113 5.00 -13.78 -26.11
CA PHE A 113 4.22 -13.43 -27.33
C PHE A 113 3.95 -14.73 -28.15
N SER A 114 4.98 -15.55 -28.22
CA SER A 114 4.77 -16.81 -29.01
C SER A 114 3.63 -17.68 -28.44
N ASP A 115 3.69 -17.85 -27.10
CA ASP A 115 2.73 -18.67 -26.42
C ASP A 115 1.33 -18.17 -26.41
N LYS A 116 1.10 -16.87 -26.72
CA LYS A 116 -0.26 -16.36 -26.90
C LYS A 116 -0.75 -16.51 -28.38
N GLY A 117 0.08 -17.09 -29.22
CA GLY A 117 -0.36 -17.19 -30.66
C GLY A 117 -0.14 -15.85 -31.41
N ILE A 118 0.85 -15.06 -30.94
CA ILE A 118 1.21 -13.73 -31.60
C ILE A 118 2.42 -14.03 -32.52
N ASP A 119 2.34 -13.57 -33.77
CA ASP A 119 3.42 -13.80 -34.76
C ASP A 119 4.40 -12.68 -34.82
N VAL A 120 3.95 -11.45 -34.51
CA VAL A 120 4.87 -10.29 -34.68
C VAL A 120 4.71 -9.42 -33.40
N GLN A 121 5.86 -9.16 -32.74
CA GLN A 121 5.87 -8.22 -31.60
C GLN A 121 6.15 -6.81 -32.17
N LEU A 122 5.30 -5.87 -31.81
CA LEU A 122 5.54 -4.47 -32.17
C LEU A 122 6.62 -3.80 -31.32
N GLY A 123 7.86 -4.21 -31.47
CA GLY A 123 8.98 -3.59 -30.77
C GLY A 123 10.18 -4.46 -31.12
N PRO A 124 11.39 -4.04 -30.74
CA PRO A 124 11.59 -2.92 -29.80
C PRO A 124 11.72 -1.59 -30.56
N ALA A 125 12.04 -0.53 -29.84
CA ALA A 125 11.97 0.90 -30.34
C ALA A 125 13.33 1.54 -30.24
N ALA A 126 13.70 2.25 -31.33
CA ALA A 126 14.91 3.11 -31.25
C ALA A 126 14.55 4.50 -31.90
N GLY A 127 13.26 4.71 -32.13
CA GLY A 127 12.77 5.96 -32.73
C GLY A 127 11.44 6.21 -32.01
N PRO A 128 11.37 7.29 -31.18
CA PRO A 128 12.35 8.38 -31.01
C PRO A 128 13.67 7.86 -30.42
N LEU A 129 14.75 8.42 -30.91
CA LEU A 129 16.05 8.18 -30.35
C LEU A 129 16.10 8.98 -29.07
N GLY A 130 15.56 10.21 -29.06
CA GLY A 130 15.56 11.05 -27.84
C GLY A 130 16.20 12.44 -28.06
N ARG A 131 15.88 13.06 -29.16
CA ARG A 131 16.25 14.46 -29.46
C ARG A 131 15.99 15.40 -28.28
N SER A 132 14.86 15.24 -27.59
CA SER A 132 14.48 16.26 -26.57
C SER A 132 14.20 15.49 -25.25
N PRO A 133 14.64 16.04 -24.14
CA PRO A 133 14.51 15.19 -22.91
C PRO A 133 13.05 15.05 -22.49
N ASP A 134 12.17 15.98 -22.89
CA ASP A 134 10.75 16.00 -22.66
C ASP A 134 9.90 15.28 -23.69
N GLY A 135 10.51 14.62 -24.69
CA GLY A 135 9.72 13.91 -25.70
C GLY A 135 8.85 12.78 -25.00
N GLY A 136 7.58 12.64 -25.38
CA GLY A 136 6.70 11.76 -24.60
C GLY A 136 7.04 10.25 -24.69
N ARG A 137 7.85 9.83 -25.67
CA ARG A 137 8.03 8.33 -25.83
C ARG A 137 9.47 7.89 -25.80
N ASN A 138 10.39 8.72 -25.32
CA ASN A 138 11.77 8.35 -25.38
C ASN A 138 11.99 7.05 -24.58
N TRP A 139 11.26 6.97 -23.45
CA TRP A 139 11.41 5.88 -22.49
C TRP A 139 11.14 4.48 -23.13
N GLU A 140 10.40 4.42 -24.24
CA GLU A 140 10.09 3.10 -24.90
C GLU A 140 11.31 2.57 -25.59
N GLY A 141 12.20 3.52 -25.96
CA GLY A 141 13.42 3.19 -26.76
C GLY A 141 14.57 2.94 -25.78
N PHE A 142 15.76 3.51 -26.05
CA PHE A 142 16.89 3.22 -25.24
C PHE A 142 17.58 4.47 -24.76
N SER A 143 18.40 5.06 -25.62
CA SER A 143 19.21 6.20 -25.19
C SER A 143 19.32 7.22 -26.37
N PRO A 144 19.58 8.50 -26.09
CA PRO A 144 19.86 9.48 -27.19
C PRO A 144 21.25 9.18 -27.80
N ASP A 145 21.99 8.23 -27.28
CA ASP A 145 23.29 7.91 -27.92
C ASP A 145 23.06 6.77 -28.94
N PRO A 146 23.44 6.98 -30.25
CA PRO A 146 23.17 5.91 -31.21
C PRO A 146 24.00 4.62 -31.03
N ALA A 147 25.25 4.66 -30.51
CA ALA A 147 26.02 3.39 -30.35
C ALA A 147 25.36 2.47 -29.28
N LEU A 148 25.06 3.10 -28.16
CA LEU A 148 24.42 2.34 -27.00
C LEU A 148 23.07 1.86 -27.46
N THR A 149 22.28 2.73 -28.05
CA THR A 149 21.00 2.27 -28.48
C THR A 149 21.07 1.16 -29.51
N GLY A 150 21.86 1.37 -30.56
CA GLY A 150 21.89 0.34 -31.67
C GLY A 150 22.27 -1.05 -31.16
N VAL A 151 23.22 -1.12 -30.26
CA VAL A 151 23.66 -2.43 -29.80
C VAL A 151 22.55 -3.09 -28.97
N LEU A 152 21.94 -2.32 -28.05
CA LEU A 152 20.93 -2.99 -27.19
C LEU A 152 19.62 -3.25 -27.94
N PHE A 153 19.35 -2.41 -28.92
CA PHE A 153 18.22 -2.58 -29.85
C PHE A 153 18.41 -3.92 -30.59
N ALA A 154 19.59 -4.08 -31.17
CA ALA A 154 19.93 -5.33 -31.90
C ALA A 154 19.83 -6.57 -31.01
N GLU A 155 20.37 -6.49 -29.79
CA GLU A 155 20.34 -7.65 -28.87
C GLU A 155 18.87 -7.97 -28.56
N THR A 156 18.04 -6.93 -28.35
CA THR A 156 16.65 -7.19 -28.01
C THR A 156 15.93 -7.92 -29.17
N ILE A 157 16.19 -7.42 -30.40
CA ILE A 157 15.66 -8.07 -31.59
C ILE A 157 16.08 -9.56 -31.64
N LYS A 158 17.36 -9.81 -31.47
CA LYS A 158 17.84 -11.22 -31.61
C LYS A 158 17.15 -12.11 -30.56
N GLY A 159 17.01 -11.57 -29.34
CA GLY A 159 16.28 -12.36 -28.29
C GLY A 159 14.85 -12.72 -28.66
N ILE A 160 14.10 -11.73 -29.18
CA ILE A 160 12.69 -11.98 -29.61
C ILE A 160 12.67 -12.97 -30.77
N GLN A 161 13.49 -12.72 -31.80
CA GLN A 161 13.39 -13.57 -33.02
C GLN A 161 13.96 -14.95 -32.77
N ASP A 162 14.98 -15.06 -31.94
CA ASP A 162 15.48 -16.45 -31.56
C ASP A 162 14.39 -17.25 -30.86
N ALA A 163 13.46 -16.54 -30.22
CA ALA A 163 12.31 -17.19 -29.56
C ALA A 163 11.13 -17.42 -30.52
N GLY A 164 11.34 -17.13 -31.81
CA GLY A 164 10.34 -17.51 -32.83
C GLY A 164 9.26 -16.49 -33.07
N VAL A 165 9.51 -15.21 -32.76
CA VAL A 165 8.46 -14.15 -33.05
C VAL A 165 9.13 -13.07 -33.94
N VAL A 166 8.46 -12.50 -34.97
CA VAL A 166 9.12 -11.47 -35.75
C VAL A 166 9.19 -10.20 -34.88
N ALA A 167 10.35 -9.53 -34.79
CA ALA A 167 10.41 -8.21 -34.04
C ALA A 167 10.12 -7.13 -35.06
N THR A 168 9.68 -5.99 -34.56
CA THR A 168 9.39 -4.83 -35.42
C THR A 168 10.22 -3.69 -34.87
N ALA A 169 11.22 -3.31 -35.67
CA ALA A 169 12.02 -2.13 -35.32
C ALA A 169 11.20 -0.84 -35.59
N LYS A 170 10.93 0.01 -34.58
CA LYS A 170 10.03 1.17 -34.76
C LYS A 170 10.66 2.34 -33.98
N HIS A 171 10.18 3.57 -34.15
CA HIS A 171 9.26 3.99 -35.26
C HIS A 171 10.22 4.68 -36.29
N TYR A 172 10.10 4.25 -37.55
CA TYR A 172 11.06 4.64 -38.55
C TYR A 172 10.43 5.82 -39.38
N ILE A 173 10.77 7.13 -39.17
CA ILE A 173 11.95 7.61 -38.49
C ILE A 173 11.69 9.07 -38.16
N LEU A 174 12.35 9.55 -37.09
CA LEU A 174 12.33 10.95 -36.73
C LEU A 174 11.03 11.34 -36.06
N ASN A 175 10.36 10.38 -35.42
CA ASN A 175 9.17 10.72 -34.68
C ASN A 175 9.60 11.16 -33.22
N GLU A 176 10.25 12.31 -33.15
CA GLU A 176 10.99 12.68 -31.88
C GLU A 176 10.10 13.49 -30.90
N GLN A 177 8.84 13.72 -31.26
CA GLN A 177 7.91 14.32 -30.30
C GLN A 177 6.46 13.91 -30.54
N GLU A 178 5.63 14.02 -29.50
CA GLU A 178 4.20 13.62 -29.67
C GLU A 178 3.33 14.76 -30.20
N HIS A 179 3.65 16.01 -29.85
CA HIS A 179 2.74 17.11 -30.28
C HIS A 179 2.72 17.17 -31.81
N PHE A 180 1.49 17.18 -32.34
CA PHE A 180 1.19 17.41 -33.82
C PHE A 180 1.58 16.15 -34.60
N ARG A 181 1.69 14.99 -33.91
CA ARG A 181 2.09 13.77 -34.66
C ARG A 181 0.95 13.21 -35.51
N GLN A 182 -0.32 13.48 -35.12
CA GLN A 182 -1.53 13.03 -35.93
C GLN A 182 -2.51 14.20 -35.99
N VAL A 183 -3.07 14.42 -37.17
CA VAL A 183 -4.03 15.51 -37.37
C VAL A 183 -5.27 15.42 -36.44
N ALA A 184 -5.95 14.27 -36.31
CA ALA A 184 -7.18 14.26 -35.47
C ALA A 184 -6.85 14.35 -34.02
N GLU A 185 -5.71 13.76 -33.62
CA GLU A 185 -5.22 14.04 -32.24
C GLU A 185 -4.97 15.54 -31.95
N ALA A 186 -4.30 16.20 -32.89
CA ALA A 186 -4.04 17.61 -32.70
C ALA A 186 -5.42 18.43 -32.55
N ALA A 187 -6.38 18.09 -33.40
CA ALA A 187 -7.73 18.72 -33.42
C ALA A 187 -8.37 18.50 -32.03
N GLY A 188 -8.27 17.27 -31.47
CA GLY A 188 -8.75 16.97 -30.09
C GLY A 188 -8.20 17.89 -29.01
N TYR A 189 -6.98 18.36 -29.22
CA TYR A 189 -6.25 19.20 -28.29
C TYR A 189 -6.39 20.68 -28.68
N GLY A 190 -7.20 20.91 -29.70
CA GLY A 190 -7.56 22.32 -30.11
C GLY A 190 -6.67 22.91 -31.17
N PHE A 191 -5.90 22.10 -31.88
CA PHE A 191 -4.96 22.66 -32.85
C PHE A 191 -5.48 22.23 -34.26
N ASN A 192 -5.53 23.16 -35.21
CA ASN A 192 -5.98 22.87 -36.55
C ASN A 192 -4.79 22.78 -37.51
N ILE A 193 -4.44 21.56 -37.96
CA ILE A 193 -3.32 21.45 -38.89
C ILE A 193 -3.79 20.55 -40.01
N SER A 194 -3.24 20.78 -41.23
CA SER A 194 -3.73 19.97 -42.33
C SER A 194 -2.99 18.65 -42.46
N ASP A 195 -1.80 18.60 -41.91
CA ASP A 195 -0.92 17.40 -42.11
C ASP A 195 -0.03 17.35 -40.85
N THR A 196 0.64 16.20 -40.62
CA THR A 196 1.36 16.07 -39.39
C THR A 196 2.71 16.74 -39.41
N ILE A 197 3.25 16.95 -38.21
CA ILE A 197 4.56 17.60 -37.99
C ILE A 197 5.61 16.99 -38.91
N SER A 198 6.43 17.85 -39.45
CA SER A 198 7.48 17.46 -40.35
C SER A 198 8.83 17.56 -39.68
N SER A 199 9.51 16.45 -39.52
CA SER A 199 10.90 16.50 -39.05
C SER A 199 11.80 16.82 -40.25
N ASN A 200 12.53 17.92 -40.12
CA ASN A 200 13.41 18.32 -41.24
C ASN A 200 14.80 18.17 -40.80
N VAL A 201 15.56 17.26 -41.42
CA VAL A 201 16.89 16.93 -40.89
C VAL A 201 17.87 16.73 -42.09
N ASP A 202 19.12 17.11 -41.85
CA ASP A 202 20.15 17.08 -42.92
C ASP A 202 20.65 15.60 -43.08
N ASP A 203 21.33 15.30 -44.22
CA ASP A 203 21.62 13.94 -44.56
C ASP A 203 22.72 13.39 -43.65
N LYS A 204 23.72 14.21 -43.27
CA LYS A 204 24.82 13.69 -42.44
C LYS A 204 24.16 13.33 -41.00
N THR A 205 23.33 14.22 -40.47
CA THR A 205 22.77 13.95 -39.07
C THR A 205 21.91 12.70 -39.13
N ILE A 206 21.06 12.48 -40.14
CA ILE A 206 20.24 11.35 -40.09
C ILE A 206 21.14 10.12 -40.13
N HIS A 207 22.23 10.13 -40.94
CA HIS A 207 23.11 8.96 -40.98
C HIS A 207 23.85 8.73 -39.66
N GLU A 208 24.33 9.79 -39.03
CA GLU A 208 25.22 9.58 -37.89
C GLU A 208 24.40 9.38 -36.59
N MET A 209 23.12 9.78 -36.61
CA MET A 209 22.34 9.71 -35.34
C MET A 209 21.16 8.78 -35.53
N TYR A 210 20.08 9.27 -36.13
CA TYR A 210 18.78 8.59 -36.05
C TYR A 210 18.74 7.26 -36.85
N LEU A 211 19.47 7.18 -37.96
CA LEU A 211 19.42 6.00 -38.73
C LEU A 211 20.32 4.84 -38.18
N TRP A 212 21.34 5.21 -37.43
CA TRP A 212 22.34 4.28 -36.99
C TRP A 212 21.80 3.06 -36.29
N PRO A 213 20.91 3.24 -35.34
CA PRO A 213 20.39 2.02 -34.65
C PRO A 213 19.57 1.19 -35.59
N PHE A 214 18.95 1.84 -36.56
CA PHE A 214 18.24 1.05 -37.58
C PHE A 214 19.17 0.20 -38.45
N ALA A 215 20.35 0.75 -38.77
CA ALA A 215 21.33 -0.08 -39.50
C ALA A 215 21.67 -1.34 -38.61
N ASP A 216 21.88 -1.12 -37.30
CA ASP A 216 22.24 -2.27 -36.41
C ASP A 216 21.06 -3.25 -36.42
N ALA A 217 19.81 -2.74 -36.39
CA ALA A 217 18.59 -3.62 -36.35
C ALA A 217 18.53 -4.46 -37.65
N VAL A 218 18.72 -3.79 -38.77
CA VAL A 218 18.73 -4.52 -40.04
C VAL A 218 19.82 -5.61 -40.03
N ARG A 219 21.03 -5.22 -39.62
CA ARG A 219 22.17 -6.17 -39.68
C ARG A 219 21.95 -7.34 -38.73
N ALA A 220 21.28 -7.02 -37.58
CA ALA A 220 20.93 -8.12 -36.62
C ALA A 220 19.81 -9.07 -37.12
N GLY A 221 19.18 -8.76 -38.24
CA GLY A 221 18.24 -9.64 -38.89
C GLY A 221 16.80 -9.34 -38.56
N VAL A 222 16.47 -8.08 -38.13
CA VAL A 222 15.10 -7.74 -37.78
C VAL A 222 14.14 -8.06 -38.93
N GLY A 223 12.96 -8.63 -38.65
CA GLY A 223 12.04 -9.01 -39.76
C GLY A 223 11.20 -7.89 -40.27
N ALA A 224 10.80 -6.97 -39.40
CA ALA A 224 9.89 -5.92 -39.75
C ALA A 224 10.32 -4.55 -39.24
N ILE A 225 9.87 -3.52 -39.97
CA ILE A 225 10.10 -2.14 -39.58
C ILE A 225 8.73 -1.47 -39.58
N MET A 226 8.49 -0.52 -38.63
CA MET A 226 7.22 0.19 -38.61
C MET A 226 7.53 1.66 -38.90
N CYS A 227 6.96 2.20 -40.00
CA CYS A 227 7.25 3.57 -40.41
C CYS A 227 6.35 4.50 -39.57
N SER A 228 6.66 5.78 -39.52
CA SER A 228 6.16 6.64 -38.44
C SER A 228 5.05 7.66 -38.91
N TYR A 229 4.38 8.23 -37.92
CA TYR A 229 3.27 9.19 -38.10
C TYR A 229 3.77 10.52 -38.65
N ASN A 230 4.96 10.95 -38.22
CA ASN A 230 5.39 12.27 -38.67
C ASN A 230 5.74 12.26 -40.19
N GLN A 231 5.90 13.46 -40.74
CA GLN A 231 6.55 13.55 -42.08
C GLN A 231 8.01 13.75 -41.87
N ILE A 232 8.79 13.54 -42.94
CA ILE A 232 10.22 13.86 -42.94
C ILE A 232 10.38 14.77 -44.17
N ASN A 233 10.82 15.98 -43.92
CA ASN A 233 10.87 16.97 -45.06
C ASN A 233 9.57 16.96 -45.80
N ASN A 234 8.47 16.96 -45.07
CA ASN A 234 7.16 17.11 -45.71
C ASN A 234 6.76 15.98 -46.66
N SER A 235 7.16 14.76 -46.34
CA SER A 235 6.67 13.57 -46.98
C SER A 235 6.46 12.59 -45.83
N TYR A 236 5.22 12.08 -45.72
CA TYR A 236 4.79 11.19 -44.59
C TYR A 236 5.72 9.99 -44.46
N GLY A 237 6.00 9.62 -43.19
CA GLY A 237 6.90 8.56 -43.01
C GLY A 237 6.47 7.23 -43.66
N CYS A 238 5.21 7.00 -43.84
CA CYS A 238 4.79 5.74 -44.47
C CYS A 238 4.59 5.82 -46.03
N GLN A 239 5.20 6.86 -46.56
CA GLN A 239 5.27 6.92 -48.07
C GLN A 239 6.46 7.81 -48.43
N ASN A 240 7.52 7.75 -47.62
CA ASN A 240 8.65 8.63 -47.88
C ASN A 240 9.64 7.75 -48.65
N SER A 241 9.72 8.02 -49.98
CA SER A 241 10.58 7.13 -50.79
C SER A 241 12.05 7.32 -50.39
N TYR A 242 12.46 8.49 -49.91
CA TYR A 242 13.85 8.65 -49.59
C TYR A 242 14.19 7.75 -48.31
N THR A 243 13.37 7.85 -47.26
CA THR A 243 13.78 7.09 -46.06
C THR A 243 13.47 5.62 -46.30
N LEU A 244 12.35 5.26 -46.99
CA LEU A 244 12.05 3.87 -47.15
C LEU A 244 12.79 3.17 -48.27
N ASN A 245 12.65 3.73 -49.49
CA ASN A 245 13.44 3.14 -50.61
C ASN A 245 14.89 3.37 -50.61
N LYS A 246 15.31 4.62 -50.41
CA LYS A 246 16.74 4.80 -50.48
C LYS A 246 17.50 4.38 -49.18
N LEU A 247 17.15 5.00 -48.03
CA LEU A 247 18.02 4.72 -46.87
C LEU A 247 17.79 3.27 -46.37
N LEU A 248 16.53 2.86 -46.24
CA LEU A 248 16.32 1.58 -45.51
C LEU A 248 16.54 0.45 -46.43
N LYS A 249 15.92 0.49 -47.65
CA LYS A 249 15.95 -0.68 -48.56
C LYS A 249 17.22 -0.68 -49.43
N ALA A 250 17.60 0.42 -50.05
CA ALA A 250 18.80 0.34 -50.96
C ALA A 250 20.09 0.49 -50.17
N GLU A 251 20.16 1.44 -49.23
CA GLU A 251 21.42 1.62 -48.56
C GLU A 251 21.65 0.56 -47.42
N LEU A 252 20.67 0.42 -46.50
CA LEU A 252 20.81 -0.54 -45.37
C LEU A 252 20.53 -1.96 -45.88
N GLY A 253 19.95 -2.08 -47.10
CA GLY A 253 19.77 -3.44 -47.63
C GLY A 253 18.66 -4.25 -46.88
N PHE A 254 17.68 -3.57 -46.26
CA PHE A 254 16.65 -4.28 -45.51
C PHE A 254 15.89 -5.24 -46.38
N GLN A 255 15.77 -6.51 -45.91
CA GLN A 255 15.11 -7.55 -46.72
C GLN A 255 13.71 -7.93 -46.18
N GLY A 256 13.34 -7.37 -45.01
CA GLY A 256 12.06 -7.70 -44.45
C GLY A 256 10.95 -6.74 -44.93
N PHE A 257 9.93 -6.60 -44.11
CA PHE A 257 8.80 -5.78 -44.49
C PHE A 257 8.54 -4.54 -43.68
N VAL A 258 7.94 -3.51 -44.32
CA VAL A 258 7.67 -2.25 -43.62
C VAL A 258 6.19 -2.15 -43.41
N MET A 259 5.75 -2.01 -42.12
CA MET A 259 4.31 -1.85 -41.82
C MET A 259 4.07 -0.44 -41.38
N SER A 260 2.83 0.06 -41.58
CA SER A 260 2.53 1.44 -41.13
C SER A 260 2.30 1.43 -39.62
N ASP A 261 2.57 2.59 -39.02
CA ASP A 261 1.94 2.83 -37.73
C ASP A 261 0.43 2.94 -37.92
N TRP A 262 -0.32 2.85 -36.82
CA TRP A 262 -1.73 2.69 -36.86
C TRP A 262 -2.43 4.01 -37.17
N GLY A 263 -2.85 4.17 -38.42
CA GLY A 263 -3.39 5.49 -38.92
C GLY A 263 -2.29 6.25 -39.66
N ALA A 264 -1.09 5.66 -39.86
CA ALA A 264 0.01 6.38 -40.50
C ALA A 264 -0.06 6.11 -42.03
N HIS A 265 -0.99 5.26 -42.47
CA HIS A 265 -1.08 4.98 -43.92
C HIS A 265 -1.91 6.16 -44.55
N HIS A 266 -1.39 6.77 -45.65
CA HIS A 266 -2.09 7.94 -46.18
C HIS A 266 -2.35 7.90 -47.71
N SER A 267 -2.04 6.78 -48.34
CA SER A 267 -2.36 6.69 -49.78
C SER A 267 -2.19 5.25 -50.19
N GLY A 268 -2.82 4.82 -51.31
CA GLY A 268 -2.67 3.42 -51.76
C GLY A 268 -1.45 3.33 -52.66
N VAL A 269 -1.63 3.89 -53.86
CA VAL A 269 -0.58 3.80 -54.83
C VAL A 269 0.70 4.47 -54.35
N GLY A 270 0.59 5.67 -53.76
CA GLY A 270 1.81 6.38 -53.48
C GLY A 270 2.64 5.63 -52.42
N SER A 271 1.96 5.05 -51.44
CA SER A 271 2.71 4.36 -50.36
C SER A 271 3.35 3.05 -50.90
N ALA A 272 2.64 2.32 -51.77
CA ALA A 272 3.14 1.04 -52.31
C ALA A 272 4.42 1.29 -53.12
N LEU A 273 4.35 2.33 -53.99
CA LEU A 273 5.56 2.71 -54.79
C LEU A 273 6.72 3.28 -54.00
N ALA A 274 6.41 3.86 -52.84
CA ALA A 274 7.42 4.52 -52.00
C ALA A 274 8.03 3.57 -50.93
N GLY A 275 7.60 2.29 -50.93
CA GLY A 275 8.34 1.27 -50.18
C GLY A 275 7.53 0.70 -48.99
N LEU A 276 6.26 1.11 -48.81
CA LEU A 276 5.40 0.43 -47.78
C LEU A 276 5.08 -1.01 -48.18
N ASP A 277 5.03 -1.94 -47.21
CA ASP A 277 4.68 -3.36 -47.50
C ASP A 277 3.45 -3.85 -46.78
N MET A 278 2.97 -3.13 -45.70
CA MET A 278 1.85 -3.67 -44.91
C MET A 278 1.07 -2.51 -44.27
N SER A 279 -0.25 -2.51 -44.41
CA SER A 279 -1.10 -1.40 -43.93
C SER A 279 -1.78 -1.85 -42.61
N MET A 280 -1.55 -1.12 -41.54
CA MET A 280 -2.14 -1.50 -40.20
C MET A 280 -2.89 -0.30 -39.65
N PRO A 281 -4.09 -0.49 -39.05
CA PRO A 281 -4.72 -1.82 -38.83
C PRO A 281 -5.49 -2.27 -40.10
N GLY A 282 -5.36 -1.51 -41.19
CA GLY A 282 -5.84 -2.01 -42.50
C GLY A 282 -6.82 -1.04 -43.14
N ASP A 283 -7.58 -0.33 -42.34
CA ASP A 283 -8.57 0.63 -42.84
C ASP A 283 -7.97 2.04 -42.93
N ILE A 284 -8.72 2.99 -43.49
CA ILE A 284 -8.21 4.34 -43.64
C ILE A 284 -8.30 5.10 -42.31
N THR A 285 -9.46 5.01 -41.66
CA THR A 285 -9.54 5.48 -40.25
C THR A 285 -10.20 4.27 -39.56
N PHE A 286 -10.12 4.19 -38.20
CA PHE A 286 -10.61 3.01 -37.57
C PHE A 286 -12.09 2.72 -37.87
N ASP A 287 -12.35 1.53 -38.38
CA ASP A 287 -13.70 1.06 -38.68
C ASP A 287 -14.37 1.89 -39.74
N SER A 288 -13.56 2.40 -40.67
CA SER A 288 -14.17 3.17 -41.79
C SER A 288 -14.78 2.25 -42.83
N ALA A 289 -14.46 0.96 -42.80
CA ALA A 289 -14.87 -0.01 -43.77
C ALA A 289 -14.25 0.32 -45.18
N THR A 290 -13.21 1.14 -45.19
CA THR A 290 -12.49 1.48 -46.43
C THR A 290 -11.00 1.21 -46.15
N SER A 291 -10.21 1.05 -47.21
CA SER A 291 -8.76 0.84 -47.05
C SER A 291 -8.06 1.45 -48.19
N PHE A 292 -6.83 1.92 -47.98
CA PHE A 292 -6.07 2.43 -49.13
C PHE A 292 -5.60 1.25 -49.93
N TRP A 293 -5.53 0.09 -49.30
CA TRP A 293 -5.10 -1.11 -49.94
C TRP A 293 -6.26 -2.11 -49.99
N GLY A 294 -6.06 -3.35 -49.64
CA GLY A 294 -7.22 -4.23 -49.73
C GLY A 294 -7.69 -4.19 -51.20
N THR A 295 -9.02 -4.22 -51.37
CA THR A 295 -9.65 -3.97 -52.72
C THR A 295 -8.91 -2.94 -53.61
N ASN A 296 -8.54 -1.77 -53.05
CA ASN A 296 -7.77 -0.79 -53.86
C ASN A 296 -6.44 -1.26 -54.38
N LEU A 297 -5.70 -2.02 -53.58
CA LEU A 297 -4.43 -2.50 -54.07
C LEU A 297 -4.61 -3.59 -55.17
N THR A 298 -5.50 -4.52 -54.96
CA THR A 298 -5.90 -5.49 -56.06
C THR A 298 -6.22 -4.71 -57.38
N ILE A 299 -6.96 -3.64 -57.26
CA ILE A 299 -7.36 -2.74 -58.42
C ILE A 299 -6.16 -2.06 -58.97
N ALA A 300 -5.26 -1.59 -58.10
CA ALA A 300 -4.10 -0.84 -58.61
C ALA A 300 -3.14 -1.75 -59.42
N VAL A 301 -3.12 -3.05 -59.14
CA VAL A 301 -2.30 -3.99 -59.91
C VAL A 301 -3.08 -4.25 -61.24
N LEU A 302 -4.37 -4.52 -61.13
CA LEU A 302 -5.23 -4.90 -62.30
C LEU A 302 -5.22 -3.78 -63.31
N ASN A 303 -5.23 -2.54 -62.86
CA ASN A 303 -5.26 -1.42 -63.85
C ASN A 303 -3.90 -0.93 -64.31
N GLY A 304 -2.82 -1.58 -63.85
CA GLY A 304 -1.49 -1.31 -64.33
C GLY A 304 -0.73 -0.26 -63.59
N THR A 305 -1.34 0.31 -62.53
CA THR A 305 -0.68 1.46 -61.90
C THR A 305 0.44 1.02 -60.97
N VAL A 306 0.16 -0.01 -60.15
CA VAL A 306 1.25 -0.62 -59.27
C VAL A 306 1.70 -1.93 -60.02
N PRO A 307 2.97 -2.02 -60.40
CA PRO A 307 3.46 -3.17 -61.11
C PRO A 307 3.30 -4.40 -60.26
N GLN A 308 3.00 -5.51 -60.92
CA GLN A 308 2.91 -6.76 -60.20
C GLN A 308 4.21 -7.01 -59.36
N TRP A 309 5.41 -6.70 -59.86
CA TRP A 309 6.63 -7.02 -59.13
C TRP A 309 6.64 -6.32 -57.73
N ARG A 310 5.94 -5.19 -57.62
CA ARG A 310 5.99 -4.46 -56.32
C ARG A 310 5.12 -5.22 -55.34
N VAL A 311 3.89 -5.57 -55.73
CA VAL A 311 3.03 -6.35 -54.82
C VAL A 311 3.63 -7.71 -54.53
N ASP A 312 4.23 -8.36 -55.54
CA ASP A 312 4.89 -9.63 -55.23
C ASP A 312 6.03 -9.49 -54.25
N ASP A 313 6.80 -8.40 -54.36
CA ASP A 313 7.90 -8.10 -53.43
C ASP A 313 7.34 -7.85 -51.96
N MET A 314 6.20 -7.20 -51.85
CA MET A 314 5.62 -6.96 -50.47
C MET A 314 5.36 -8.37 -49.89
N ALA A 315 4.65 -9.23 -50.64
CA ALA A 315 4.35 -10.60 -50.17
C ALA A 315 5.60 -11.41 -49.84
N VAL A 316 6.63 -11.30 -50.65
CA VAL A 316 7.89 -12.06 -50.41
C VAL A 316 8.61 -11.55 -49.13
N ARG A 317 8.62 -10.21 -48.92
CA ARG A 317 9.30 -9.68 -47.73
C ARG A 317 8.52 -10.13 -46.44
N ILE A 318 7.18 -10.11 -46.54
CA ILE A 318 6.35 -10.52 -45.37
C ILE A 318 6.51 -12.03 -45.11
N MET A 319 6.40 -12.89 -46.13
CA MET A 319 6.65 -14.31 -45.85
C MET A 319 8.09 -14.66 -45.47
N ALA A 320 9.05 -13.93 -46.01
CA ALA A 320 10.44 -14.21 -45.71
C ALA A 320 10.68 -13.89 -44.22
N ALA A 321 10.09 -12.81 -43.72
CA ALA A 321 10.34 -12.50 -42.29
C ALA A 321 9.67 -13.59 -41.43
N TYR A 322 8.45 -13.99 -41.80
CA TYR A 322 7.74 -15.01 -41.06
C TYR A 322 8.54 -16.31 -41.02
N TYR A 323 9.05 -16.79 -42.20
CA TYR A 323 9.93 -18.00 -42.16
C TYR A 323 11.27 -17.85 -41.51
N LYS A 324 11.88 -16.66 -41.61
CA LYS A 324 13.18 -16.41 -41.08
C LYS A 324 13.25 -16.70 -39.55
N VAL A 325 12.20 -16.37 -38.87
CA VAL A 325 12.17 -16.64 -37.41
C VAL A 325 11.54 -17.98 -37.14
N GLY A 326 11.15 -18.75 -38.22
CA GLY A 326 10.43 -20.03 -37.97
C GLY A 326 9.03 -19.96 -37.41
N ARG A 327 8.30 -18.89 -37.66
CA ARG A 327 6.98 -18.77 -37.13
C ARG A 327 6.04 -19.88 -37.59
N ASP A 328 6.27 -20.37 -38.84
CA ASP A 328 5.39 -21.45 -39.37
C ASP A 328 5.48 -22.67 -38.46
N ARG A 329 6.60 -22.87 -37.78
CA ARG A 329 6.74 -24.05 -36.91
C ARG A 329 6.08 -23.92 -35.52
N LEU A 330 5.69 -22.70 -35.14
CA LEU A 330 5.10 -22.40 -33.83
C LEU A 330 3.69 -21.89 -33.98
N TYR A 331 3.16 -21.87 -35.19
CA TYR A 331 1.93 -21.15 -35.45
C TYR A 331 0.75 -21.69 -34.69
N GLN A 332 -0.01 -20.82 -34.03
CA GLN A 332 -1.36 -21.12 -33.52
C GLN A 332 -2.19 -19.86 -33.57
N PRO A 333 -3.52 -19.91 -33.79
CA PRO A 333 -4.27 -18.64 -33.77
C PRO A 333 -4.11 -17.94 -32.38
N PRO A 334 -4.30 -16.63 -32.38
CA PRO A 334 -4.12 -15.89 -31.11
C PRO A 334 -5.14 -16.50 -30.15
N ASN A 335 -4.68 -16.81 -28.92
CA ASN A 335 -5.58 -17.57 -27.99
C ASN A 335 -6.12 -16.60 -26.91
N PHE A 336 -6.13 -15.30 -27.22
CA PHE A 336 -6.76 -14.30 -26.37
C PHE A 336 -7.40 -13.25 -27.30
N SER A 337 -8.13 -12.30 -26.73
CA SER A 337 -8.62 -11.16 -27.47
C SER A 337 -8.09 -9.88 -26.87
N SER A 338 -7.64 -8.95 -27.70
CA SER A 338 -7.23 -7.60 -27.17
C SER A 338 -8.41 -6.81 -26.63
N TRP A 339 -9.67 -7.18 -26.96
CA TRP A 339 -10.77 -6.27 -26.82
C TRP A 339 -11.78 -6.61 -25.73
N THR A 340 -11.61 -7.80 -25.21
CA THR A 340 -12.44 -8.20 -24.08
C THR A 340 -11.66 -9.25 -23.31
N ARG A 341 -11.96 -9.37 -21.96
CA ARG A 341 -11.39 -10.48 -21.25
C ARG A 341 -12.37 -11.61 -21.04
N ASP A 342 -13.57 -11.49 -21.63
CA ASP A 342 -14.57 -12.63 -21.49
C ASP A 342 -14.07 -13.91 -22.12
N GLU A 343 -14.50 -15.05 -21.57
CA GLU A 343 -14.09 -16.30 -22.15
C GLU A 343 -14.68 -16.48 -23.60
N TYR A 344 -15.98 -16.18 -23.69
CA TYR A 344 -16.72 -16.34 -24.96
C TYR A 344 -17.12 -15.03 -25.53
N GLY A 345 -17.26 -14.96 -26.88
CA GLY A 345 -17.83 -13.73 -27.41
C GLY A 345 -18.01 -13.96 -28.94
N PHE A 346 -18.56 -12.97 -29.61
CA PHE A 346 -18.59 -13.02 -31.09
C PHE A 346 -17.19 -12.92 -31.66
N LYS A 347 -16.90 -13.72 -32.69
CA LYS A 347 -15.55 -13.85 -33.24
C LYS A 347 -14.97 -12.51 -33.74
N TYR A 348 -15.86 -11.62 -34.26
CA TYR A 348 -15.40 -10.35 -34.84
C TYR A 348 -15.93 -9.29 -33.94
N PHE A 349 -14.99 -8.75 -33.13
CA PHE A 349 -15.41 -7.96 -32.00
C PHE A 349 -16.16 -6.66 -32.32
N TYR A 350 -15.61 -5.80 -33.19
CA TYR A 350 -16.15 -4.49 -33.32
C TYR A 350 -17.67 -4.56 -33.76
N PRO A 351 -17.99 -5.34 -34.81
CA PRO A 351 -19.41 -5.32 -35.23
C PRO A 351 -20.23 -6.37 -34.48
N GLN A 352 -19.60 -7.18 -33.59
CA GLN A 352 -20.28 -8.24 -32.84
C GLN A 352 -20.96 -9.24 -33.77
N GLU A 353 -20.17 -9.75 -34.69
CA GLU A 353 -20.63 -10.67 -35.73
C GLU A 353 -19.75 -11.89 -35.74
N GLY A 354 -20.12 -12.86 -36.60
CA GLY A 354 -19.42 -14.05 -36.74
C GLY A 354 -19.92 -15.10 -35.73
N PRO A 355 -19.31 -16.29 -35.72
CA PRO A 355 -19.73 -17.30 -34.77
C PRO A 355 -19.51 -16.82 -33.33
N TYR A 356 -20.38 -17.23 -32.43
CA TYR A 356 -20.18 -17.05 -30.95
C TYR A 356 -19.37 -18.21 -30.41
N GLU A 357 -18.16 -17.97 -29.87
CA GLU A 357 -17.28 -19.07 -29.59
C GLU A 357 -16.27 -18.54 -28.51
N LYS A 358 -15.35 -19.41 -28.17
CA LYS A 358 -14.31 -19.01 -27.20
C LYS A 358 -13.39 -17.99 -27.85
N VAL A 359 -13.19 -16.92 -27.13
CA VAL A 359 -12.27 -15.85 -27.64
C VAL A 359 -11.05 -15.69 -26.66
N ASN A 360 -11.20 -16.14 -25.40
CA ASN A 360 -10.01 -16.15 -24.47
C ASN A 360 -9.78 -17.51 -23.90
N HIS A 361 -8.48 -17.94 -23.83
CA HIS A 361 -8.16 -19.20 -23.24
C HIS A 361 -7.36 -19.02 -21.95
N PHE A 362 -7.11 -17.78 -21.55
CA PHE A 362 -6.48 -17.49 -20.19
C PHE A 362 -5.20 -18.24 -20.01
N VAL A 363 -4.38 -18.28 -21.08
CA VAL A 363 -3.17 -19.06 -21.05
C VAL A 363 -2.10 -18.29 -20.22
N ASN A 364 -1.59 -18.94 -19.18
CA ASN A 364 -0.53 -18.30 -18.41
C ASN A 364 0.80 -18.50 -19.07
N VAL A 365 1.35 -17.41 -19.66
CA VAL A 365 2.60 -17.49 -20.42
C VAL A 365 3.78 -16.94 -19.63
N GLN A 366 3.58 -16.68 -18.31
CA GLN A 366 4.64 -15.93 -17.53
C GLN A 366 5.86 -16.73 -17.21
N ARG A 367 5.74 -18.09 -17.13
CA ARG A 367 6.88 -19.00 -16.75
C ARG A 367 7.47 -18.37 -15.45
N ASN A 368 8.80 -18.30 -15.37
CA ASN A 368 9.41 -17.64 -14.21
C ASN A 368 10.08 -16.35 -14.69
N HIS A 369 9.46 -15.66 -15.65
CA HIS A 369 10.02 -14.39 -16.15
C HIS A 369 10.04 -13.31 -15.13
N SER A 370 9.38 -13.50 -13.98
CA SER A 370 9.59 -12.47 -12.95
C SER A 370 11.07 -12.40 -12.53
N GLU A 371 11.85 -13.48 -12.70
CA GLU A 371 13.27 -13.48 -12.19
C GLU A 371 14.02 -12.52 -13.09
N VAL A 372 13.91 -12.66 -14.40
CA VAL A 372 14.74 -11.71 -15.23
C VAL A 372 14.25 -10.24 -15.06
N ILE A 373 12.92 -10.08 -14.78
CA ILE A 373 12.40 -8.70 -14.55
C ILE A 373 13.00 -8.10 -13.27
N ARG A 374 12.98 -8.93 -12.22
CA ARG A 374 13.50 -8.47 -10.93
C ARG A 374 15.02 -8.15 -11.12
N LYS A 375 15.75 -9.05 -11.79
CA LYS A 375 17.19 -8.80 -11.95
C LYS A 375 17.45 -7.56 -12.83
N LEU A 376 16.73 -7.46 -13.93
CA LEU A 376 16.93 -6.29 -14.80
C LEU A 376 16.53 -4.99 -14.12
N GLY A 377 15.48 -4.98 -13.27
CA GLY A 377 15.17 -3.73 -12.49
C GLY A 377 16.36 -3.43 -11.62
N ALA A 378 16.95 -4.43 -10.92
CA ALA A 378 18.01 -4.07 -9.97
C ALA A 378 19.23 -3.55 -10.81
N ASP A 379 19.48 -4.25 -11.94
CA ASP A 379 20.69 -3.93 -12.72
C ASP A 379 20.53 -2.69 -13.58
N SER A 380 19.35 -2.05 -13.53
CA SER A 380 19.09 -0.76 -14.23
C SER A 380 18.90 0.39 -13.21
N THR A 381 19.12 0.11 -11.92
CA THR A 381 18.98 1.15 -10.93
C THR A 381 20.31 1.88 -10.85
N VAL A 382 20.31 3.13 -11.32
CA VAL A 382 21.53 3.93 -11.38
C VAL A 382 21.76 4.62 -10.01
N LEU A 383 22.91 4.32 -9.35
CA LEU A 383 23.23 5.02 -8.08
C LEU A 383 23.93 6.31 -8.51
N LEU A 384 23.22 7.42 -8.46
CA LEU A 384 23.77 8.71 -8.91
C LEU A 384 24.66 9.34 -7.84
N LYS A 385 24.30 9.14 -6.55
CA LYS A 385 25.06 9.82 -5.46
C LYS A 385 25.05 8.81 -4.33
N ASN A 386 26.15 8.70 -3.59
CA ASN A 386 26.09 7.86 -2.43
C ASN A 386 27.22 8.38 -1.47
N ASN A 387 26.84 9.13 -0.42
CA ASN A 387 27.89 9.52 0.55
C ASN A 387 27.94 8.53 1.68
N ASN A 388 28.45 7.35 1.37
CA ASN A 388 28.60 6.26 2.31
C ASN A 388 27.26 5.96 3.06
N ALA A 389 26.15 6.04 2.33
CA ALA A 389 24.81 5.79 2.95
C ALA A 389 24.25 4.46 2.56
N LEU A 390 24.69 3.89 1.44
CA LEU A 390 24.15 2.60 0.96
C LEU A 390 25.30 1.65 0.78
N PRO A 391 25.13 0.32 0.92
CA PRO A 391 23.85 -0.35 1.18
C PRO A 391 23.40 -0.15 2.64
N LEU A 392 22.11 -0.16 2.84
CA LEU A 392 21.53 -0.29 4.20
C LEU A 392 21.92 -1.63 4.78
N THR A 393 21.84 -1.72 6.13
CA THR A 393 22.31 -2.93 6.78
C THR A 393 21.14 -3.76 7.30
N GLY A 394 19.97 -3.14 7.40
CA GLY A 394 18.85 -3.88 7.97
C GLY A 394 18.79 -3.56 9.46
N LYS A 395 19.78 -2.87 10.00
CA LYS A 395 19.82 -2.57 11.46
C LYS A 395 19.27 -1.16 11.74
N GLU A 396 18.75 -0.49 10.71
CA GLU A 396 18.24 0.87 10.88
C GLU A 396 16.98 0.76 11.78
N ARG A 397 16.96 1.57 12.85
CA ARG A 397 15.92 1.34 13.93
C ARG A 397 14.59 1.80 13.44
N LYS A 398 14.55 2.86 12.68
CA LYS A 398 13.19 3.35 12.26
C LYS A 398 13.35 3.88 10.80
N VAL A 399 12.53 3.36 9.90
CA VAL A 399 12.67 3.62 8.47
C VAL A 399 11.42 4.37 8.01
N ALA A 400 11.62 5.55 7.37
CA ALA A 400 10.49 6.32 6.87
C ALA A 400 10.47 6.07 5.38
N ILE A 401 9.34 5.60 4.86
CA ILE A 401 9.21 5.42 3.40
C ILE A 401 8.25 6.56 3.01
N LEU A 402 8.74 7.51 2.20
CA LEU A 402 7.99 8.78 1.98
C LEU A 402 7.72 9.00 0.49
N GLY A 403 6.44 9.27 0.13
CA GLY A 403 6.13 9.62 -1.27
C GLY A 403 5.15 8.68 -1.88
N GLU A 404 4.20 9.27 -2.60
CA GLU A 404 3.25 8.52 -3.35
C GLU A 404 3.90 7.47 -4.25
N ASP A 405 5.08 7.78 -4.80
CA ASP A 405 5.71 6.91 -5.73
C ASP A 405 6.21 5.63 -5.03
N ALA A 406 6.12 5.56 -3.68
CA ALA A 406 6.48 4.25 -2.96
C ALA A 406 5.27 3.34 -2.91
N GLY A 407 4.10 3.94 -3.08
CA GLY A 407 2.85 3.21 -2.66
C GLY A 407 2.04 2.61 -3.79
N SER A 408 0.87 2.10 -3.42
CA SER A 408 0.04 1.46 -4.42
C SER A 408 -0.83 2.46 -5.23
N ASN A 409 -1.16 2.08 -6.46
CA ASN A 409 -2.16 2.89 -7.23
C ASN A 409 -3.54 2.50 -6.65
N SER A 410 -4.25 3.45 -6.04
CA SER A 410 -5.58 3.09 -5.39
C SER A 410 -6.63 2.57 -6.38
N TYR A 411 -6.42 2.68 -7.72
CA TYR A 411 -7.35 2.05 -8.60
C TYR A 411 -6.91 0.67 -8.99
N GLY A 412 -5.85 0.11 -8.32
CA GLY A 412 -5.26 -1.17 -8.77
C GLY A 412 -4.08 -0.88 -9.71
N ALA A 413 -3.11 -1.83 -9.80
CA ALA A 413 -2.02 -1.55 -10.68
C ALA A 413 -2.38 -1.28 -12.13
N ASN A 414 -3.48 -1.88 -12.60
CA ASN A 414 -3.91 -1.69 -14.03
C ASN A 414 -5.10 -0.78 -14.11
N GLY A 415 -5.34 -0.02 -13.03
CA GLY A 415 -6.66 0.68 -12.86
C GLY A 415 -6.75 1.98 -13.69
N CYS A 416 -5.64 2.38 -14.36
CA CYS A 416 -5.74 3.47 -15.42
C CYS A 416 -5.52 2.81 -16.76
N SER A 417 -6.48 2.98 -17.64
CA SER A 417 -6.43 2.39 -19.02
C SER A 417 -5.12 2.82 -19.69
N ASP A 418 -4.40 1.85 -20.25
CA ASP A 418 -3.13 2.15 -20.95
C ASP A 418 -2.13 2.91 -20.04
N ARG A 419 -2.30 2.70 -18.72
CA ARG A 419 -1.47 3.29 -17.67
C ARG A 419 -1.57 4.79 -17.66
N GLY A 420 -2.74 5.29 -18.10
CA GLY A 420 -2.85 6.77 -18.37
C GLY A 420 -3.11 7.59 -17.06
N CYS A 421 -2.26 7.48 -16.03
CA CYS A 421 -2.34 8.31 -14.83
C CYS A 421 -0.95 8.17 -14.19
N ASP A 422 -0.66 8.96 -13.19
CA ASP A 422 0.59 8.76 -12.50
C ASP A 422 0.23 8.61 -10.97
N ASN A 423 -0.37 7.48 -10.63
CA ASN A 423 -0.88 7.30 -9.27
C ASN A 423 -0.16 6.13 -8.67
N GLY A 424 0.30 6.33 -7.41
CA GLY A 424 1.14 5.28 -6.85
C GLY A 424 2.51 5.15 -7.54
N THR A 425 3.18 4.02 -7.30
CA THR A 425 4.54 3.87 -7.82
C THR A 425 4.53 3.80 -9.36
N LEU A 426 5.50 4.50 -9.95
CA LEU A 426 5.55 4.57 -11.42
C LEU A 426 6.45 3.44 -11.88
N ALA A 427 5.83 2.40 -12.45
CA ALA A 427 6.64 1.26 -12.95
C ALA A 427 6.40 1.07 -14.44
N MET A 428 5.50 1.86 -15.00
CA MET A 428 5.19 1.72 -16.47
C MET A 428 4.59 3.05 -16.90
N ALA A 429 5.13 3.66 -17.97
CA ALA A 429 4.58 4.96 -18.48
C ALA A 429 3.40 4.61 -19.42
N TRP A 430 2.83 5.56 -20.16
CA TRP A 430 1.51 5.36 -20.77
C TRP A 430 1.39 5.31 -22.28
N GLY A 431 0.30 4.71 -22.75
CA GLY A 431 0.04 4.70 -24.24
C GLY A 431 -0.04 3.26 -24.74
N SER A 432 0.27 3.04 -26.01
CA SER A 432 0.11 1.69 -26.54
C SER A 432 1.35 0.83 -26.21
N GLY A 433 2.42 1.47 -25.73
CA GLY A 433 3.71 0.79 -25.41
C GLY A 433 3.64 0.20 -23.98
N THR A 434 2.54 -0.44 -23.75
CA THR A 434 2.21 -0.91 -22.35
C THR A 434 1.69 -2.36 -22.31
N ALA A 435 1.65 -2.91 -21.09
CA ALA A 435 1.15 -4.26 -20.94
C ALA A 435 0.38 -4.26 -19.60
N GLU A 436 -0.57 -5.19 -19.44
CA GLU A 436 -1.25 -5.36 -18.13
C GLU A 436 -0.28 -6.03 -17.15
N PHE A 437 -0.12 -5.43 -15.95
CA PHE A 437 0.69 -6.09 -14.90
C PHE A 437 -0.04 -7.34 -14.43
N PRO A 438 0.72 -8.41 -14.14
CA PRO A 438 0.07 -9.56 -13.45
C PRO A 438 -0.10 -9.25 -11.95
N TYR A 439 0.70 -8.27 -11.49
CA TYR A 439 0.69 -7.79 -10.07
C TYR A 439 1.75 -6.68 -10.10
N LEU A 440 1.84 -5.89 -9.04
CA LEU A 440 2.98 -4.92 -9.05
C LEU A 440 3.45 -4.89 -7.62
N VAL A 441 4.71 -5.27 -7.39
CA VAL A 441 5.27 -5.16 -6.01
C VAL A 441 5.76 -3.69 -5.81
N THR A 442 5.25 -3.02 -4.79
CA THR A 442 5.58 -1.58 -4.64
C THR A 442 6.82 -1.46 -3.76
N PRO A 443 7.53 -0.33 -3.84
CA PRO A 443 8.62 -0.18 -2.93
C PRO A 443 8.17 -0.21 -1.47
N GLU A 444 7.02 0.36 -1.18
CA GLU A 444 6.50 0.28 0.22
C GLU A 444 6.48 -1.20 0.65
N GLN A 445 5.89 -2.10 -0.16
CA GLN A 445 5.76 -3.48 0.26
C GLN A 445 7.14 -4.11 0.48
N ALA A 446 8.03 -3.92 -0.47
CA ALA A 446 9.31 -4.65 -0.37
C ALA A 446 10.20 -4.10 0.76
N ILE A 447 10.21 -2.79 0.95
CA ILE A 447 11.02 -2.22 1.97
C ILE A 447 10.43 -2.50 3.35
N GLN A 448 9.12 -2.32 3.51
CA GLN A 448 8.51 -2.64 4.84
C GLN A 448 8.81 -4.10 5.14
N ALA A 449 8.71 -5.01 4.17
CA ALA A 449 8.98 -6.39 4.48
C ALA A 449 10.43 -6.62 4.94
N GLU A 450 11.34 -5.91 4.31
CA GLU A 450 12.71 -6.05 4.69
C GLU A 450 12.93 -5.59 6.11
N VAL A 451 12.35 -4.45 6.45
CA VAL A 451 12.64 -3.92 7.79
C VAL A 451 12.03 -4.87 8.83
N LEU A 452 10.84 -5.40 8.53
CA LEU A 452 10.15 -6.33 9.49
C LEU A 452 10.95 -7.60 9.66
N LYS A 453 11.65 -8.06 8.63
CA LYS A 453 12.45 -9.25 8.81
C LYS A 453 13.58 -8.99 9.86
N HIS A 454 13.99 -7.78 9.99
CA HIS A 454 14.97 -7.34 10.98
C HIS A 454 14.37 -6.77 12.28
N LYS A 455 13.05 -6.92 12.47
CA LYS A 455 12.40 -6.41 13.69
C LYS A 455 12.59 -4.90 13.86
N GLY A 456 12.68 -4.15 12.73
CA GLY A 456 12.70 -2.71 12.81
C GLY A 456 11.32 -2.07 12.83
N SER A 457 11.35 -0.74 12.93
CA SER A 457 10.09 0.00 12.86
C SER A 457 10.04 0.70 11.46
N VAL A 458 8.85 0.85 10.89
CA VAL A 458 8.81 1.33 9.47
C VAL A 458 7.39 1.77 9.21
N TYR A 459 7.26 2.81 8.35
CA TYR A 459 5.95 3.34 7.96
C TYR A 459 6.11 3.88 6.55
N ALA A 460 4.94 4.06 5.90
CA ALA A 460 4.90 4.72 4.58
C ALA A 460 3.90 5.84 4.58
N ILE A 461 4.39 7.02 4.13
CA ILE A 461 3.45 8.18 3.93
C ILE A 461 3.41 8.41 2.42
N THR A 462 2.20 8.38 1.83
CA THR A 462 2.13 8.33 0.35
C THR A 462 1.26 9.46 -0.15
N ASP A 463 1.01 10.48 0.67
CA ASP A 463 0.26 11.68 0.24
C ASP A 463 1.29 12.85 0.24
N ASN A 464 1.71 13.35 -0.96
CA ASN A 464 2.88 14.22 -0.96
C ASN A 464 2.52 15.63 -0.54
N TRP A 465 1.26 15.89 -0.22
CA TRP A 465 1.00 17.18 0.47
C TRP A 465 0.73 16.94 1.95
N ALA A 466 1.04 15.73 2.47
CA ALA A 466 0.94 15.57 3.94
C ALA A 466 2.21 15.91 4.62
N LEU A 467 2.69 17.14 4.45
CA LEU A 467 4.02 17.44 4.84
C LEU A 467 4.17 17.57 6.36
N SER A 468 3.09 17.92 7.09
CA SER A 468 3.16 17.88 8.55
C SER A 468 3.59 16.46 8.98
N GLN A 469 2.86 15.44 8.47
CA GLN A 469 3.25 14.06 8.89
C GLN A 469 4.61 13.66 8.42
N VAL A 470 4.96 14.09 7.21
CA VAL A 470 6.29 13.78 6.68
C VAL A 470 7.38 14.36 7.55
N GLU A 471 7.22 15.65 7.93
CA GLU A 471 8.31 16.22 8.71
C GLU A 471 8.43 15.61 10.12
N THR A 472 7.31 15.31 10.76
CA THR A 472 7.31 14.66 12.09
C THR A 472 7.95 13.31 12.02
N LEU A 473 7.60 12.53 10.97
CA LEU A 473 8.20 11.15 10.89
C LEU A 473 9.70 11.25 10.55
N ALA A 474 10.03 12.13 9.56
CA ALA A 474 11.46 12.26 9.19
C ALA A 474 12.30 12.60 10.41
N LYS A 475 11.82 13.52 11.24
CA LYS A 475 12.64 13.79 12.48
C LYS A 475 12.96 12.63 13.39
N GLN A 476 12.08 11.59 13.36
CA GLN A 476 12.26 10.37 14.18
C GLN A 476 13.02 9.25 13.52
N ALA A 477 13.21 9.38 12.19
CA ALA A 477 13.70 8.23 11.40
C ALA A 477 15.21 8.09 11.37
N SER A 478 15.69 6.85 11.36
CA SER A 478 17.11 6.60 11.08
C SER A 478 17.49 6.86 9.60
N VAL A 479 16.61 6.49 8.71
CA VAL A 479 16.84 6.74 7.26
C VAL A 479 15.44 7.15 6.70
N SER A 480 15.39 8.14 5.77
CA SER A 480 14.10 8.48 5.09
C SER A 480 14.34 8.18 3.64
N LEU A 481 13.55 7.26 3.10
CA LEU A 481 13.66 6.91 1.67
C LEU A 481 12.56 7.62 0.99
N VAL A 482 12.87 8.54 0.05
CA VAL A 482 11.88 9.46 -0.42
C VAL A 482 11.71 9.11 -1.91
N PHE A 483 10.45 8.92 -2.38
CA PHE A 483 10.20 8.41 -3.71
C PHE A 483 9.46 9.47 -4.51
N VAL A 484 9.93 9.71 -5.75
CA VAL A 484 9.45 10.83 -6.56
C VAL A 484 9.47 10.34 -8.02
N ASN A 485 8.59 10.94 -8.83
CA ASN A 485 8.52 10.47 -10.21
C ASN A 485 8.22 11.59 -11.19
N SER A 486 8.28 11.22 -12.50
CA SER A 486 7.86 12.17 -13.54
C SER A 486 7.49 11.23 -14.71
N ASP A 487 6.27 11.42 -15.26
CA ASP A 487 5.71 10.43 -16.17
C ASP A 487 5.52 11.13 -17.57
N ALA A 488 5.23 10.27 -18.54
CA ALA A 488 4.97 10.76 -19.94
C ALA A 488 4.36 9.58 -20.69
N GLY A 489 4.00 9.81 -21.96
CA GLY A 489 3.58 8.66 -22.76
C GLY A 489 3.15 9.06 -24.15
N GLU A 490 2.44 8.18 -24.81
CA GLU A 490 2.06 8.42 -26.19
C GLU A 490 1.02 9.55 -26.20
N GLY A 491 1.00 10.30 -27.32
CA GLY A 491 0.31 11.57 -27.33
C GLY A 491 -1.21 11.45 -27.32
N TYR A 492 -1.81 10.27 -27.45
CA TYR A 492 -3.28 10.29 -27.47
C TYR A 492 -3.86 10.37 -26.05
N ILE A 493 -2.98 10.28 -25.03
CA ILE A 493 -3.46 10.37 -23.63
C ILE A 493 -2.78 11.63 -23.07
N SER A 494 -3.56 12.40 -22.31
CA SER A 494 -3.00 13.58 -21.62
C SER A 494 -3.25 13.39 -20.10
N VAL A 495 -2.20 13.52 -19.30
CA VAL A 495 -2.35 13.41 -17.82
C VAL A 495 -1.94 14.76 -17.28
N ASP A 496 -2.85 15.45 -16.58
CA ASP A 496 -2.53 16.80 -16.03
C ASP A 496 -2.02 17.73 -17.11
N GLY A 497 -2.67 17.71 -18.29
CA GLY A 497 -2.27 18.63 -19.34
C GLY A 497 -1.00 18.27 -20.10
N ASN A 498 -0.34 17.15 -19.73
CA ASN A 498 0.88 16.73 -20.46
C ASN A 498 0.39 15.87 -21.58
N GLU A 499 0.43 16.41 -22.79
CA GLU A 499 -0.18 15.69 -23.93
C GLU A 499 0.86 14.78 -24.54
N GLY A 500 1.11 13.65 -23.83
CA GLY A 500 2.14 12.65 -24.19
C GLY A 500 3.48 13.24 -23.79
N ASP A 501 3.95 14.25 -24.57
CA ASP A 501 5.20 14.93 -24.13
C ASP A 501 5.06 15.51 -22.69
N ARG A 502 6.18 15.61 -21.99
CA ARG A 502 6.22 16.30 -20.65
C ARG A 502 6.23 17.78 -20.86
N ASN A 503 5.45 18.47 -20.05
CA ASN A 503 5.51 19.94 -20.11
C ASN A 503 6.74 20.46 -19.41
N ASN A 504 7.35 19.70 -18.49
CA ASN A 504 8.56 20.24 -17.88
C ASN A 504 9.36 18.99 -17.39
N LEU A 505 10.54 19.24 -16.84
CA LEU A 505 11.37 18.14 -16.35
C LEU A 505 11.36 18.12 -14.79
N THR A 506 10.42 18.85 -14.20
CA THR A 506 10.28 18.93 -12.74
C THR A 506 9.57 17.71 -12.18
N LEU A 507 10.00 17.27 -11.01
CA LEU A 507 9.26 16.11 -10.32
C LEU A 507 7.83 16.37 -10.19
N TRP A 508 7.02 15.34 -10.45
CA TRP A 508 5.57 15.50 -10.36
C TRP A 508 5.16 15.33 -8.84
N LYS A 509 3.89 15.60 -8.59
CA LYS A 509 3.25 15.40 -7.26
C LYS A 509 4.06 16.00 -6.16
N ASN A 510 4.47 17.31 -6.31
CA ASN A 510 5.16 17.97 -5.19
C ASN A 510 6.52 17.37 -4.76
N GLY A 511 7.19 16.70 -5.69
CA GLY A 511 8.37 15.89 -5.32
C GLY A 511 9.51 16.72 -4.83
N ASP A 512 9.74 17.93 -5.43
CA ASP A 512 10.88 18.69 -4.86
C ASP A 512 10.56 19.09 -3.35
N ASN A 513 9.37 19.56 -3.13
CA ASN A 513 8.92 20.00 -1.77
C ASN A 513 8.92 18.80 -0.76
N LEU A 514 8.57 17.61 -1.26
CA LEU A 514 8.59 16.39 -0.39
C LEU A 514 10.04 16.09 0.02
N ILE A 515 10.99 16.08 -0.95
CA ILE A 515 12.41 15.89 -0.63
C ILE A 515 12.91 16.92 0.39
N LYS A 516 12.62 18.15 0.14
CA LYS A 516 13.09 19.28 1.07
C LYS A 516 12.49 19.09 2.47
N ALA A 517 11.22 18.63 2.56
CA ALA A 517 10.54 18.47 3.87
C ALA A 517 11.29 17.35 4.56
N ALA A 518 11.59 16.23 3.85
CA ALA A 518 12.31 15.16 4.51
C ALA A 518 13.75 15.58 4.86
N ALA A 519 14.46 16.16 3.90
CA ALA A 519 15.92 16.45 4.13
C ALA A 519 16.10 17.54 5.24
N ASN A 520 15.09 18.36 5.39
CA ASN A 520 15.12 19.48 6.42
C ASN A 520 15.12 18.85 7.81
N ASN A 521 14.63 17.62 7.92
CA ASN A 521 14.46 17.00 9.21
C ASN A 521 15.17 15.73 9.46
N CYS A 522 15.85 15.15 8.46
CA CYS A 522 16.48 13.83 8.64
C CYS A 522 17.83 13.91 7.96
N ASN A 523 18.92 13.58 8.69
CA ASN A 523 20.25 13.72 8.09
C ASN A 523 20.68 12.52 7.26
N ASN A 524 19.76 11.56 7.00
CA ASN A 524 20.12 10.46 6.12
C ASN A 524 18.85 10.28 5.22
N THR A 525 18.69 11.21 4.27
CA THR A 525 17.55 11.20 3.36
C THR A 525 18.09 10.70 2.01
N ILE A 526 17.45 9.59 1.53
CA ILE A 526 17.92 8.91 0.30
C ILE A 526 16.78 9.06 -0.72
N VAL A 527 17.07 9.53 -1.95
CA VAL A 527 15.96 9.86 -2.91
C VAL A 527 15.97 8.77 -3.98
N VAL A 528 14.78 8.24 -4.30
CA VAL A 528 14.69 7.23 -5.36
C VAL A 528 13.71 7.88 -6.39
N ILE A 529 14.15 7.89 -7.67
CA ILE A 529 13.40 8.52 -8.71
C ILE A 529 12.94 7.39 -9.66
N HIS A 530 11.63 7.37 -9.90
CA HIS A 530 11.11 6.55 -11.05
C HIS A 530 10.64 7.54 -12.09
N SER A 531 11.20 7.40 -13.31
CA SER A 531 10.82 8.36 -14.33
C SER A 531 11.16 7.87 -15.72
N VAL A 532 10.56 8.56 -16.70
CA VAL A 532 10.71 8.22 -18.10
C VAL A 532 11.98 8.77 -18.72
N GLY A 533 12.69 9.53 -17.93
CA GLY A 533 13.89 10.30 -18.46
C GLY A 533 14.44 11.21 -17.38
N PRO A 534 15.32 12.12 -17.77
CA PRO A 534 15.96 12.88 -16.72
C PRO A 534 14.96 13.81 -16.06
N VAL A 535 15.22 14.20 -14.78
CA VAL A 535 14.38 15.25 -14.23
C VAL A 535 15.39 16.27 -13.60
N LEU A 536 14.91 17.45 -13.23
CA LEU A 536 15.80 18.48 -12.61
C LEU A 536 16.02 18.16 -11.12
N VAL A 537 17.26 17.99 -10.70
CA VAL A 537 17.56 17.68 -9.32
C VAL A 537 18.26 18.83 -8.60
N ASP A 538 18.43 19.94 -9.36
CA ASP A 538 19.29 21.05 -8.81
C ASP A 538 18.80 21.63 -7.45
N GLU A 539 17.53 21.61 -7.15
CA GLU A 539 17.02 22.20 -5.88
C GLU A 539 17.43 21.43 -4.64
N TRP A 540 17.85 20.19 -4.79
CA TRP A 540 18.09 19.36 -3.62
C TRP A 540 19.22 18.36 -3.68
N TYR A 541 19.80 18.13 -4.86
CA TYR A 541 20.75 17.02 -4.95
C TYR A 541 22.00 17.24 -4.09
N ASP A 542 22.28 18.53 -3.77
CA ASP A 542 23.51 18.77 -2.98
C ASP A 542 23.11 19.17 -1.58
N HIS A 543 21.85 18.96 -1.21
CA HIS A 543 21.48 19.22 0.26
C HIS A 543 22.39 18.38 1.12
N PRO A 544 22.91 18.95 2.26
CA PRO A 544 23.80 18.16 3.04
C PRO A 544 23.17 16.87 3.66
N ASN A 545 21.87 16.84 3.80
CA ASN A 545 21.22 15.61 4.32
C ASN A 545 20.64 14.66 3.24
N VAL A 546 20.81 15.03 1.95
CA VAL A 546 20.49 14.06 0.87
C VAL A 546 21.72 13.19 0.64
N THR A 547 21.73 12.02 1.26
CA THR A 547 22.93 11.26 1.31
C THR A 547 23.10 10.29 0.16
N ALA A 548 22.00 9.96 -0.56
CA ALA A 548 22.19 9.06 -1.71
C ALA A 548 21.01 9.41 -2.65
N ILE A 549 21.20 9.11 -3.96
CA ILE A 549 20.13 9.41 -4.95
C ILE A 549 20.24 8.29 -5.97
N LEU A 550 19.06 7.66 -6.27
CA LEU A 550 19.05 6.52 -7.29
C LEU A 550 17.98 6.92 -8.30
N TRP A 551 18.23 6.53 -9.53
CA TRP A 551 17.26 6.59 -10.58
C TRP A 551 16.93 5.17 -11.08
N ALA A 552 15.69 4.75 -10.94
CA ALA A 552 15.34 3.32 -11.17
C ALA A 552 14.47 3.22 -12.42
N GLY A 553 14.18 4.35 -13.13
CA GLY A 553 13.48 4.12 -14.43
C GLY A 553 12.03 3.66 -14.23
N LEU A 554 11.61 2.73 -15.10
CA LEU A 554 10.25 2.24 -15.09
C LEU A 554 10.42 0.69 -15.00
N PRO A 555 10.42 0.12 -13.79
CA PRO A 555 11.00 -1.24 -13.61
C PRO A 555 10.06 -2.43 -13.92
N GLY A 556 8.80 -2.13 -14.23
CA GLY A 556 7.81 -3.21 -14.39
C GLY A 556 7.39 -3.87 -13.10
N GLN A 557 7.00 -5.16 -13.19
CA GLN A 557 6.07 -5.70 -12.10
C GLN A 557 6.85 -5.98 -10.79
N GLU A 558 8.21 -6.11 -10.85
CA GLU A 558 8.94 -6.51 -9.59
C GLU A 558 9.62 -5.25 -8.93
N SER A 559 9.05 -4.05 -9.27
CA SER A 559 9.76 -2.81 -8.97
C SER A 559 10.31 -2.78 -7.51
N GLY A 560 9.43 -3.03 -6.52
CA GLY A 560 9.90 -2.90 -5.12
C GLY A 560 11.02 -3.88 -4.74
N ASN A 561 10.92 -5.08 -5.25
CA ASN A 561 11.97 -6.10 -5.04
C ASN A 561 13.28 -5.76 -5.74
N SER A 562 13.22 -5.34 -6.99
CA SER A 562 14.45 -4.88 -7.72
C SER A 562 15.11 -3.84 -6.87
N LEU A 563 14.34 -2.90 -6.36
CA LEU A 563 14.96 -1.75 -5.61
C LEU A 563 15.51 -2.23 -4.26
N ALA A 564 14.72 -3.03 -3.53
CA ALA A 564 15.21 -3.54 -2.21
C ALA A 564 16.49 -4.35 -2.39
N ASP A 565 16.61 -5.14 -3.46
CA ASP A 565 17.85 -5.89 -3.68
C ASP A 565 19.07 -4.97 -3.74
N VAL A 566 18.92 -3.82 -4.41
CA VAL A 566 20.01 -2.85 -4.51
C VAL A 566 20.21 -2.10 -3.17
N LEU A 567 19.09 -1.65 -2.59
CA LEU A 567 19.23 -0.81 -1.33
C LEU A 567 19.91 -1.62 -0.24
N TYR A 568 19.59 -2.93 -0.16
CA TYR A 568 20.12 -3.77 0.97
C TYR A 568 21.34 -4.57 0.58
N GLY A 569 21.87 -4.28 -0.62
CA GLY A 569 23.20 -4.84 -1.00
C GLY A 569 23.16 -6.22 -1.57
N ARG A 570 21.97 -6.83 -1.79
CA ARG A 570 22.05 -8.14 -2.43
C ARG A 570 22.52 -7.99 -3.90
N VAL A 571 22.27 -6.83 -4.46
CA VAL A 571 22.80 -6.52 -5.84
C VAL A 571 23.62 -5.25 -5.68
N ASN A 572 24.85 -5.29 -6.19
CA ASN A 572 25.67 -4.07 -6.18
C ASN A 572 25.29 -3.32 -7.45
N PRO A 573 24.81 -2.08 -7.38
CA PRO A 573 24.33 -1.43 -8.58
C PRO A 573 25.49 -1.21 -9.58
N GLY A 574 25.24 -1.57 -10.83
CA GLY A 574 26.26 -1.41 -11.91
C GLY A 574 25.70 -0.60 -13.06
N ALA A 575 24.44 -0.17 -12.96
CA ALA A 575 23.84 0.62 -14.10
C ALA A 575 24.51 1.97 -14.26
N LYS A 576 24.36 2.58 -15.46
CA LYS A 576 25.01 3.88 -15.70
C LYS A 576 23.98 4.74 -16.45
N SER A 577 23.94 6.05 -16.20
CA SER A 577 22.88 6.84 -16.80
C SER A 577 23.02 6.75 -18.34
N PRO A 578 21.91 6.49 -19.03
CA PRO A 578 21.96 6.46 -20.54
C PRO A 578 21.59 7.80 -21.19
N PHE A 579 21.56 8.83 -20.35
CA PHE A 579 21.30 10.24 -20.80
C PHE A 579 21.91 11.19 -19.78
N THR A 580 21.82 12.50 -20.08
CA THR A 580 22.47 13.52 -19.28
C THR A 580 21.41 14.05 -18.27
N TRP A 581 21.89 14.42 -17.08
CA TRP A 581 21.12 15.10 -16.10
C TRP A 581 21.62 16.54 -16.02
N GLY A 582 20.89 17.47 -16.65
CA GLY A 582 21.28 18.91 -16.76
C GLY A 582 20.79 19.74 -15.58
N LYS A 583 21.49 20.88 -15.40
CA LYS A 583 21.06 21.83 -14.36
C LYS A 583 19.73 22.46 -14.71
N THR A 584 19.37 22.65 -15.98
CA THR A 584 18.13 23.32 -16.35
C THR A 584 17.57 22.66 -17.58
N ARG A 585 16.33 22.95 -17.92
CA ARG A 585 15.84 22.47 -19.19
C ARG A 585 16.63 23.13 -20.34
N GLU A 586 16.92 24.44 -20.23
CA GLU A 586 17.65 25.11 -21.36
C GLU A 586 18.96 24.39 -21.67
N ALA A 587 19.64 23.75 -20.69
CA ALA A 587 20.93 23.12 -20.92
C ALA A 587 20.85 22.02 -22.03
N TYR A 588 19.67 21.43 -22.25
CA TYR A 588 19.55 20.31 -23.18
C TYR A 588 19.26 20.91 -24.61
N GLY A 589 18.85 22.19 -24.71
CA GLY A 589 18.42 22.74 -26.03
C GLY A 589 17.29 21.89 -26.62
N ASP A 590 17.32 21.74 -27.95
CA ASP A 590 16.35 20.85 -28.61
C ASP A 590 14.93 20.98 -28.11
N TYR A 591 14.35 22.19 -28.22
CA TYR A 591 12.99 22.41 -27.74
C TYR A 591 11.97 21.74 -28.58
N LEU A 592 10.91 21.22 -27.92
CA LEU A 592 9.81 20.70 -28.69
C LEU A 592 9.12 21.84 -29.47
N VAL A 593 8.50 21.46 -30.58
CA VAL A 593 7.54 22.34 -31.24
C VAL A 593 6.19 22.22 -30.59
N ARG A 594 5.74 23.31 -29.93
CA ARG A 594 4.51 23.27 -29.19
C ARG A 594 3.40 24.22 -29.67
N GLU A 595 3.73 25.01 -30.67
CA GLU A 595 2.70 25.88 -31.25
C GLU A 595 2.81 25.78 -32.76
N LEU A 596 1.72 26.09 -33.43
CA LEU A 596 1.67 26.08 -34.89
C LEU A 596 2.64 27.12 -35.42
N ASN A 597 3.50 26.75 -36.35
CA ASN A 597 4.51 27.67 -36.84
C ASN A 597 4.45 27.71 -38.34
N ASN A 598 3.48 27.02 -38.89
CA ASN A 598 3.31 27.00 -40.36
C ASN A 598 1.87 27.26 -40.71
N GLY A 599 1.29 28.31 -40.08
CA GLY A 599 -0.14 28.55 -40.18
C GLY A 599 -0.98 27.34 -39.82
N ASN A 600 -1.93 26.97 -40.69
CA ASN A 600 -2.65 25.75 -40.42
C ASN A 600 -2.16 24.54 -41.24
N GLY A 601 -0.99 24.69 -41.81
CA GLY A 601 -0.30 23.55 -42.47
C GLY A 601 0.47 22.70 -41.42
N ALA A 602 1.23 21.73 -41.93
CA ALA A 602 2.10 20.93 -41.01
C ALA A 602 3.06 21.79 -40.21
N PRO A 603 3.08 21.67 -38.87
CA PRO A 603 4.13 22.34 -38.15
C PRO A 603 5.47 21.84 -38.62
N GLN A 604 6.46 22.74 -38.64
CA GLN A 604 7.76 22.41 -39.07
C GLN A 604 8.71 22.17 -37.89
N ASP A 605 9.42 21.05 -37.93
CA ASP A 605 10.34 20.75 -36.81
C ASP A 605 11.73 20.65 -37.40
N ASP A 606 12.46 21.79 -37.44
CA ASP A 606 13.82 21.71 -37.97
C ASP A 606 14.75 21.19 -36.89
N PHE A 607 15.50 20.13 -37.22
CA PHE A 607 16.55 19.67 -36.31
C PHE A 607 17.81 20.45 -36.49
N SER A 608 17.76 21.73 -36.07
CA SER A 608 18.92 22.59 -36.48
C SER A 608 20.19 22.37 -35.65
N GLU A 609 20.08 21.64 -34.51
CA GLU A 609 21.22 21.22 -33.75
C GLU A 609 22.07 20.17 -34.46
N GLY A 610 21.57 19.57 -35.53
CA GLY A 610 22.35 18.55 -36.21
C GLY A 610 22.57 17.36 -35.24
N VAL A 611 23.80 16.89 -35.08
CA VAL A 611 24.04 15.68 -34.27
C VAL A 611 24.07 16.06 -32.77
N PHE A 612 23.95 17.36 -32.45
CA PHE A 612 24.22 17.84 -31.05
C PHE A 612 23.02 17.69 -30.09
N ILE A 613 22.71 16.41 -29.80
CA ILE A 613 21.64 16.11 -28.81
C ILE A 613 22.27 15.51 -27.55
N ASP A 614 21.57 15.69 -26.42
CA ASP A 614 22.01 15.13 -25.09
C ASP A 614 23.51 15.44 -24.90
N TYR A 615 24.37 14.46 -24.53
CA TYR A 615 25.74 14.82 -24.07
C TYR A 615 26.55 15.53 -25.14
N ARG A 616 26.31 15.19 -26.42
CA ARG A 616 27.05 15.91 -27.54
C ARG A 616 26.77 17.42 -27.46
N GLY A 617 25.51 17.79 -27.17
CA GLY A 617 25.11 19.22 -27.06
C GLY A 617 25.76 19.85 -25.81
N PHE A 618 25.66 19.13 -24.68
CA PHE A 618 26.25 19.69 -23.44
C PHE A 618 27.76 19.94 -23.66
N ASP A 619 28.46 18.96 -24.27
CA ASP A 619 29.93 19.06 -24.45
C ASP A 619 30.23 20.23 -25.42
N LYS A 620 29.42 20.39 -26.49
CA LYS A 620 29.68 21.45 -27.49
C LYS A 620 29.50 22.82 -26.84
N ARG A 621 28.55 22.93 -25.92
CA ARG A 621 28.30 24.22 -25.26
C ARG A 621 29.11 24.40 -24.02
N ASN A 622 29.99 23.47 -23.69
CA ASN A 622 30.92 23.50 -22.57
C ASN A 622 30.06 23.56 -21.28
N GLU A 623 28.87 22.89 -21.26
CA GLU A 623 28.00 22.94 -20.05
C GLU A 623 28.41 21.78 -19.15
N THR A 624 28.19 21.93 -17.85
CA THR A 624 28.61 20.86 -16.97
C THR A 624 27.28 20.17 -16.51
N PRO A 625 27.09 18.91 -16.87
CA PRO A 625 25.89 18.19 -16.31
C PRO A 625 26.06 18.04 -14.79
N ILE A 626 24.97 17.84 -14.09
CA ILE A 626 25.05 17.38 -12.71
C ILE A 626 25.52 15.91 -12.75
N TYR A 627 24.86 15.05 -13.56
CA TYR A 627 25.31 13.70 -13.74
C TYR A 627 25.37 13.52 -15.26
N GLU A 628 26.57 13.18 -15.69
CA GLU A 628 26.82 13.07 -17.16
C GLU A 628 26.37 11.71 -17.70
N PHE A 629 26.15 11.64 -19.03
CA PHE A 629 25.99 10.38 -19.74
C PHE A 629 27.08 9.41 -19.35
N GLY A 630 26.69 8.20 -18.96
CA GLY A 630 27.65 7.11 -18.56
C GLY A 630 27.97 7.10 -17.05
N HIS A 631 27.39 8.02 -16.29
CA HIS A 631 27.76 8.11 -14.83
C HIS A 631 26.92 7.05 -14.02
N GLY A 632 27.57 6.32 -13.09
CA GLY A 632 26.79 5.53 -12.12
C GLY A 632 27.85 5.11 -11.08
N LEU A 633 27.44 5.04 -9.80
CA LEU A 633 28.33 4.63 -8.79
C LEU A 633 28.13 3.13 -8.49
N SER A 634 29.04 2.57 -7.66
CA SER A 634 28.98 1.18 -7.30
C SER A 634 29.31 1.10 -5.78
N TYR A 635 29.02 -0.07 -5.20
CA TYR A 635 29.44 -0.29 -3.78
C TYR A 635 30.94 -0.67 -3.74
N THR A 636 31.56 -0.82 -4.92
CA THR A 636 33.08 -0.98 -5.01
C THR A 636 33.64 0.08 -5.94
N THR A 637 34.98 0.07 -6.14
CA THR A 637 35.63 1.07 -7.00
C THR A 637 36.37 0.23 -8.08
N PHE A 638 36.66 0.88 -9.22
CA PHE A 638 37.40 0.21 -10.28
C PHE A 638 38.49 1.15 -10.76
N ASN A 639 39.56 0.58 -11.33
CA ASN A 639 40.69 1.38 -11.87
C ASN A 639 40.81 0.91 -13.35
N TYR A 640 41.12 1.84 -14.23
CA TYR A 640 41.44 1.56 -15.62
C TYR A 640 42.94 1.82 -15.87
N SER A 641 43.67 0.89 -16.50
CA SER A 641 45.11 1.12 -16.72
C SER A 641 45.55 0.43 -18.00
N GLY A 642 46.70 0.87 -18.54
CA GLY A 642 47.27 0.01 -19.58
C GLY A 642 46.48 0.05 -20.89
N LEU A 643 46.22 1.25 -21.43
CA LEU A 643 45.52 1.36 -22.74
C LEU A 643 46.50 1.01 -23.86
N HIS A 644 46.14 0.05 -24.72
CA HIS A 644 46.96 -0.21 -25.95
C HIS A 644 46.09 -0.25 -27.16
N ILE A 645 46.71 0.04 -28.31
CA ILE A 645 45.97 0.11 -29.59
C ILE A 645 46.76 -0.73 -30.57
N GLN A 646 46.06 -1.57 -31.34
CA GLN A 646 46.75 -2.40 -32.37
C GLN A 646 46.07 -2.22 -33.68
N VAL A 647 46.84 -1.88 -34.70
CA VAL A 647 46.26 -1.85 -36.08
C VAL A 647 45.99 -3.29 -36.58
N LEU A 648 44.84 -3.52 -37.19
CA LEU A 648 44.53 -4.84 -37.68
C LEU A 648 44.64 -4.89 -39.24
N ASN A 649 44.85 -6.10 -39.78
CA ASN A 649 44.81 -6.37 -41.24
C ASN A 649 43.31 -6.70 -41.56
N ALA A 650 42.55 -5.81 -42.23
CA ALA A 650 41.08 -6.04 -42.47
C ALA A 650 40.59 -6.80 -43.75
N VAL A 656 31.30 -7.75 -53.34
CA VAL A 656 30.18 -6.74 -53.37
C VAL A 656 29.64 -6.38 -54.79
N ALA A 657 28.41 -6.78 -55.07
CA ALA A 657 27.78 -6.52 -56.38
C ALA A 657 27.67 -5.00 -56.67
N THR A 658 27.76 -4.62 -57.93
CA THR A 658 27.60 -3.20 -58.33
C THR A 658 26.19 -3.00 -58.96
N GLU A 659 25.44 -4.07 -59.24
CA GLU A 659 24.05 -3.81 -59.74
C GLU A 659 23.17 -4.91 -59.14
N THR A 660 21.91 -4.62 -59.13
CA THR A 660 20.90 -5.61 -58.72
C THR A 660 20.46 -6.46 -59.87
N GLY A 661 19.69 -7.49 -59.59
CA GLY A 661 18.92 -8.18 -60.66
C GLY A 661 17.70 -7.38 -61.09
N ALA A 662 17.04 -7.80 -62.19
CA ALA A 662 15.78 -7.14 -62.55
C ALA A 662 14.71 -7.57 -61.56
N ALA A 663 13.63 -6.79 -61.41
CA ALA A 663 12.56 -7.12 -60.46
C ALA A 663 11.78 -8.31 -60.94
N PRO A 664 11.70 -9.32 -60.10
CA PRO A 664 11.00 -10.55 -60.52
C PRO A 664 9.50 -10.49 -60.30
N THR A 665 8.80 -11.38 -60.97
CA THR A 665 7.41 -11.64 -60.62
C THR A 665 7.24 -13.10 -60.28
N PHE A 666 6.31 -13.39 -59.37
CA PHE A 666 6.12 -14.74 -58.86
C PHE A 666 4.65 -15.03 -59.00
N GLY A 667 4.32 -16.02 -59.87
CA GLY A 667 2.87 -16.40 -60.01
C GLY A 667 2.25 -15.49 -61.05
N GLN A 668 0.94 -15.60 -61.27
CA GLN A 668 0.30 -14.90 -62.41
C GLN A 668 -0.88 -14.08 -61.87
N VAL A 669 -1.23 -13.03 -62.62
CA VAL A 669 -2.45 -12.26 -62.40
C VAL A 669 -3.41 -12.47 -63.57
N GLY A 670 -4.66 -12.75 -63.24
CA GLY A 670 -5.68 -12.98 -64.25
C GLY A 670 -6.63 -11.83 -64.44
N ASN A 671 -7.86 -12.13 -64.87
CA ASN A 671 -8.89 -11.10 -65.20
C ASN A 671 -9.45 -10.53 -63.90
N ALA A 672 -9.97 -9.29 -63.94
CA ALA A 672 -10.78 -8.75 -62.80
C ALA A 672 -11.83 -9.73 -62.26
N SER A 673 -12.52 -10.48 -63.14
CA SER A 673 -13.57 -11.44 -62.61
C SER A 673 -12.96 -12.48 -61.63
N ASP A 674 -11.65 -12.79 -61.72
CA ASP A 674 -11.06 -13.70 -60.76
C ASP A 674 -11.05 -13.14 -59.31
N TYR A 675 -11.22 -11.84 -59.19
CA TYR A 675 -11.00 -11.15 -57.87
C TYR A 675 -12.24 -10.54 -57.28
N VAL A 676 -13.41 -10.87 -57.85
CA VAL A 676 -14.67 -10.37 -57.43
C VAL A 676 -15.07 -11.14 -56.13
N TYR A 677 -15.78 -10.50 -55.21
CA TYR A 677 -16.18 -11.27 -53.96
C TYR A 677 -16.77 -12.67 -54.27
N PRO A 678 -16.29 -13.77 -53.61
CA PRO A 678 -16.76 -15.13 -53.77
C PRO A 678 -18.21 -15.24 -53.35
N GLU A 679 -18.99 -16.00 -54.13
CA GLU A 679 -20.43 -15.95 -53.94
C GLU A 679 -20.95 -16.46 -52.59
N GLY A 680 -20.33 -17.50 -52.07
CA GLY A 680 -20.86 -17.95 -50.74
C GLY A 680 -20.24 -17.30 -49.47
N LEU A 681 -19.74 -16.07 -49.55
CA LEU A 681 -19.00 -15.52 -48.36
C LEU A 681 -19.78 -14.39 -47.72
N THR A 682 -20.03 -14.56 -46.41
CA THR A 682 -20.73 -13.49 -45.70
C THR A 682 -19.71 -12.39 -45.37
N ARG A 683 -19.94 -11.16 -45.85
CA ARG A 683 -18.97 -10.08 -45.63
C ARG A 683 -19.29 -9.48 -44.27
N ILE A 684 -18.34 -9.53 -43.38
CA ILE A 684 -18.50 -9.01 -41.99
C ILE A 684 -18.45 -7.53 -41.99
N SER A 685 -19.36 -6.84 -41.23
CA SER A 685 -19.36 -5.38 -41.22
C SER A 685 -18.00 -4.82 -40.79
N LYS A 686 -17.49 -3.83 -41.57
CA LYS A 686 -16.21 -3.12 -41.31
C LYS A 686 -14.98 -3.99 -41.60
N PHE A 687 -15.16 -5.24 -41.97
CA PHE A 687 -13.96 -6.07 -42.22
C PHE A 687 -13.39 -5.71 -43.60
N ILE A 688 -12.06 -5.63 -43.67
CA ILE A 688 -11.34 -5.24 -44.93
C ILE A 688 -10.96 -6.52 -45.69
N TYR A 689 -11.42 -6.54 -46.97
CA TYR A 689 -11.17 -7.70 -47.85
C TYR A 689 -10.33 -7.29 -49.09
N PRO A 690 -9.81 -8.26 -49.84
CA PRO A 690 -8.95 -7.89 -50.99
C PRO A 690 -9.80 -7.79 -52.33
N TRP A 691 -11.10 -8.10 -52.22
CA TRP A 691 -11.94 -8.37 -53.38
C TRP A 691 -12.69 -7.16 -53.92
N LEU A 692 -13.18 -7.31 -55.17
CA LEU A 692 -13.82 -6.23 -55.89
C LEU A 692 -15.33 -6.47 -55.93
N ASN A 693 -16.11 -5.40 -55.87
CA ASN A 693 -17.59 -5.64 -55.96
C ASN A 693 -18.00 -6.15 -57.36
N SER A 694 -17.25 -5.73 -58.38
CA SER A 694 -17.58 -6.23 -59.76
C SER A 694 -16.34 -6.03 -60.64
N THR A 695 -16.44 -6.33 -61.96
CA THR A 695 -15.32 -6.08 -62.83
C THR A 695 -15.21 -4.64 -63.21
N ASP A 696 -16.12 -3.77 -62.79
CA ASP A 696 -15.92 -2.41 -63.04
C ASP A 696 -14.88 -1.87 -62.01
N LEU A 697 -13.67 -1.58 -62.45
CA LEU A 697 -12.56 -1.17 -61.51
C LEU A 697 -12.85 0.14 -60.84
N LYS A 698 -13.27 1.12 -61.63
CA LYS A 698 -13.57 2.45 -61.04
C LYS A 698 -14.67 2.38 -59.98
N ALA A 699 -15.81 1.73 -60.27
CA ALA A 699 -16.91 1.64 -59.36
C ALA A 699 -16.45 0.81 -58.09
N SER A 700 -15.76 -0.29 -58.30
CA SER A 700 -15.30 -1.16 -57.16
C SER A 700 -14.27 -0.42 -56.30
N SER A 701 -13.56 0.57 -56.87
CA SER A 701 -12.62 1.29 -56.01
C SER A 701 -13.34 2.25 -55.14
N GLY A 702 -14.47 2.82 -55.59
CA GLY A 702 -15.07 3.96 -54.81
C GLY A 702 -14.07 5.12 -54.57
N ASP A 703 -13.00 5.27 -55.36
CA ASP A 703 -12.02 6.31 -55.09
C ASP A 703 -12.44 7.57 -55.84
N PRO A 704 -12.73 8.70 -55.13
CA PRO A 704 -13.08 9.91 -55.90
C PRO A 704 -11.95 10.34 -56.93
N TYR A 705 -10.68 9.98 -56.69
CA TYR A 705 -9.59 10.32 -57.62
C TYR A 705 -9.20 9.15 -58.61
N TYR A 706 -10.06 8.14 -58.70
CA TYR A 706 -9.74 6.99 -59.56
C TYR A 706 -9.48 7.46 -61.00
N GLY A 707 -8.33 7.12 -61.58
CA GLY A 707 -8.04 7.50 -62.96
C GLY A 707 -7.81 8.98 -63.24
N VAL A 708 -7.73 9.80 -62.20
CA VAL A 708 -7.51 11.23 -62.38
C VAL A 708 -6.03 11.56 -62.46
N ASP A 709 -5.63 12.07 -63.65
CA ASP A 709 -4.25 12.50 -63.95
C ASP A 709 -3.23 11.43 -63.45
N THR A 710 -3.54 10.17 -63.67
CA THR A 710 -2.71 9.12 -63.02
C THR A 710 -1.19 9.22 -63.24
N ALA A 711 -0.79 9.32 -64.50
CA ALA A 711 0.63 9.40 -64.83
C ALA A 711 1.37 10.47 -64.05
N GLU A 712 0.69 11.62 -63.84
CA GLU A 712 1.34 12.76 -63.24
C GLU A 712 1.61 12.41 -61.77
N HIS A 713 0.86 11.49 -61.23
CA HIS A 713 0.96 11.14 -59.76
C HIS A 713 1.79 9.89 -59.43
N VAL A 714 2.38 9.40 -60.51
CA VAL A 714 3.28 8.25 -60.45
C VAL A 714 4.71 8.77 -60.70
N PRO A 715 5.52 8.76 -59.64
CA PRO A 715 6.82 9.46 -59.78
C PRO A 715 7.74 8.81 -60.79
N GLU A 716 8.68 9.56 -61.35
CA GLU A 716 9.57 8.93 -62.33
C GLU A 716 10.37 7.78 -61.69
N GLY A 717 10.49 6.66 -62.37
CA GLY A 717 11.35 5.56 -61.83
C GLY A 717 10.48 4.64 -60.98
N ALA A 718 9.26 5.06 -60.65
CA ALA A 718 8.44 4.26 -59.70
C ALA A 718 7.96 2.93 -60.22
N THR A 719 7.90 2.79 -61.55
CA THR A 719 7.58 1.48 -62.09
C THR A 719 8.76 0.85 -62.88
N ASP A 720 9.98 1.30 -62.67
CA ASP A 720 11.18 0.77 -63.32
C ASP A 720 11.63 -0.55 -62.67
N GLY A 721 11.28 -1.70 -63.28
CA GLY A 721 11.73 -3.02 -62.80
C GLY A 721 13.07 -3.47 -63.36
N SER A 722 13.86 -2.57 -63.94
CA SER A 722 15.12 -2.99 -64.53
C SER A 722 16.22 -3.03 -63.45
N PRO A 723 17.40 -3.63 -63.76
CA PRO A 723 18.44 -3.73 -62.73
C PRO A 723 18.82 -2.38 -62.28
N GLN A 724 19.14 -2.22 -61.00
CA GLN A 724 19.56 -0.90 -60.46
C GLN A 724 20.99 -0.90 -59.98
N PRO A 725 21.60 0.32 -59.92
CA PRO A 725 22.91 0.53 -59.34
C PRO A 725 22.78 0.16 -57.84
N VAL A 726 23.84 -0.48 -57.34
CA VAL A 726 24.03 -0.61 -55.86
C VAL A 726 24.69 0.66 -55.31
N LEU A 727 24.13 1.31 -54.27
CA LEU A 727 24.75 2.57 -53.75
C LEU A 727 26.09 2.24 -53.17
N PRO A 728 26.99 3.21 -53.13
CA PRO A 728 28.39 3.04 -52.63
C PRO A 728 28.28 2.52 -51.14
N ALA A 729 27.29 3.03 -50.41
CA ALA A 729 27.21 2.71 -48.93
C ALA A 729 26.32 1.48 -48.71
N GLY A 730 25.84 0.87 -49.81
CA GLY A 730 24.90 -0.24 -49.76
C GLY A 730 25.63 -1.55 -50.08
N GLY A 731 24.79 -2.55 -50.36
CA GLY A 731 25.23 -3.87 -50.86
C GLY A 731 25.50 -4.87 -49.75
N GLY A 732 25.10 -4.57 -48.52
CA GLY A 732 25.31 -5.61 -47.47
C GLY A 732 24.09 -5.59 -46.55
N SER A 733 24.27 -5.82 -45.26
CA SER A 733 23.07 -5.79 -44.38
C SER A 733 23.42 -4.77 -43.32
N GLY A 734 22.69 -3.64 -43.26
CA GLY A 734 23.13 -2.53 -42.38
C GLY A 734 24.22 -1.70 -43.02
N GLY A 735 24.41 -1.84 -44.35
CA GLY A 735 25.45 -1.02 -45.05
C GLY A 735 26.47 -1.99 -45.74
N ASN A 736 27.18 -1.42 -46.75
CA ASN A 736 28.29 -2.11 -47.38
C ASN A 736 29.12 -2.92 -46.35
N PRO A 737 29.43 -4.20 -46.67
CA PRO A 737 30.11 -5.01 -45.65
C PRO A 737 31.47 -4.44 -45.25
N ARG A 738 32.08 -3.62 -46.13
CA ARG A 738 33.37 -3.08 -45.77
C ARG A 738 33.28 -2.14 -44.52
N LEU A 739 32.09 -1.63 -44.22
CA LEU A 739 31.93 -0.75 -43.03
C LEU A 739 32.19 -1.51 -41.76
N TYR A 740 32.05 -2.86 -41.81
CA TYR A 740 32.20 -3.69 -40.59
C TYR A 740 33.56 -4.37 -40.50
N ASP A 741 34.44 -4.04 -41.45
CA ASP A 741 35.85 -4.47 -41.30
C ASP A 741 36.39 -3.93 -39.96
N GLU A 742 37.15 -4.72 -39.24
CA GLU A 742 37.72 -4.27 -38.00
C GLU A 742 39.13 -3.69 -38.21
N LEU A 743 39.33 -2.44 -37.84
CA LEU A 743 40.56 -1.74 -38.26
C LEU A 743 41.55 -1.59 -37.14
N ILE A 744 41.02 -1.52 -35.88
CA ILE A 744 41.88 -1.28 -34.74
C ILE A 744 41.39 -2.10 -33.59
N ARG A 745 42.28 -2.73 -32.88
CA ARG A 745 41.91 -3.47 -31.63
C ARG A 745 42.35 -2.61 -30.46
N VAL A 746 41.53 -2.50 -29.42
CA VAL A 746 41.86 -1.65 -28.29
C VAL A 746 41.78 -2.53 -27.05
N SER A 747 42.75 -2.44 -26.14
CA SER A 747 42.65 -3.16 -24.90
C SER A 747 43.00 -2.22 -23.72
N VAL A 748 42.46 -2.56 -22.56
CA VAL A 748 42.71 -1.82 -21.34
C VAL A 748 42.44 -2.81 -20.18
N THR A 749 43.13 -2.62 -19.05
CA THR A 749 42.98 -3.50 -17.84
C THR A 749 42.01 -2.79 -16.90
N VAL A 750 41.03 -3.56 -16.45
CA VAL A 750 40.07 -3.01 -15.50
C VAL A 750 40.17 -3.86 -14.24
N LYS A 751 40.23 -3.20 -13.10
CA LYS A 751 40.43 -3.87 -11.84
C LYS A 751 39.40 -3.37 -10.86
N ASN A 752 38.89 -4.34 -10.10
CA ASN A 752 38.09 -3.98 -8.88
C ASN A 752 39.05 -3.64 -7.71
N THR A 753 39.12 -2.39 -7.35
CA THR A 753 40.06 -1.92 -6.32
C THR A 753 39.39 -1.82 -4.94
N GLY A 754 38.13 -2.30 -4.84
CA GLY A 754 37.33 -2.14 -3.63
C GLY A 754 37.18 -3.45 -2.94
N ARG A 755 36.20 -3.48 -1.99
CA ARG A 755 36.01 -4.67 -1.13
C ARG A 755 34.83 -5.55 -1.38
N VAL A 756 34.04 -5.22 -2.42
CA VAL A 756 32.81 -5.99 -2.74
C VAL A 756 32.79 -6.39 -4.23
N ALA A 757 32.35 -7.61 -4.58
CA ALA A 757 32.23 -7.99 -6.00
C ALA A 757 31.24 -6.99 -6.67
N GLY A 758 31.44 -6.73 -7.95
CA GLY A 758 30.61 -5.67 -8.55
C GLY A 758 30.85 -5.73 -10.07
N ASP A 759 29.93 -5.13 -10.86
CA ASP A 759 30.19 -4.97 -12.27
C ASP A 759 30.71 -3.58 -12.61
N ALA A 760 31.69 -3.55 -13.54
CA ALA A 760 32.23 -2.28 -14.05
C ALA A 760 31.59 -2.17 -15.45
N VAL A 761 31.42 -0.93 -15.93
CA VAL A 761 30.89 -0.72 -17.35
C VAL A 761 31.98 0.21 -17.97
N PRO A 762 33.08 -0.39 -18.38
CA PRO A 762 34.11 0.41 -19.10
C PRO A 762 33.48 0.99 -20.39
N GLN A 763 33.91 2.22 -20.74
CA GLN A 763 33.28 2.86 -21.90
C GLN A 763 34.41 3.39 -22.75
N LEU A 764 34.29 3.21 -24.05
CA LEU A 764 35.36 3.62 -25.06
C LEU A 764 34.67 4.65 -25.92
N TYR A 765 35.25 5.85 -25.94
CA TYR A 765 34.76 6.97 -26.78
C TYR A 765 35.87 7.24 -27.83
N VAL A 766 35.47 7.82 -28.93
CA VAL A 766 36.46 8.28 -29.91
C VAL A 766 36.26 9.72 -30.12
N SER A 767 37.27 10.41 -30.68
CA SER A 767 37.09 11.81 -31.07
C SER A 767 37.47 11.73 -32.57
N LEU A 768 36.49 11.98 -33.43
CA LEU A 768 36.74 11.76 -34.87
C LEU A 768 37.46 13.00 -35.49
N GLY A 769 37.42 14.10 -34.77
CA GLY A 769 38.18 15.28 -35.21
C GLY A 769 37.41 16.07 -36.19
N GLY A 770 37.82 17.33 -36.30
CA GLY A 770 37.10 18.21 -37.27
C GLY A 770 36.31 19.28 -36.55
N PRO A 771 36.07 20.42 -37.23
CA PRO A 771 35.52 21.58 -36.49
C PRO A 771 34.01 21.44 -36.11
N ASN A 772 33.24 20.61 -36.77
CA ASN A 772 31.89 20.53 -36.23
C ASN A 772 31.59 19.06 -35.74
N GLU A 773 32.58 18.34 -35.26
CA GLU A 773 32.33 16.99 -34.69
C GLU A 773 32.26 17.08 -33.17
N PRO A 774 31.41 16.27 -32.57
CA PRO A 774 31.49 16.19 -31.09
C PRO A 774 32.84 15.92 -30.55
N LYS A 775 33.13 16.49 -29.40
CA LYS A 775 34.44 16.22 -28.72
C LYS A 775 34.69 14.73 -28.46
N VAL A 776 33.66 14.01 -27.98
CA VAL A 776 33.74 12.55 -27.79
C VAL A 776 32.39 11.94 -28.20
N VAL A 777 32.47 10.70 -28.72
CA VAL A 777 31.25 9.94 -29.08
C VAL A 777 31.49 8.50 -28.61
N LEU A 778 30.47 7.89 -27.97
CA LEU A 778 30.67 6.52 -27.51
C LEU A 778 30.78 5.62 -28.68
N ARG A 779 31.66 4.63 -28.57
CA ARG A 779 31.67 3.56 -29.59
C ARG A 779 31.60 2.16 -29.00
N LYS A 780 32.26 1.86 -27.85
CA LYS A 780 32.18 0.48 -27.33
C LYS A 780 31.91 0.52 -25.80
N PHE A 781 31.36 -0.59 -25.32
CA PHE A 781 31.21 -0.73 -23.88
C PHE A 781 30.98 -2.19 -23.55
N ASP A 782 31.05 -2.56 -22.24
CA ASP A 782 30.66 -3.93 -21.85
C ASP A 782 30.43 -3.84 -20.39
N ARG A 783 29.88 -4.91 -19.83
CA ARG A 783 29.62 -4.85 -18.39
C ARG A 783 30.30 -6.07 -17.82
N LEU A 784 31.30 -5.86 -16.91
CA LEU A 784 32.27 -6.92 -16.52
C LEU A 784 32.13 -7.18 -15.06
N THR A 785 31.87 -8.45 -14.68
CA THR A 785 31.76 -8.78 -13.26
C THR A 785 33.15 -9.08 -12.70
N LEU A 786 33.51 -8.41 -11.59
CA LEU A 786 34.83 -8.60 -11.00
C LEU A 786 34.69 -8.79 -9.49
N LYS A 787 35.43 -9.77 -8.93
CA LYS A 787 35.57 -9.93 -7.45
C LYS A 787 36.57 -8.96 -6.95
N PRO A 788 36.63 -8.68 -5.61
CA PRO A 788 37.54 -7.67 -5.07
C PRO A 788 39.00 -8.04 -5.47
N SER A 789 39.72 -7.03 -5.90
CA SER A 789 41.08 -7.19 -6.44
C SER A 789 41.23 -7.85 -7.79
N GLU A 790 40.14 -8.41 -8.34
CA GLU A 790 40.22 -9.08 -9.62
C GLU A 790 40.45 -8.06 -10.76
N GLU A 791 41.27 -8.51 -11.75
CA GLU A 791 41.62 -7.67 -12.96
C GLU A 791 41.19 -8.44 -14.17
N THR A 792 40.90 -7.74 -15.28
CA THR A 792 40.64 -8.44 -16.52
C THR A 792 41.07 -7.48 -17.63
N VAL A 793 41.41 -8.03 -18.81
CA VAL A 793 41.76 -7.20 -19.94
C VAL A 793 40.51 -7.12 -20.82
N TRP A 794 40.03 -5.90 -20.99
CA TRP A 794 38.83 -5.63 -21.81
C TRP A 794 39.30 -5.34 -23.24
N THR A 795 38.99 -6.21 -24.20
CA THR A 795 39.48 -5.97 -25.59
C THR A 795 38.32 -5.75 -26.49
N THR A 796 38.39 -4.73 -27.34
CA THR A 796 37.29 -4.44 -28.24
C THR A 796 37.92 -4.01 -29.60
N THR A 797 37.10 -3.87 -30.60
CA THR A 797 37.61 -3.41 -31.91
C THR A 797 36.80 -2.26 -32.44
N LEU A 798 37.43 -1.37 -33.20
CA LEU A 798 36.73 -0.26 -33.91
C LEU A 798 36.67 -0.67 -35.35
N THR A 799 35.48 -0.58 -35.93
CA THR A 799 35.29 -0.94 -37.34
C THR A 799 35.50 0.32 -38.19
N ARG A 800 35.42 0.15 -39.53
CA ARG A 800 35.57 1.29 -40.42
C ARG A 800 34.41 2.28 -40.19
N ARG A 801 33.19 1.73 -40.00
CA ARG A 801 32.03 2.62 -39.69
C ARG A 801 32.28 3.44 -38.41
N ASP A 802 32.91 2.82 -37.38
CA ASP A 802 33.13 3.48 -36.07
C ASP A 802 34.00 4.70 -36.21
N LEU A 803 34.86 4.67 -37.28
CA LEU A 803 35.85 5.79 -37.41
C LEU A 803 35.42 6.73 -38.54
N SER A 804 34.23 6.56 -39.13
CA SER A 804 33.82 7.37 -40.29
C SER A 804 32.87 8.47 -39.99
N ASN A 805 32.75 9.39 -40.94
CA ASN A 805 31.68 10.37 -40.94
C ASN A 805 30.88 10.24 -42.21
N TRP A 806 29.63 10.68 -42.20
CA TRP A 806 28.87 10.55 -43.41
C TRP A 806 29.23 11.78 -44.31
N ASP A 807 29.66 11.47 -45.54
CA ASP A 807 30.05 12.50 -46.51
C ASP A 807 28.90 12.60 -47.55
N VAL A 808 28.17 13.71 -47.54
CA VAL A 808 26.96 13.85 -48.35
C VAL A 808 27.34 13.99 -49.88
N ALA A 809 28.51 14.54 -50.18
CA ALA A 809 28.96 14.56 -51.63
C ALA A 809 29.28 13.14 -52.15
N ALA A 810 30.00 12.33 -51.37
CA ALA A 810 30.25 10.91 -51.72
C ALA A 810 29.03 10.01 -51.61
N GLN A 811 28.02 10.38 -50.78
CA GLN A 811 26.96 9.42 -50.34
C GLN A 811 27.61 8.18 -49.79
N ASP A 812 28.58 8.36 -48.87
CA ASP A 812 29.22 7.25 -48.34
C ASP A 812 29.83 7.63 -46.98
N TRP A 813 30.20 6.60 -46.23
CA TRP A 813 30.93 6.83 -45.00
C TRP A 813 32.41 7.01 -45.41
N VAL A 814 33.07 7.99 -44.80
CA VAL A 814 34.47 8.29 -45.10
C VAL A 814 35.25 8.48 -43.82
N ILE A 815 36.47 7.95 -43.75
CA ILE A 815 37.31 8.24 -42.58
C ILE A 815 38.05 9.53 -42.94
N THR A 816 37.73 10.59 -42.25
CA THR A 816 38.22 11.94 -42.63
C THR A 816 39.71 12.04 -42.27
N SER A 817 40.42 13.05 -42.79
CA SER A 817 41.85 13.11 -42.52
C SER A 817 42.18 13.73 -41.17
N TYR A 818 41.20 14.28 -40.46
CA TYR A 818 41.53 14.77 -39.11
C TYR A 818 42.04 13.64 -38.24
N PRO A 819 43.02 13.92 -37.38
CA PRO A 819 43.61 12.89 -36.47
C PRO A 819 42.48 12.48 -35.47
N LYS A 820 42.43 11.19 -35.23
CA LYS A 820 41.39 10.61 -34.31
C LYS A 820 42.10 10.20 -33.01
N LYS A 821 41.31 10.12 -31.90
CA LYS A 821 41.89 9.66 -30.64
C LYS A 821 40.85 8.68 -30.00
N VAL A 822 41.34 7.82 -29.16
CA VAL A 822 40.39 6.95 -28.33
C VAL A 822 40.55 7.35 -26.89
N HIS A 823 39.45 7.15 -26.11
CA HIS A 823 39.48 7.59 -24.70
C HIS A 823 38.72 6.48 -23.96
N VAL A 824 39.28 5.98 -22.85
CA VAL A 824 38.59 4.90 -22.14
C VAL A 824 38.43 5.34 -20.69
N GLY A 825 37.24 4.99 -20.10
CA GLY A 825 37.11 5.39 -18.69
C GLY A 825 35.69 4.99 -18.23
N SER A 826 35.19 5.69 -17.20
CA SER A 826 33.99 5.19 -16.49
C SER A 826 32.80 6.02 -16.85
N SER A 827 32.99 7.17 -17.51
CA SER A 827 31.84 7.93 -18.02
C SER A 827 32.26 8.86 -19.18
N SER A 828 31.33 9.59 -19.72
CA SER A 828 31.66 10.54 -20.84
C SER A 828 32.57 11.68 -20.35
N ARG A 829 32.65 11.93 -19.01
CA ARG A 829 33.47 13.03 -18.46
C ARG A 829 34.59 12.46 -17.57
N GLN A 830 34.66 11.14 -17.42
CA GLN A 830 35.73 10.58 -16.57
C GLN A 830 36.49 9.59 -17.46
N LEU A 831 37.51 10.11 -18.17
CA LEU A 831 38.20 9.35 -19.20
C LEU A 831 39.72 9.47 -18.93
N PRO A 832 40.25 8.67 -18.05
CA PRO A 832 41.66 8.91 -17.63
C PRO A 832 42.68 8.48 -18.66
N LEU A 833 42.29 7.64 -19.62
CA LEU A 833 43.24 6.96 -20.57
C LEU A 833 42.91 7.47 -21.95
N HIS A 834 43.93 7.83 -22.74
CA HIS A 834 43.65 8.48 -24.06
C HIS A 834 44.79 8.00 -24.97
N ALA A 835 44.50 7.74 -26.23
CA ALA A 835 45.65 7.37 -27.14
C ALA A 835 45.33 7.96 -28.49
N ALA A 836 46.34 8.51 -29.18
CA ALA A 836 46.08 8.85 -30.60
C ALA A 836 45.94 7.58 -31.42
N LEU A 837 45.16 7.66 -32.47
CA LEU A 837 44.96 6.54 -33.35
C LEU A 837 45.83 6.76 -34.63
N PRO A 838 46.44 5.70 -35.13
CA PRO A 838 47.17 5.79 -36.39
C PRO A 838 46.17 5.88 -37.56
N LYS A 839 46.69 6.44 -38.66
CA LYS A 839 45.89 6.62 -39.88
C LYS A 839 45.56 5.23 -40.40
N VAL A 840 44.27 4.99 -40.64
CA VAL A 840 43.78 3.75 -41.16
C VAL A 840 42.72 4.14 -42.21
N GLN A 841 42.42 3.25 -43.15
CA GLN A 841 41.27 3.49 -44.06
C GLN A 841 40.46 2.27 -44.45
N LEU B 3 -35.62 14.70 39.80
CA LEU B 3 -34.46 14.04 39.10
C LEU B 3 -33.93 12.90 39.98
N ALA B 4 -33.28 11.94 39.34
CA ALA B 4 -32.66 10.87 40.13
C ALA B 4 -31.71 11.37 41.15
N PHE B 5 -31.56 10.64 42.25
CA PHE B 5 -30.81 11.10 43.40
C PHE B 5 -29.89 9.98 43.84
N SER B 6 -28.69 10.36 44.32
CA SER B 6 -27.71 9.34 44.65
C SER B 6 -27.55 9.43 46.20
N PRO B 7 -28.06 8.43 46.91
CA PRO B 7 -28.04 8.53 48.39
C PRO B 7 -26.67 8.40 48.96
N PRO B 8 -26.44 8.96 50.13
CA PRO B 8 -25.07 8.97 50.71
C PRO B 8 -24.70 7.60 51.28
N PHE B 9 -23.41 7.29 51.31
CA PHE B 9 -22.96 6.18 52.10
C PHE B 9 -21.61 6.57 52.65
N TYR B 10 -21.57 6.75 53.98
CA TYR B 10 -20.33 7.20 54.67
C TYR B 10 -20.27 6.42 55.98
N PRO B 11 -19.04 6.24 56.55
CA PRO B 11 -17.78 6.81 56.10
C PRO B 11 -17.15 5.98 54.97
N SER B 12 -16.11 6.58 54.35
CA SER B 12 -15.39 5.83 53.30
C SER B 12 -14.57 4.69 53.93
N PRO B 13 -14.81 3.40 53.54
CA PRO B 13 -14.23 2.28 54.22
C PRO B 13 -12.69 2.40 54.17
N TRP B 14 -12.02 2.09 55.27
CA TRP B 14 -10.57 2.01 55.25
C TRP B 14 -10.06 0.60 54.92
N ALA B 15 -8.90 0.52 54.32
CA ALA B 15 -8.30 -0.77 53.94
C ALA B 15 -8.08 -1.65 55.17
N ASN B 16 -8.10 -2.95 54.93
CA ASN B 16 -7.78 -3.80 56.13
C ASN B 16 -6.92 -5.02 55.88
N GLY B 17 -6.09 -5.03 54.82
CA GLY B 17 -5.21 -6.21 54.50
C GLY B 17 -6.06 -7.45 54.11
N GLN B 18 -7.26 -7.24 53.60
CA GLN B 18 -8.15 -8.36 53.23
C GLN B 18 -7.41 -9.43 52.34
N GLY B 19 -7.74 -10.73 52.47
CA GLY B 19 -7.24 -11.78 51.49
C GLY B 19 -5.76 -11.67 51.04
N GLU B 20 -5.61 -11.59 49.74
CA GLU B 20 -4.29 -11.59 49.19
C GLU B 20 -3.58 -10.20 49.43
N TRP B 21 -4.24 -9.26 50.12
CA TRP B 21 -3.60 -7.94 50.32
C TRP B 21 -2.82 -7.85 51.64
N ALA B 22 -2.79 -8.94 52.42
CA ALA B 22 -2.31 -8.87 53.81
C ALA B 22 -0.85 -8.32 53.84
N GLU B 23 0.02 -8.91 53.03
CA GLU B 23 1.44 -8.52 53.03
C GLU B 23 1.68 -7.12 52.48
N ALA B 24 1.03 -6.79 51.35
CA ALA B 24 1.18 -5.47 50.73
C ALA B 24 0.64 -4.36 51.69
N TYR B 25 -0.44 -4.69 52.39
CA TYR B 25 -1.00 -3.76 53.35
C TYR B 25 -0.03 -3.54 54.51
N GLN B 26 0.49 -4.59 55.11
CA GLN B 26 1.46 -4.35 56.23
C GLN B 26 2.64 -3.50 55.77
N ARG B 27 3.19 -3.81 54.58
CA ARG B 27 4.26 -2.98 54.09
C ARG B 27 3.86 -1.53 53.87
N ALA B 28 2.64 -1.32 53.31
CA ALA B 28 2.18 0.04 53.07
C ALA B 28 2.00 0.78 54.43
N VAL B 29 1.43 0.08 55.43
CA VAL B 29 1.27 0.80 56.77
C VAL B 29 2.61 1.16 57.36
N ALA B 30 3.62 0.27 57.22
CA ALA B 30 4.98 0.56 57.73
C ALA B 30 5.64 1.77 57.10
N ILE B 31 5.48 1.95 55.79
CA ILE B 31 6.06 3.11 55.13
C ILE B 31 5.24 4.39 55.34
N VAL B 32 3.91 4.31 55.20
CA VAL B 32 3.09 5.51 55.33
C VAL B 32 3.25 6.03 56.77
N SER B 33 3.46 5.11 57.73
CA SER B 33 3.63 5.57 59.14
C SER B 33 4.85 6.43 59.31
N GLN B 34 5.80 6.41 58.37
CA GLN B 34 6.99 7.24 58.46
C GLN B 34 6.76 8.58 57.75
N MET B 35 5.65 8.78 57.00
CA MET B 35 5.48 9.95 56.17
C MET B 35 4.92 11.15 56.90
N THR B 36 5.36 12.31 56.44
CA THR B 36 4.77 13.60 56.91
C THR B 36 3.51 13.86 56.12
N LEU B 37 2.69 14.83 56.56
CA LEU B 37 1.39 14.95 55.86
C LEU B 37 1.59 15.41 54.38
N ASP B 38 2.56 16.28 54.12
CA ASP B 38 2.76 16.73 52.74
C ASP B 38 3.26 15.57 51.86
N GLU B 39 4.00 14.61 52.44
CA GLU B 39 4.44 13.44 51.64
C GLU B 39 3.23 12.58 51.26
N LYS B 40 2.38 12.30 52.23
CA LYS B 40 1.12 11.57 51.94
C LYS B 40 0.34 12.29 50.86
N VAL B 41 0.18 13.62 50.98
CA VAL B 41 -0.60 14.31 49.94
C VAL B 41 0.07 14.19 48.55
N ASN B 42 1.43 14.22 48.50
CA ASN B 42 2.13 14.02 47.19
C ASN B 42 1.72 12.68 46.55
N LEU B 43 1.52 11.64 47.37
CA LEU B 43 1.12 10.34 46.72
C LEU B 43 -0.29 10.43 46.09
N THR B 44 -1.15 11.37 46.54
CA THR B 44 -2.55 11.37 46.15
C THR B 44 -2.79 12.28 44.99
N THR B 45 -1.83 13.19 44.62
CA THR B 45 -2.19 14.27 43.67
C THR B 45 -1.15 14.32 42.52
N GLY B 46 -1.64 14.21 41.30
CA GLY B 46 -0.80 14.35 40.13
C GLY B 46 -0.13 15.73 40.11
N THR B 47 0.97 15.85 39.34
CA THR B 47 1.73 17.15 39.42
C THR B 47 1.31 18.15 38.37
N GLY B 48 0.29 17.84 37.57
CA GLY B 48 -0.24 18.85 36.62
C GLY B 48 -0.10 18.38 35.19
N TRP B 49 -1.03 18.79 34.32
CA TRP B 49 -1.03 18.27 32.94
C TRP B 49 0.26 18.58 32.17
N GLU B 50 0.91 17.53 31.69
CA GLU B 50 2.13 17.66 30.92
C GLU B 50 3.30 18.27 31.67
N LEU B 51 3.33 18.12 33.01
CA LEU B 51 4.43 18.76 33.72
C LEU B 51 5.64 17.81 33.79
N GLU B 52 5.34 16.46 33.73
CA GLU B 52 6.49 15.51 33.80
C GLU B 52 6.48 14.59 32.59
N LYS B 53 6.59 13.27 32.79
CA LYS B 53 6.74 12.43 31.56
C LYS B 53 5.46 11.74 31.19
N CYS B 54 4.74 11.24 32.20
CA CYS B 54 3.61 10.34 31.89
C CYS B 54 2.31 11.06 31.84
N VAL B 55 1.29 10.45 31.22
CA VAL B 55 0.02 11.23 31.03
C VAL B 55 -0.55 11.52 32.45
N GLY B 56 -0.30 10.65 33.44
CA GLY B 56 -0.55 10.99 34.82
C GLY B 56 0.78 10.82 35.57
N GLN B 57 1.10 11.73 36.53
CA GLN B 57 2.35 11.37 37.28
C GLN B 57 2.24 12.07 38.66
N THR B 58 2.58 11.36 39.76
CA THR B 58 2.57 12.01 41.08
C THR B 58 4.03 12.31 41.41
N GLY B 59 4.23 13.11 42.47
CA GLY B 59 5.64 13.55 42.71
C GLY B 59 6.40 12.63 43.59
N GLY B 60 5.70 11.67 44.20
CA GLY B 60 6.43 10.59 44.95
C GLY B 60 6.85 11.13 46.36
N VAL B 61 7.71 10.39 47.02
CA VAL B 61 8.14 10.80 48.37
C VAL B 61 9.65 10.61 48.40
N PRO B 62 10.34 11.62 47.89
CA PRO B 62 11.78 11.36 47.67
C PRO B 62 12.60 11.01 48.94
N ARG B 63 12.15 11.50 50.09
CA ARG B 63 12.91 11.28 51.37
C ARG B 63 12.88 9.84 51.67
N LEU B 64 11.79 9.14 51.25
CA LEU B 64 11.71 7.72 51.55
C LEU B 64 11.99 6.83 50.26
N ASN B 65 12.71 7.41 49.32
CA ASN B 65 13.10 6.74 48.08
C ASN B 65 11.86 6.17 47.32
N ILE B 66 10.74 6.84 47.34
CA ILE B 66 9.54 6.37 46.54
C ILE B 66 9.53 7.32 45.36
N GLY B 67 9.79 6.78 44.18
CA GLY B 67 9.80 7.62 42.97
C GLY B 67 8.33 7.99 42.64
N GLY B 68 8.17 9.16 42.04
CA GLY B 68 6.82 9.60 41.54
C GLY B 68 6.17 8.44 40.79
N MET B 69 4.84 8.28 40.95
CA MET B 69 4.19 7.16 40.19
C MET B 69 3.78 7.64 38.82
N CYS B 70 4.24 6.85 37.83
CA CYS B 70 3.97 7.20 36.39
C CYS B 70 2.76 6.33 35.96
N LEU B 71 1.71 7.01 35.48
CA LEU B 71 0.44 6.34 35.11
C LEU B 71 0.29 6.58 33.57
N GLN B 72 0.12 5.50 32.75
CA GLN B 72 0.13 5.72 31.32
C GLN B 72 -1.02 4.90 30.67
N ASP B 73 -1.70 5.54 29.69
CA ASP B 73 -2.56 4.76 28.79
C ASP B 73 -1.72 3.85 27.91
N SER B 74 -2.25 2.84 27.23
CA SER B 74 -3.74 2.60 27.09
C SER B 74 -4.00 1.18 27.41
N PRO B 75 -5.28 0.77 27.36
CA PRO B 75 -5.58 -0.66 27.58
C PRO B 75 -5.10 -1.59 26.47
N LEU B 76 -4.51 -1.09 25.36
CA LEU B 76 -4.04 -2.01 24.29
C LEU B 76 -2.57 -1.76 23.91
N GLY B 77 -1.86 -0.95 24.72
CA GLY B 77 -0.42 -0.74 24.45
C GLY B 77 -0.08 0.64 24.96
N ILE B 78 1.24 0.88 25.09
CA ILE B 78 1.66 2.14 25.73
C ILE B 78 1.32 3.31 24.79
N ARG B 79 0.67 4.37 25.36
CA ARG B 79 0.29 5.54 24.53
C ARG B 79 1.45 6.52 24.51
N ASP B 80 1.52 7.30 23.40
CA ASP B 80 2.42 8.51 23.36
C ASP B 80 3.85 8.17 23.62
N SER B 81 4.28 7.01 23.14
CA SER B 81 5.65 6.55 23.36
C SER B 81 6.35 6.06 22.07
N ASP B 82 7.50 5.39 22.20
CA ASP B 82 8.09 4.89 20.96
C ASP B 82 8.61 3.49 21.19
N TYR B 83 8.80 2.78 20.09
CA TYR B 83 9.37 1.42 20.10
C TYR B 83 8.59 0.48 21.03
N ASN B 84 7.25 0.65 21.00
CA ASN B 84 6.35 -0.22 21.72
C ASN B 84 5.45 -0.98 20.75
N SER B 85 4.69 -1.95 21.27
CA SER B 85 3.79 -2.66 20.36
C SER B 85 2.37 -2.09 20.43
N ALA B 86 1.55 -2.48 19.42
CA ALA B 86 0.15 -2.05 19.36
C ALA B 86 -0.65 -3.30 19.34
N PHE B 87 -1.27 -3.63 20.44
CA PHE B 87 -2.01 -4.91 20.58
C PHE B 87 -3.44 -4.76 20.01
N PRO B 88 -4.10 -5.92 19.75
CA PRO B 88 -5.54 -5.86 19.38
C PRO B 88 -6.34 -5.24 20.49
N ALA B 89 -7.48 -4.61 20.13
CA ALA B 89 -8.31 -4.00 21.15
C ALA B 89 -8.98 -5.06 22.09
N GLY B 90 -9.50 -4.55 23.21
CA GLY B 90 -10.20 -5.44 24.13
C GLY B 90 -11.32 -6.20 23.47
N VAL B 91 -12.07 -5.58 22.56
CA VAL B 91 -13.17 -6.34 22.00
C VAL B 91 -12.67 -7.56 21.23
N ASN B 92 -11.44 -7.49 20.65
CA ASN B 92 -10.90 -8.67 19.99
C ASN B 92 -10.55 -9.74 21.04
N VAL B 93 -10.08 -9.31 22.24
CA VAL B 93 -9.86 -10.30 23.30
C VAL B 93 -11.24 -10.95 23.61
N ALA B 94 -12.30 -10.17 23.73
CA ALA B 94 -13.63 -10.79 23.99
C ALA B 94 -13.97 -11.83 22.89
N ALA B 95 -13.66 -11.50 21.60
CA ALA B 95 -13.97 -12.44 20.51
C ALA B 95 -13.15 -13.74 20.61
N THR B 96 -11.97 -13.76 21.27
CA THR B 96 -11.24 -15.03 21.34
C THR B 96 -11.96 -16.00 22.27
N TRP B 97 -12.73 -15.47 23.20
CA TRP B 97 -13.31 -16.30 24.24
C TRP B 97 -12.27 -17.14 24.97
N ASP B 98 -11.08 -16.57 25.13
CA ASP B 98 -9.88 -17.36 25.46
C ASP B 98 -9.23 -16.66 26.67
N LYS B 99 -9.47 -17.26 27.85
CA LYS B 99 -8.88 -16.73 29.11
C LYS B 99 -7.34 -16.71 29.03
N ASN B 100 -6.73 -17.73 28.43
CA ASN B 100 -5.33 -17.74 28.37
C ASN B 100 -4.69 -16.63 27.49
N LEU B 101 -5.32 -16.36 26.32
CA LEU B 101 -4.87 -15.30 25.48
C LEU B 101 -5.06 -13.96 26.21
N ALA B 102 -6.18 -13.81 26.93
CA ALA B 102 -6.42 -12.56 27.64
C ALA B 102 -5.20 -12.36 28.63
N TYR B 103 -4.84 -13.43 29.29
CA TYR B 103 -3.78 -13.35 30.28
C TYR B 103 -2.46 -12.99 29.58
N LEU B 104 -2.19 -13.71 28.52
CA LEU B 104 -0.86 -13.52 27.84
C LEU B 104 -0.74 -12.15 27.23
N ARG B 105 -1.84 -11.62 26.68
CA ARG B 105 -1.81 -10.21 26.19
C ARG B 105 -1.58 -9.24 27.37
N GLY B 106 -2.22 -9.53 28.55
CA GLY B 106 -1.94 -8.73 29.78
C GLY B 106 -0.43 -8.73 30.16
N GLN B 107 0.18 -9.92 30.11
CA GLN B 107 1.58 -10.11 30.51
C GLN B 107 2.44 -9.33 29.54
N ALA B 108 2.15 -9.49 28.24
CA ALA B 108 3.06 -8.86 27.21
C ALA B 108 2.92 -7.38 27.37
N MET B 109 1.69 -6.83 27.59
CA MET B 109 1.59 -5.39 27.83
C MET B 109 2.36 -4.94 29.12
N GLY B 110 2.15 -5.67 30.17
CA GLY B 110 2.75 -5.30 31.50
C GLY B 110 4.26 -5.24 31.25
N GLN B 111 4.83 -6.22 30.55
CA GLN B 111 6.29 -6.19 30.43
C GLN B 111 6.71 -4.92 29.69
N GLU B 112 5.98 -4.53 28.61
CA GLU B 112 6.40 -3.31 27.92
C GLU B 112 6.28 -2.04 28.78
N PHE B 113 5.13 -1.89 29.46
CA PHE B 113 4.95 -0.70 30.32
C PHE B 113 6.04 -0.70 31.41
N SER B 114 6.33 -1.90 32.00
CA SER B 114 7.34 -1.93 33.06
C SER B 114 8.68 -1.37 32.52
N ASP B 115 9.08 -1.86 31.35
CA ASP B 115 10.39 -1.48 30.74
C ASP B 115 10.50 -0.05 30.29
N LYS B 116 9.39 0.70 30.13
CA LYS B 116 9.45 2.12 29.95
C LYS B 116 9.49 2.90 31.28
N GLY B 117 9.56 2.21 32.42
CA GLY B 117 9.45 2.96 33.72
C GLY B 117 8.06 3.44 34.07
N ILE B 118 7.04 2.71 33.59
CA ILE B 118 5.63 3.02 33.87
C ILE B 118 5.18 2.12 35.02
N ASP B 119 4.60 2.74 36.05
CA ASP B 119 4.22 1.99 37.28
C ASP B 119 2.79 1.51 37.21
N VAL B 120 1.98 2.28 36.49
CA VAL B 120 0.54 1.94 36.47
C VAL B 120 0.03 2.03 35.04
N GLN B 121 -0.61 0.95 34.56
CA GLN B 121 -1.24 0.90 33.24
C GLN B 121 -2.68 1.33 33.37
N LEU B 122 -3.12 2.30 32.56
CA LEU B 122 -4.52 2.74 32.66
C LEU B 122 -5.41 1.78 31.82
N GLY B 123 -5.55 0.58 32.33
CA GLY B 123 -6.44 -0.42 31.68
C GLY B 123 -6.24 -1.69 32.51
N PRO B 124 -7.07 -2.72 32.24
CA PRO B 124 -8.00 -2.79 31.11
C PRO B 124 -9.35 -2.12 31.39
N ALA B 125 -10.31 -2.27 30.49
CA ALA B 125 -11.60 -1.56 30.63
C ALA B 125 -12.75 -2.55 30.59
N ALA B 126 -13.73 -2.33 31.47
CA ALA B 126 -15.01 -3.06 31.40
C ALA B 126 -16.16 -2.05 31.58
N GLY B 127 -15.85 -0.76 31.45
CA GLY B 127 -16.93 0.30 31.54
C GLY B 127 -16.46 1.35 30.56
N PRO B 128 -17.20 1.57 29.44
CA PRO B 128 -18.56 1.05 29.12
C PRO B 128 -18.54 -0.47 29.05
N LEU B 129 -19.61 -1.10 29.54
CA LEU B 129 -19.82 -2.52 29.29
C LEU B 129 -20.32 -2.63 27.85
N GLY B 130 -21.21 -1.76 27.39
CA GLY B 130 -21.70 -1.87 25.99
C GLY B 130 -23.27 -1.80 25.95
N ARG B 131 -23.83 -0.90 26.72
CA ARG B 131 -25.25 -0.64 26.71
C ARG B 131 -25.81 -0.43 25.28
N SER B 132 -25.09 0.37 24.47
CA SER B 132 -25.62 0.73 23.17
C SER B 132 -24.58 0.31 22.11
N PRO B 133 -25.01 -0.23 20.96
CA PRO B 133 -24.00 -0.75 20.02
C PRO B 133 -23.23 0.33 19.35
N ASP B 134 -23.75 1.54 19.43
CA ASP B 134 -23.09 2.73 18.84
C ASP B 134 -22.33 3.58 19.86
N GLY B 135 -22.16 3.08 21.07
CA GLY B 135 -21.35 3.84 22.04
C GLY B 135 -19.90 3.95 21.61
N GLY B 136 -19.29 5.10 21.73
CA GLY B 136 -17.96 5.31 21.08
C GLY B 136 -16.79 4.54 21.67
N ARG B 137 -16.91 4.00 22.87
CA ARG B 137 -15.71 3.35 23.48
C ARG B 137 -15.96 1.87 23.85
N ASN B 138 -17.05 1.27 23.37
CA ASN B 138 -17.25 -0.09 23.81
C ASN B 138 -16.06 -1.03 23.39
N TRP B 139 -15.44 -0.75 22.23
CA TRP B 139 -14.36 -1.59 21.67
C TRP B 139 -13.16 -1.62 22.64
N GLU B 140 -13.00 -0.61 23.55
CA GLU B 140 -11.84 -0.64 24.46
C GLU B 140 -12.02 -1.75 25.48
N GLY B 141 -13.29 -2.09 25.78
CA GLY B 141 -13.56 -3.09 26.89
C GLY B 141 -13.68 -4.47 26.23
N PHE B 142 -14.77 -5.21 26.52
CA PHE B 142 -14.84 -6.60 26.08
C PHE B 142 -16.19 -6.81 25.40
N SER B 143 -17.23 -7.03 26.20
CA SER B 143 -18.54 -7.50 25.63
C SER B 143 -19.68 -6.90 26.48
N PRO B 144 -20.86 -6.74 25.87
CA PRO B 144 -22.00 -6.32 26.70
C PRO B 144 -22.42 -7.48 27.65
N ASP B 145 -21.82 -8.69 27.57
CA ASP B 145 -22.22 -9.74 28.52
C ASP B 145 -21.32 -9.63 29.77
N PRO B 146 -21.90 -9.57 30.99
CA PRO B 146 -21.03 -9.36 32.19
C PRO B 146 -20.16 -10.58 32.50
N ALA B 147 -20.67 -11.82 32.27
CA ALA B 147 -19.83 -12.95 32.60
C ALA B 147 -18.58 -13.01 31.72
N LEU B 148 -18.81 -12.97 30.37
CA LEU B 148 -17.69 -13.00 29.43
C LEU B 148 -16.68 -11.85 29.75
N THR B 149 -17.23 -10.63 29.94
CA THR B 149 -16.34 -9.50 30.16
C THR B 149 -15.61 -9.67 31.48
N GLY B 150 -16.34 -10.10 32.52
CA GLY B 150 -15.70 -10.14 33.85
C GLY B 150 -14.50 -11.11 33.89
N VAL B 151 -14.67 -12.28 33.27
CA VAL B 151 -13.56 -13.25 33.28
C VAL B 151 -12.35 -12.73 32.50
N LEU B 152 -12.61 -12.20 31.29
CA LEU B 152 -11.43 -11.78 30.48
C LEU B 152 -10.75 -10.48 30.99
N PHE B 153 -11.55 -9.63 31.60
CA PHE B 153 -11.15 -8.43 32.32
C PHE B 153 -10.19 -8.88 33.45
N ALA B 154 -10.65 -9.81 34.26
CA ALA B 154 -9.78 -10.33 35.39
C ALA B 154 -8.49 -10.94 34.85
N GLU B 155 -8.59 -11.80 33.80
CA GLU B 155 -7.39 -12.45 33.32
C GLU B 155 -6.38 -11.40 32.80
N THR B 156 -6.93 -10.41 32.16
CA THR B 156 -6.04 -9.33 31.61
C THR B 156 -5.28 -8.61 32.77
N ILE B 157 -6.05 -8.26 33.81
CA ILE B 157 -5.50 -7.74 35.05
C ILE B 157 -4.42 -8.61 35.61
N LYS B 158 -4.71 -9.88 35.80
CA LYS B 158 -3.65 -10.80 36.32
C LYS B 158 -2.38 -10.79 35.44
N GLY B 159 -2.53 -10.77 34.09
CA GLY B 159 -1.36 -10.78 33.23
C GLY B 159 -0.52 -9.51 33.46
N ILE B 160 -1.21 -8.35 33.53
CA ILE B 160 -0.49 -7.05 33.67
C ILE B 160 0.26 -7.12 35.03
N GLN B 161 -0.48 -7.46 36.09
CA GLN B 161 0.08 -7.32 37.47
C GLN B 161 1.11 -8.38 37.75
N ASP B 162 0.96 -9.57 37.19
CA ASP B 162 2.06 -10.56 37.36
C ASP B 162 3.35 -10.07 36.71
N ALA B 163 3.25 -9.20 35.69
CA ALA B 163 4.44 -8.60 35.07
C ALA B 163 4.91 -7.35 35.79
N GLY B 164 4.35 -7.08 36.98
CA GLY B 164 4.99 -5.99 37.82
C GLY B 164 4.47 -4.59 37.59
N VAL B 165 3.25 -4.45 37.01
CA VAL B 165 2.65 -3.11 36.73
C VAL B 165 1.30 -3.12 37.39
N VAL B 166 0.95 -2.05 38.06
CA VAL B 166 -0.41 -1.93 38.61
C VAL B 166 -1.40 -1.81 37.44
N ALA B 167 -2.48 -2.59 37.47
CA ALA B 167 -3.52 -2.42 36.43
C ALA B 167 -4.62 -1.53 37.01
N THR B 168 -5.38 -0.88 36.11
CA THR B 168 -6.40 0.09 36.58
C THR B 168 -7.68 -0.34 35.90
N ALA B 169 -8.60 -0.86 36.71
CA ALA B 169 -9.90 -1.25 36.12
C ALA B 169 -10.72 0.01 35.90
N LYS B 170 -11.12 0.26 34.64
CA LYS B 170 -11.82 1.51 34.34
C LYS B 170 -12.98 1.21 33.35
N HIS B 171 -13.90 2.18 33.08
CA HIS B 171 -14.14 3.42 33.85
C HIS B 171 -15.29 3.09 34.79
N TYR B 172 -15.13 3.45 36.05
CA TYR B 172 -16.14 3.03 37.11
C TYR B 172 -17.02 4.29 37.41
N ILE B 173 -18.27 4.40 36.90
CA ILE B 173 -18.97 3.26 36.33
C ILE B 173 -20.18 3.94 35.58
N LEU B 174 -20.73 3.23 34.58
CA LEU B 174 -21.92 3.63 33.78
C LEU B 174 -21.61 4.72 32.70
N ASN B 175 -20.34 4.85 32.30
CA ASN B 175 -19.94 5.79 31.25
C ASN B 175 -20.21 5.08 29.94
N GLU B 176 -21.50 4.92 29.65
CA GLU B 176 -21.92 4.08 28.51
C GLU B 176 -22.10 4.87 27.22
N GLN B 177 -21.79 6.17 27.20
CA GLN B 177 -21.78 6.86 25.93
C GLN B 177 -20.84 8.08 26.03
N GLU B 178 -20.41 8.56 24.87
CA GLU B 178 -19.48 9.71 24.84
C GLU B 178 -20.26 11.02 24.91
N HIS B 179 -21.39 11.10 24.24
CA HIS B 179 -22.09 12.47 24.16
C HIS B 179 -22.38 12.99 25.56
N PHE B 180 -22.00 14.27 25.81
CA PHE B 180 -22.37 14.94 27.07
C PHE B 180 -21.54 14.44 28.24
N ARG B 181 -20.47 13.71 27.97
CA ARG B 181 -19.69 13.18 29.12
C ARG B 181 -18.83 14.24 29.82
N GLN B 182 -18.49 15.36 29.15
CA GLN B 182 -17.75 16.45 29.78
C GLN B 182 -18.33 17.77 29.29
N VAL B 183 -18.42 18.70 30.23
CA VAL B 183 -19.14 20.01 29.93
C VAL B 183 -18.40 20.74 28.84
N ALA B 184 -17.06 20.77 28.95
CA ALA B 184 -16.34 21.61 27.97
C ALA B 184 -16.31 21.01 26.57
N GLU B 185 -16.26 19.65 26.49
CA GLU B 185 -16.45 18.96 25.18
C GLU B 185 -17.79 19.23 24.61
N ALA B 186 -18.85 19.07 25.45
CA ALA B 186 -20.19 19.37 24.92
C ALA B 186 -20.26 20.79 24.33
N ALA B 187 -19.69 21.73 25.05
CA ALA B 187 -19.67 23.18 24.59
C ALA B 187 -18.96 23.30 23.24
N GLY B 188 -17.83 22.58 23.04
CA GLY B 188 -17.15 22.55 21.71
C GLY B 188 -18.01 21.97 20.59
N TYR B 189 -18.98 21.10 20.91
CA TYR B 189 -19.86 20.49 19.95
C TYR B 189 -21.21 21.27 19.92
N GLY B 190 -21.25 22.40 20.61
CA GLY B 190 -22.37 23.39 20.43
C GLY B 190 -23.49 23.13 21.45
N PHE B 191 -23.22 22.40 22.54
CA PHE B 191 -24.25 22.14 23.53
C PHE B 191 -23.88 22.79 24.86
N ASN B 192 -24.85 23.41 25.48
CA ASN B 192 -24.66 24.09 26.72
C ASN B 192 -25.25 23.28 27.86
N ILE B 193 -24.40 22.64 28.69
CA ILE B 193 -24.90 21.84 29.82
C ILE B 193 -24.10 22.28 31.06
N SER B 194 -24.77 22.29 32.23
CA SER B 194 -24.10 22.80 33.45
C SER B 194 -23.29 21.70 34.15
N ASP B 195 -23.57 20.43 33.77
CA ASP B 195 -22.89 19.29 34.47
C ASP B 195 -23.04 18.12 33.52
N THR B 196 -22.24 17.08 33.77
CA THR B 196 -22.20 16.04 32.74
C THR B 196 -23.39 15.06 32.82
N ILE B 197 -23.55 14.29 31.73
CA ILE B 197 -24.62 13.33 31.61
C ILE B 197 -24.76 12.45 32.85
N SER B 198 -25.99 12.23 33.27
CA SER B 198 -26.25 11.38 34.46
C SER B 198 -26.80 10.06 34.04
N SER B 199 -26.04 8.95 34.32
CA SER B 199 -26.60 7.59 34.06
C SER B 199 -27.47 7.26 35.28
N ASN B 200 -28.76 6.99 35.04
CA ASN B 200 -29.68 6.72 36.17
C ASN B 200 -30.07 5.29 36.07
N VAL B 201 -29.69 4.51 37.07
CA VAL B 201 -29.79 3.02 36.89
C VAL B 201 -30.31 2.44 38.18
N ASP B 202 -31.19 1.44 38.13
CA ASP B 202 -31.73 0.92 39.40
C ASP B 202 -30.68 -0.05 40.05
N ASP B 203 -30.90 -0.43 41.31
CA ASP B 203 -29.87 -1.16 42.05
C ASP B 203 -29.72 -2.59 41.59
N LYS B 204 -30.83 -3.27 41.20
CA LYS B 204 -30.66 -4.62 40.74
C LYS B 204 -29.83 -4.64 39.35
N THR B 205 -30.19 -3.70 38.45
CA THR B 205 -29.49 -3.67 37.13
C THR B 205 -28.00 -3.41 37.39
N ILE B 206 -27.66 -2.40 38.25
CA ILE B 206 -26.22 -2.17 38.40
C ILE B 206 -25.48 -3.46 38.93
N HIS B 207 -26.10 -4.20 39.88
CA HIS B 207 -25.41 -5.33 40.42
C HIS B 207 -25.29 -6.50 39.41
N GLU B 208 -26.36 -6.73 38.66
CA GLU B 208 -26.33 -7.90 37.76
C GLU B 208 -25.57 -7.61 36.46
N MET B 209 -25.38 -6.36 36.12
CA MET B 209 -24.74 -6.09 34.78
C MET B 209 -23.49 -5.29 35.00
N TYR B 210 -23.63 -3.98 35.18
CA TYR B 210 -22.41 -3.11 35.08
C TYR B 210 -21.36 -3.38 36.19
N LEU B 211 -21.81 -3.65 37.42
CA LEU B 211 -20.81 -3.86 38.50
C LEU B 211 -20.13 -5.20 38.45
N TRP B 212 -20.80 -6.20 37.82
CA TRP B 212 -20.32 -7.58 37.97
C TRP B 212 -18.86 -7.76 37.48
N PRO B 213 -18.48 -7.16 36.32
CA PRO B 213 -17.05 -7.32 35.99
C PRO B 213 -16.14 -6.60 36.92
N PHE B 214 -16.61 -5.53 37.57
CA PHE B 214 -15.69 -4.97 38.57
C PHE B 214 -15.57 -5.82 39.83
N ALA B 215 -16.62 -6.54 40.18
CA ALA B 215 -16.47 -7.53 41.28
C ALA B 215 -15.34 -8.55 40.88
N ASP B 216 -15.39 -9.03 39.62
CA ASP B 216 -14.36 -10.00 39.16
C ASP B 216 -12.95 -9.32 39.24
N ALA B 217 -12.88 -8.05 38.82
CA ALA B 217 -11.54 -7.31 38.81
C ALA B 217 -10.99 -7.20 40.24
N VAL B 218 -11.89 -6.79 41.15
CA VAL B 218 -11.52 -6.69 42.61
C VAL B 218 -11.01 -8.07 43.07
N ARG B 219 -11.81 -9.10 42.87
CA ARG B 219 -11.45 -10.44 43.32
C ARG B 219 -10.14 -10.98 42.73
N ALA B 220 -9.84 -10.56 41.50
CA ALA B 220 -8.60 -10.89 40.80
C ALA B 220 -7.39 -10.12 41.30
N GLY B 221 -7.57 -9.15 42.22
CA GLY B 221 -6.44 -8.48 42.85
C GLY B 221 -6.06 -7.15 42.16
N VAL B 222 -6.97 -6.57 41.33
CA VAL B 222 -6.65 -5.29 40.66
C VAL B 222 -6.20 -4.22 41.64
N GLY B 223 -5.12 -3.47 41.29
CA GLY B 223 -4.56 -2.55 42.28
C GLY B 223 -5.32 -1.21 42.25
N ALA B 224 -5.82 -0.78 41.09
CA ALA B 224 -6.42 0.60 40.99
C ALA B 224 -7.77 0.52 40.26
N ILE B 225 -8.59 1.51 40.51
CA ILE B 225 -9.88 1.71 39.76
C ILE B 225 -9.84 3.17 39.29
N MET B 226 -10.34 3.43 38.07
CA MET B 226 -10.49 4.83 37.65
C MET B 226 -11.97 5.15 37.58
N CYS B 227 -12.38 6.17 38.34
CA CYS B 227 -13.78 6.62 38.32
C CYS B 227 -14.07 7.52 37.16
N SER B 228 -15.35 7.65 36.81
CA SER B 228 -15.73 8.07 35.46
C SER B 228 -16.22 9.54 35.39
N TYR B 229 -16.32 10.02 34.16
CA TYR B 229 -16.64 11.47 33.94
C TYR B 229 -18.18 11.69 34.12
N ASN B 230 -18.99 10.64 33.84
CA ASN B 230 -20.47 10.81 33.94
C ASN B 230 -20.85 10.93 35.41
N GLN B 231 -22.07 11.44 35.58
CA GLN B 231 -22.69 11.30 36.88
C GLN B 231 -23.48 9.97 36.96
N ILE B 232 -23.74 9.50 38.16
CA ILE B 232 -24.65 8.39 38.40
C ILE B 232 -25.73 8.94 39.36
N ASN B 233 -26.99 8.93 38.88
CA ASN B 233 -28.11 9.62 39.60
C ASN B 233 -27.68 11.01 40.08
N ASN B 234 -27.09 11.79 39.16
CA ASN B 234 -26.74 13.18 39.47
C ASN B 234 -25.77 13.39 40.62
N SER B 235 -24.81 12.45 40.75
CA SER B 235 -23.64 12.63 41.62
C SER B 235 -22.44 12.14 40.78
N TYR B 236 -21.52 13.02 40.54
CA TYR B 236 -20.30 12.70 39.67
C TYR B 236 -19.60 11.41 40.10
N GLY B 237 -19.18 10.62 39.09
CA GLY B 237 -18.51 9.35 39.32
C GLY B 237 -17.33 9.47 40.28
N CYS B 238 -16.58 10.59 40.28
CA CYS B 238 -15.38 10.68 41.11
C CYS B 238 -15.67 11.35 42.47
N GLN B 239 -16.95 11.39 42.81
CA GLN B 239 -17.29 11.76 44.22
C GLN B 239 -18.68 11.16 44.53
N ASN B 240 -18.91 9.93 44.05
CA ASN B 240 -20.22 9.31 44.25
C ASN B 240 -20.03 8.37 45.41
N SER B 241 -20.56 8.76 46.61
CA SER B 241 -20.26 7.94 47.74
C SER B 241 -20.95 6.58 47.63
N TYR B 242 -22.09 6.52 46.96
CA TYR B 242 -22.77 5.19 46.85
C TYR B 242 -21.93 4.24 45.95
N THR B 243 -21.44 4.70 44.80
CA THR B 243 -20.71 3.71 43.97
C THR B 243 -19.33 3.47 44.59
N LEU B 244 -18.66 4.52 45.09
CA LEU B 244 -17.25 4.33 45.55
C LEU B 244 -17.20 3.75 46.94
N ASN B 245 -17.91 4.42 47.88
CA ASN B 245 -17.86 3.88 49.28
C ASN B 245 -18.71 2.70 49.46
N LYS B 246 -19.96 2.71 48.98
CA LYS B 246 -20.77 1.49 49.28
C LYS B 246 -20.49 0.32 48.37
N LEU B 247 -20.63 0.54 47.07
CA LEU B 247 -20.54 -0.64 46.21
C LEU B 247 -19.10 -1.14 46.07
N LEU B 248 -18.17 -0.22 45.79
CA LEU B 248 -16.80 -0.70 45.47
C LEU B 248 -16.05 -1.03 46.72
N LYS B 249 -16.12 -0.13 47.74
CA LYS B 249 -15.21 -0.34 48.91
C LYS B 249 -15.92 -1.23 50.00
N ALA B 250 -17.19 -0.98 50.28
CA ALA B 250 -17.82 -1.73 51.42
C ALA B 250 -18.33 -3.07 50.87
N GLU B 251 -19.00 -3.08 49.73
CA GLU B 251 -19.66 -4.35 49.28
C GLU B 251 -18.61 -5.22 48.54
N LEU B 252 -17.89 -4.69 47.52
CA LEU B 252 -16.87 -5.50 46.81
C LEU B 252 -15.57 -5.61 47.60
N GLY B 253 -15.39 -4.80 48.69
CA GLY B 253 -14.23 -5.10 49.52
C GLY B 253 -12.92 -4.56 48.90
N PHE B 254 -13.00 -3.63 47.95
CA PHE B 254 -11.79 -3.17 47.22
C PHE B 254 -10.76 -2.57 48.16
N GLN B 255 -9.53 -3.07 48.05
CA GLN B 255 -8.42 -2.68 48.93
C GLN B 255 -7.44 -1.70 48.27
N GLY B 256 -7.56 -1.49 46.96
CA GLY B 256 -6.60 -0.63 46.26
C GLY B 256 -7.07 0.84 46.23
N PHE B 257 -6.60 1.60 45.20
CA PHE B 257 -6.87 3.00 45.17
C PHE B 257 -7.74 3.40 44.01
N VAL B 258 -8.59 4.43 44.22
CA VAL B 258 -9.39 4.97 43.12
C VAL B 258 -8.78 6.29 42.62
N MET B 259 -8.50 6.39 41.31
CA MET B 259 -7.96 7.62 40.74
C MET B 259 -9.08 8.23 39.92
N SER B 260 -9.02 9.55 39.69
CA SER B 260 -10.05 10.15 38.81
C SER B 260 -9.66 9.88 37.36
N ASP B 261 -10.68 9.90 36.50
CA ASP B 261 -10.40 10.13 35.08
C ASP B 261 -9.93 11.64 34.87
N TRP B 262 -9.33 11.94 33.73
CA TRP B 262 -8.61 13.17 33.57
C TRP B 262 -9.54 14.35 33.39
N GLY B 263 -9.71 15.17 34.43
CA GLY B 263 -10.73 16.23 34.40
C GLY B 263 -12.04 15.76 35.03
N ALA B 264 -12.07 14.55 35.59
CA ALA B 264 -13.31 14.08 36.27
C ALA B 264 -13.30 14.46 37.78
N HIS B 265 -12.19 15.03 38.25
CA HIS B 265 -12.17 15.49 39.67
C HIS B 265 -12.97 16.86 39.80
N HIS B 266 -13.94 16.92 40.74
CA HIS B 266 -14.84 18.09 40.82
C HIS B 266 -14.96 18.72 42.21
N SER B 267 -14.19 18.25 43.20
CA SER B 267 -14.23 18.90 44.51
C SER B 267 -13.08 18.35 45.30
N GLY B 268 -12.64 19.09 46.34
CA GLY B 268 -11.53 18.50 47.15
C GLY B 268 -12.07 17.69 48.32
N VAL B 269 -12.76 18.39 49.25
CA VAL B 269 -13.32 17.70 50.49
C VAL B 269 -14.36 16.68 50.03
N GLY B 270 -15.25 17.09 49.15
CA GLY B 270 -16.37 16.21 48.78
C GLY B 270 -15.85 14.88 48.24
N SER B 271 -14.88 14.95 47.36
CA SER B 271 -14.42 13.73 46.66
C SER B 271 -13.61 12.88 47.68
N ALA B 272 -12.77 13.50 48.52
CA ALA B 272 -11.93 12.75 49.46
C ALA B 272 -12.88 11.98 50.38
N LEU B 273 -13.97 12.61 50.83
CA LEU B 273 -14.84 11.87 51.83
C LEU B 273 -15.72 10.84 51.12
N ALA B 274 -15.94 11.02 49.82
CA ALA B 274 -16.85 10.07 49.13
C ALA B 274 -16.02 8.93 48.53
N GLY B 275 -14.70 8.88 48.79
CA GLY B 275 -13.94 7.62 48.44
C GLY B 275 -12.92 7.77 47.33
N LEU B 276 -12.68 8.98 46.81
CA LEU B 276 -11.57 9.13 45.83
C LEU B 276 -10.23 8.99 46.55
N ASP B 277 -9.15 8.49 45.88
CA ASP B 277 -7.82 8.36 46.55
C ASP B 277 -6.73 9.08 45.75
N MET B 278 -6.96 9.38 44.45
CA MET B 278 -5.87 9.97 43.63
C MET B 278 -6.53 10.90 42.55
N SER B 279 -5.97 12.12 42.41
CA SER B 279 -6.46 13.14 41.53
C SER B 279 -5.52 13.13 40.32
N MET B 280 -6.10 12.91 39.10
CA MET B 280 -5.27 12.98 37.89
C MET B 280 -5.92 13.87 36.90
N PRO B 281 -5.12 14.68 36.17
CA PRO B 281 -3.63 14.68 36.18
C PRO B 281 -3.16 15.58 37.32
N GLY B 282 -4.09 16.07 38.17
CA GLY B 282 -3.68 16.65 39.48
C GLY B 282 -4.18 18.09 39.58
N ASP B 283 -4.40 18.72 38.44
CA ASP B 283 -4.91 20.14 38.46
C ASP B 283 -6.40 20.16 38.29
N ILE B 284 -7.00 21.34 38.44
CA ILE B 284 -8.47 21.39 38.33
C ILE B 284 -8.92 21.43 36.84
N THR B 285 -8.27 22.28 36.05
CA THR B 285 -8.30 22.11 34.60
C THR B 285 -6.85 22.04 34.10
N PHE B 286 -6.66 21.57 32.83
CA PHE B 286 -5.22 21.26 32.51
C PHE B 286 -4.36 22.56 32.59
N ASP B 287 -3.27 22.53 33.33
CA ASP B 287 -2.33 23.64 33.49
C ASP B 287 -2.98 24.86 34.16
N SER B 288 -4.02 24.62 34.99
CA SER B 288 -4.60 25.76 35.73
C SER B 288 -3.73 26.23 36.88
N ALA B 289 -2.69 25.47 37.30
CA ALA B 289 -1.82 25.71 38.46
C ALA B 289 -2.63 25.75 39.75
N THR B 290 -3.79 25.14 39.76
CA THR B 290 -4.62 24.98 40.93
C THR B 290 -5.04 23.51 41.03
N SER B 291 -5.37 23.06 42.25
CA SER B 291 -5.77 21.61 42.38
C SER B 291 -6.88 21.58 43.40
N PHE B 292 -7.84 20.65 43.26
CA PHE B 292 -8.74 20.40 44.39
C PHE B 292 -7.99 19.75 45.57
N TRP B 293 -6.87 19.11 45.31
CA TRP B 293 -6.05 18.46 46.32
C TRP B 293 -4.70 19.16 46.39
N GLY B 294 -3.59 18.45 46.46
CA GLY B 294 -2.29 19.21 46.55
C GLY B 294 -2.37 20.05 47.85
N THR B 295 -1.97 21.33 47.71
CA THR B 295 -2.11 22.29 48.82
C THR B 295 -3.48 22.22 49.54
N ASN B 296 -4.56 22.27 48.79
CA ASN B 296 -5.91 22.13 49.39
C ASN B 296 -6.16 20.93 50.22
N LEU B 297 -5.66 19.74 49.85
CA LEU B 297 -5.88 18.59 50.74
C LEU B 297 -5.03 18.67 52.04
N THR B 298 -3.79 19.19 51.95
CA THR B 298 -2.94 19.37 53.17
C THR B 298 -3.74 20.33 54.14
N ILE B 299 -4.29 21.41 53.55
CA ILE B 299 -5.11 22.38 54.30
C ILE B 299 -6.40 21.77 54.87
N ALA B 300 -7.06 20.89 54.11
CA ALA B 300 -8.25 20.25 54.59
C ALA B 300 -8.01 19.32 55.74
N VAL B 301 -6.83 18.71 55.87
CA VAL B 301 -6.53 17.92 57.03
C VAL B 301 -6.14 18.86 58.20
N LEU B 302 -5.31 19.87 57.88
CA LEU B 302 -4.89 20.86 58.94
C LEU B 302 -6.05 21.51 59.60
N ASN B 303 -7.10 21.87 58.81
CA ASN B 303 -8.21 22.56 59.41
C ASN B 303 -9.31 21.68 59.98
N GLY B 304 -9.12 20.36 60.01
CA GLY B 304 -10.05 19.44 60.61
C GLY B 304 -11.20 18.93 59.75
N THR B 305 -11.35 19.40 58.49
CA THR B 305 -12.54 19.04 57.68
C THR B 305 -12.41 17.62 57.14
N VAL B 306 -11.21 17.28 56.68
CA VAL B 306 -10.96 15.86 56.28
C VAL B 306 -10.13 15.17 57.34
N PRO B 307 -10.63 14.10 57.97
CA PRO B 307 -9.87 13.44 59.03
C PRO B 307 -8.55 12.88 58.53
N GLN B 308 -7.52 12.99 59.40
CA GLN B 308 -6.26 12.36 59.02
C GLN B 308 -6.51 10.90 58.60
N TRP B 309 -7.42 10.14 59.22
CA TRP B 309 -7.57 8.73 58.83
C TRP B 309 -7.91 8.52 57.34
N ARG B 310 -8.58 9.50 56.79
CA ARG B 310 -9.01 9.43 55.36
C ARG B 310 -7.75 9.58 54.48
N VAL B 311 -6.93 10.58 54.69
CA VAL B 311 -5.74 10.76 53.84
C VAL B 311 -4.71 9.66 54.10
N ASP B 312 -4.57 9.23 55.37
CA ASP B 312 -3.73 8.07 55.62
C ASP B 312 -4.18 6.87 54.83
N ASP B 313 -5.49 6.61 54.80
CA ASP B 313 -6.01 5.47 54.04
C ASP B 313 -5.75 5.65 52.53
N MET B 314 -5.90 6.88 52.05
CA MET B 314 -5.50 7.09 50.57
C MET B 314 -4.05 6.59 50.35
N ALA B 315 -3.17 7.08 51.19
CA ALA B 315 -1.74 6.73 51.03
C ALA B 315 -1.47 5.22 51.17
N VAL B 316 -2.09 4.60 52.19
CA VAL B 316 -1.99 3.17 52.36
C VAL B 316 -2.53 2.38 51.12
N ARG B 317 -3.67 2.81 50.59
CA ARG B 317 -4.20 2.14 49.40
C ARG B 317 -3.22 2.24 48.22
N ILE B 318 -2.69 3.44 48.01
CA ILE B 318 -1.77 3.68 46.88
C ILE B 318 -0.50 2.88 47.07
N MET B 319 0.11 2.95 48.27
CA MET B 319 1.36 2.12 48.51
C MET B 319 1.10 0.63 48.48
N ALA B 320 -0.07 0.19 48.97
CA ALA B 320 -0.28 -1.22 49.02
C ALA B 320 -0.43 -1.74 47.58
N ALA B 321 -1.14 -1.02 46.74
CA ALA B 321 -1.23 -1.55 45.33
C ALA B 321 0.18 -1.64 44.66
N TYR B 322 0.98 -0.59 44.89
CA TYR B 322 2.34 -0.49 44.35
C TYR B 322 3.13 -1.73 44.87
N TYR B 323 3.06 -2.04 46.18
CA TYR B 323 3.86 -3.20 46.68
C TYR B 323 3.23 -4.52 46.31
N LYS B 324 1.90 -4.54 46.08
CA LYS B 324 1.24 -5.83 45.80
C LYS B 324 1.75 -6.40 44.47
N VAL B 325 2.00 -5.54 43.49
CA VAL B 325 2.58 -6.02 42.26
C VAL B 325 4.10 -6.03 42.18
N GLY B 326 4.75 -5.66 43.29
CA GLY B 326 6.22 -5.68 43.39
C GLY B 326 6.86 -4.53 42.67
N ARG B 327 6.17 -3.41 42.45
CA ARG B 327 6.79 -2.36 41.68
C ARG B 327 8.07 -1.81 42.23
N ASP B 328 8.14 -1.81 43.55
CA ASP B 328 9.37 -1.34 44.22
C ASP B 328 10.60 -2.10 43.75
N ARG B 329 10.45 -3.33 43.27
CA ARG B 329 11.69 -4.13 42.95
C ARG B 329 12.02 -3.88 41.45
N LEU B 330 11.16 -3.15 40.75
CA LEU B 330 11.35 -2.96 39.25
C LEU B 330 11.46 -1.46 38.93
N TYR B 331 11.50 -0.61 39.99
CA TYR B 331 11.35 0.81 39.75
C TYR B 331 12.44 1.44 38.90
N GLN B 332 12.03 2.27 37.97
CA GLN B 332 12.99 3.26 37.32
C GLN B 332 12.18 4.42 36.86
N PRO B 333 12.78 5.60 36.80
CA PRO B 333 12.00 6.76 36.32
C PRO B 333 11.54 6.50 34.84
N PRO B 334 10.43 7.11 34.42
CA PRO B 334 9.97 6.85 33.04
C PRO B 334 11.04 7.31 32.07
N ASN B 335 11.40 6.44 31.12
CA ASN B 335 12.60 6.68 30.27
C ASN B 335 12.16 7.19 28.90
N PHE B 336 10.92 7.75 28.84
CA PHE B 336 10.46 8.40 27.58
C PHE B 336 9.62 9.63 28.07
N SER B 337 9.20 10.45 27.12
CA SER B 337 8.27 11.56 27.42
C SER B 337 6.99 11.33 26.57
N SER B 338 5.85 11.56 27.18
CA SER B 338 4.59 11.46 26.42
C SER B 338 4.44 12.63 25.39
N TRP B 339 5.22 13.74 25.58
CA TRP B 339 4.89 15.05 24.97
C TRP B 339 5.82 15.41 23.81
N THR B 340 6.93 14.67 23.69
CA THR B 340 7.89 14.95 22.60
C THR B 340 8.61 13.67 22.32
N ARG B 341 9.04 13.49 21.06
CA ARG B 341 9.91 12.37 20.73
C ARG B 341 11.39 12.74 20.74
N ASP B 342 11.66 14.01 20.98
CA ASP B 342 13.08 14.47 20.98
C ASP B 342 13.93 13.80 22.06
N GLU B 343 15.20 13.57 21.73
CA GLU B 343 16.06 12.95 22.74
C GLU B 343 16.20 13.84 24.00
N TYR B 344 16.50 15.11 23.75
CA TYR B 344 16.72 16.12 24.83
C TYR B 344 15.60 17.15 24.87
N GLY B 345 15.37 17.70 26.11
CA GLY B 345 14.26 18.73 26.21
C GLY B 345 14.31 19.26 27.65
N PHE B 346 13.56 20.31 27.90
CA PHE B 346 13.47 20.76 29.31
C PHE B 346 12.72 19.68 30.10
N LYS B 347 13.14 19.42 31.33
CA LYS B 347 12.58 18.36 32.15
C LYS B 347 11.09 18.51 32.36
N TYR B 348 10.60 19.75 32.50
CA TYR B 348 9.14 19.94 32.72
C TYR B 348 8.51 20.54 31.51
N PHE B 349 7.83 19.69 30.73
CA PHE B 349 7.50 20.02 29.35
C PHE B 349 6.60 21.23 29.19
N TYR B 350 5.44 21.25 29.90
CA TYR B 350 4.43 22.25 29.58
C TYR B 350 5.06 23.70 29.77
N PRO B 351 5.74 23.98 30.86
CA PRO B 351 6.23 25.43 30.94
C PRO B 351 7.65 25.52 30.35
N GLN B 352 8.21 24.41 29.83
CA GLN B 352 9.63 24.41 29.34
C GLN B 352 10.61 24.93 30.38
N GLU B 353 10.58 24.34 31.55
CA GLU B 353 11.40 24.71 32.69
C GLU B 353 12.16 23.50 33.22
N GLY B 354 13.00 23.73 34.22
CA GLY B 354 13.82 22.67 34.78
C GLY B 354 15.10 22.47 33.99
N PRO B 355 15.91 21.48 34.39
CA PRO B 355 17.17 21.19 33.71
C PRO B 355 16.92 20.71 32.31
N TYR B 356 17.76 21.14 31.38
CA TYR B 356 17.66 20.68 30.01
C TYR B 356 18.46 19.39 29.92
N GLU B 357 17.83 18.25 29.57
CA GLU B 357 18.51 17.01 29.79
C GLU B 357 17.84 15.93 28.90
N LYS B 358 18.29 14.68 28.98
CA LYS B 358 17.68 13.63 28.13
C LYS B 358 16.27 13.34 28.65
N VAL B 359 15.29 13.41 27.75
CA VAL B 359 13.88 13.07 28.12
C VAL B 359 13.40 11.78 27.41
N ASN B 360 14.11 11.36 26.38
CA ASN B 360 13.77 10.06 25.72
C ASN B 360 15.01 9.21 25.59
N HIS B 361 14.85 7.93 25.96
CA HIS B 361 15.90 6.93 25.83
C HIS B 361 15.67 5.93 24.71
N PHE B 362 14.54 6.02 24.00
CA PHE B 362 14.25 5.14 22.83
C PHE B 362 14.44 3.69 23.20
N VAL B 363 13.99 3.25 24.39
CA VAL B 363 14.16 1.85 24.73
C VAL B 363 13.14 0.96 23.91
N ASN B 364 13.70 -0.02 23.24
CA ASN B 364 12.84 -0.86 22.42
C ASN B 364 12.32 -2.05 23.26
N VAL B 365 11.05 -1.89 23.72
CA VAL B 365 10.45 -2.80 24.70
C VAL B 365 9.62 -3.89 24.00
N GLN B 366 9.69 -4.00 22.68
CA GLN B 366 8.79 -4.88 21.97
C GLN B 366 9.02 -6.38 22.16
N ARG B 367 10.25 -6.73 22.52
CA ARG B 367 10.60 -8.15 22.53
C ARG B 367 10.05 -8.88 21.27
N ASN B 368 9.45 -10.03 21.47
CA ASN B 368 8.83 -10.84 20.41
C ASN B 368 7.30 -10.70 20.52
N HIS B 369 6.82 -9.61 21.12
CA HIS B 369 5.39 -9.51 21.33
C HIS B 369 4.58 -9.44 20.04
N SER B 370 5.20 -9.21 18.88
CA SER B 370 4.44 -9.30 17.62
C SER B 370 3.81 -10.74 17.43
N GLU B 371 4.39 -11.76 18.06
CA GLU B 371 3.83 -13.12 17.94
C GLU B 371 2.54 -13.29 18.64
N VAL B 372 2.45 -12.81 19.89
CA VAL B 372 1.13 -12.87 20.53
C VAL B 372 0.10 -11.98 19.87
N ILE B 373 0.56 -10.88 19.30
CA ILE B 373 -0.42 -9.96 18.65
C ILE B 373 -0.93 -10.67 17.37
N ARG B 374 -0.04 -11.28 16.59
CA ARG B 374 -0.44 -11.97 15.30
C ARG B 374 -1.37 -13.14 15.66
N LYS B 375 -1.03 -13.83 16.75
CA LYS B 375 -1.86 -15.01 17.07
C LYS B 375 -3.24 -14.53 17.63
N LEU B 376 -3.23 -13.52 18.50
CA LEU B 376 -4.46 -13.08 19.06
C LEU B 376 -5.37 -12.51 17.89
N GLY B 377 -4.75 -11.77 16.96
CA GLY B 377 -5.60 -11.34 15.82
C GLY B 377 -6.22 -12.52 15.11
N ALA B 378 -5.44 -13.57 14.85
CA ALA B 378 -6.02 -14.71 14.09
C ALA B 378 -7.13 -15.34 14.91
N ASP B 379 -6.92 -15.46 16.24
CA ASP B 379 -7.85 -16.18 17.12
C ASP B 379 -9.02 -15.32 17.53
N SER B 380 -9.05 -14.05 17.08
CA SER B 380 -10.22 -13.19 17.29
C SER B 380 -10.93 -12.90 15.97
N THR B 381 -10.58 -13.58 14.86
CA THR B 381 -11.22 -13.32 13.61
C THR B 381 -12.46 -14.27 13.58
N VAL B 382 -13.68 -13.68 13.65
CA VAL B 382 -14.89 -14.48 13.75
C VAL B 382 -15.30 -14.83 12.32
N LEU B 383 -15.42 -16.14 12.01
CA LEU B 383 -15.95 -16.49 10.70
C LEU B 383 -17.48 -16.52 10.86
N LEU B 384 -18.14 -15.52 10.31
CA LEU B 384 -19.60 -15.41 10.49
C LEU B 384 -20.37 -16.31 9.48
N LYS B 385 -19.87 -16.40 8.25
CA LYS B 385 -20.52 -17.11 7.16
C LYS B 385 -19.43 -17.81 6.37
N ASN B 386 -19.67 -19.06 5.95
CA ASN B 386 -18.68 -19.70 5.12
C ASN B 386 -19.42 -20.78 4.30
N ASN B 387 -19.66 -20.44 3.04
CA ASN B 387 -20.36 -21.37 2.12
C ASN B 387 -19.31 -22.22 1.41
N ASN B 388 -18.52 -23.00 2.19
CA ASN B 388 -17.46 -23.83 1.66
C ASN B 388 -16.45 -23.00 0.82
N ALA B 389 -16.12 -21.78 1.23
CA ALA B 389 -15.21 -20.94 0.40
C ALA B 389 -13.83 -20.83 1.03
N LEU B 390 -13.78 -20.96 2.36
CA LEU B 390 -12.56 -20.89 3.12
C LEU B 390 -12.22 -22.21 3.83
N PRO B 391 -10.92 -22.55 3.99
CA PRO B 391 -9.74 -21.73 3.64
C PRO B 391 -9.42 -21.70 2.18
N LEU B 392 -8.81 -20.61 1.71
CA LEU B 392 -8.20 -20.57 0.38
C LEU B 392 -7.05 -21.54 0.30
N THR B 393 -6.68 -21.90 -0.98
CA THR B 393 -5.55 -22.77 -1.12
C THR B 393 -4.30 -22.08 -1.56
N GLY B 394 -4.38 -20.86 -2.09
CA GLY B 394 -3.10 -20.32 -2.62
C GLY B 394 -3.07 -20.57 -4.11
N LYS B 395 -3.91 -21.47 -4.62
CA LYS B 395 -3.88 -21.76 -6.08
C LYS B 395 -4.86 -20.93 -6.88
N GLU B 396 -5.60 -20.03 -6.23
CA GLU B 396 -6.57 -19.19 -6.94
C GLU B 396 -5.77 -18.34 -7.96
N ARG B 397 -6.21 -18.34 -9.23
CA ARG B 397 -5.34 -17.78 -10.28
C ARG B 397 -5.28 -16.28 -10.23
N LYS B 398 -6.37 -15.61 -9.91
CA LYS B 398 -6.39 -14.14 -9.88
C LYS B 398 -7.17 -13.69 -8.66
N VAL B 399 -6.56 -12.84 -7.83
CA VAL B 399 -7.18 -12.47 -6.53
C VAL B 399 -7.38 -10.96 -6.55
N ALA B 400 -8.61 -10.53 -6.31
CA ALA B 400 -8.90 -9.11 -6.20
C ALA B 400 -9.01 -8.73 -4.73
N ILE B 401 -8.19 -7.80 -4.29
CA ILE B 401 -8.26 -7.28 -2.92
C ILE B 401 -8.94 -5.93 -3.09
N LEU B 402 -10.13 -5.80 -2.49
CA LEU B 402 -10.94 -4.58 -2.78
C LEU B 402 -11.31 -3.84 -1.52
N GLY B 403 -11.09 -2.51 -1.47
CA GLY B 403 -11.58 -1.74 -0.30
C GLY B 403 -10.41 -0.98 0.29
N GLU B 404 -10.70 0.26 0.65
CA GLU B 404 -9.73 1.11 1.37
C GLU B 404 -9.26 0.41 2.65
N ASP B 405 -10.17 -0.35 3.30
CA ASP B 405 -9.85 -0.99 4.54
C ASP B 405 -8.77 -2.12 4.33
N ALA B 406 -8.41 -2.45 3.09
CA ALA B 406 -7.29 -3.40 2.87
C ALA B 406 -5.96 -2.66 2.83
N GLY B 407 -6.00 -1.35 2.59
CA GLY B 407 -4.74 -0.72 2.24
C GLY B 407 -4.10 0.14 3.31
N SER B 408 -3.10 0.92 2.86
CA SER B 408 -2.29 1.73 3.80
C SER B 408 -3.01 3.07 4.10
N ASN B 409 -2.77 3.58 5.29
CA ASN B 409 -3.14 4.99 5.62
C ASN B 409 -2.09 5.84 4.91
N SER B 410 -2.55 6.66 3.94
CA SER B 410 -1.55 7.47 3.18
C SER B 410 -0.87 8.52 4.05
N TYR B 411 -1.31 8.72 5.32
CA TYR B 411 -0.56 9.62 6.20
C TYR B 411 0.44 8.90 7.07
N GLY B 412 0.58 7.60 6.79
CA GLY B 412 1.44 6.71 7.64
C GLY B 412 0.49 6.06 8.69
N ALA B 413 0.88 4.88 9.24
CA ALA B 413 -0.03 4.19 10.19
C ALA B 413 -0.36 5.07 11.43
N ASN B 414 0.61 5.89 11.87
CA ASN B 414 0.33 6.83 12.99
C ASN B 414 0.04 8.26 12.54
N GLY B 415 -0.28 8.43 11.28
CA GLY B 415 -0.40 9.79 10.72
C GLY B 415 -1.67 10.57 11.11
N CYS B 416 -2.61 9.94 11.85
CA CYS B 416 -3.71 10.72 12.46
C CYS B 416 -3.50 10.71 13.98
N SER B 417 -3.45 11.91 14.57
CA SER B 417 -3.11 12.01 16.00
C SER B 417 -4.15 11.20 16.77
N ASP B 418 -3.71 10.40 17.72
CA ASP B 418 -4.68 9.55 18.49
C ASP B 418 -5.56 8.67 17.64
N ARG B 419 -5.08 8.33 16.44
CA ARG B 419 -5.76 7.53 15.40
C ARG B 419 -7.07 8.19 14.96
N GLY B 420 -7.14 9.54 15.06
CA GLY B 420 -8.42 10.21 14.82
C GLY B 420 -8.74 10.40 13.31
N CYS B 421 -8.79 9.31 12.58
CA CYS B 421 -9.32 9.26 11.21
C CYS B 421 -9.66 7.77 10.90
N ASP B 422 -10.31 7.51 9.75
CA ASP B 422 -10.58 6.13 9.37
C ASP B 422 -9.96 5.96 7.98
N ASN B 423 -8.62 6.00 7.90
CA ASN B 423 -8.04 5.99 6.53
C ASN B 423 -7.18 4.77 6.41
N GLY B 424 -7.36 4.08 5.30
CA GLY B 424 -6.60 2.77 5.23
C GLY B 424 -7.19 1.70 6.16
N THR B 425 -6.42 0.62 6.39
CA THR B 425 -6.98 -0.50 7.16
C THR B 425 -7.22 -0.10 8.61
N LEU B 426 -8.38 -0.45 9.15
CA LEU B 426 -8.71 -0.01 10.54
C LEU B 426 -8.15 -1.12 11.48
N ALA B 427 -7.10 -0.77 12.26
CA ALA B 427 -6.49 -1.76 13.12
C ALA B 427 -6.53 -1.19 14.56
N MET B 428 -6.95 0.07 14.72
CA MET B 428 -7.00 0.67 16.10
C MET B 428 -8.02 1.83 15.93
N ALA B 429 -8.97 1.89 16.90
CA ALA B 429 -9.96 2.98 16.92
C ALA B 429 -9.31 4.18 17.67
N TRP B 430 -10.07 5.22 17.97
CA TRP B 430 -9.46 6.48 18.33
C TRP B 430 -9.63 7.03 19.69
N GLY B 431 -8.74 7.94 20.08
CA GLY B 431 -8.88 8.59 21.45
C GLY B 431 -7.64 8.31 22.31
N SER B 432 -7.82 8.32 23.64
CA SER B 432 -6.61 8.09 24.49
C SER B 432 -6.40 6.63 24.73
N GLY B 433 -7.31 5.75 24.26
CA GLY B 433 -7.18 4.32 24.37
C GLY B 433 -6.34 3.72 23.27
N THR B 434 -5.25 4.39 22.96
CA THR B 434 -4.46 4.04 21.76
C THR B 434 -2.94 3.97 22.06
N ALA B 435 -2.19 3.47 21.03
CA ALA B 435 -0.73 3.39 21.19
C ALA B 435 -0.17 3.70 19.78
N GLU B 436 1.08 4.13 19.71
CA GLU B 436 1.71 4.38 18.33
C GLU B 436 2.09 2.97 17.84
N PHE B 437 1.70 2.67 16.60
CA PHE B 437 2.13 1.43 15.98
C PHE B 437 3.69 1.45 15.79
N PRO B 438 4.37 0.31 15.95
CA PRO B 438 5.80 0.28 15.50
C PRO B 438 5.86 0.08 13.93
N TYR B 439 4.73 -0.37 13.33
CA TYR B 439 4.53 -0.56 11.90
C TYR B 439 3.11 -1.10 11.85
N LEU B 440 2.59 -1.25 10.60
CA LEU B 440 1.24 -1.88 10.51
C LEU B 440 1.24 -2.70 9.24
N VAL B 441 1.07 -4.02 9.41
CA VAL B 441 0.99 -4.94 8.23
C VAL B 441 -0.44 -4.86 7.73
N THR B 442 -0.63 -4.41 6.47
CA THR B 442 -2.01 -4.26 6.01
C THR B 442 -2.45 -5.60 5.35
N PRO B 443 -3.77 -5.77 5.20
CA PRO B 443 -4.24 -6.99 4.53
C PRO B 443 -3.76 -7.02 3.05
N GLU B 444 -3.70 -5.86 2.39
CA GLU B 444 -3.14 -5.79 1.03
C GLU B 444 -1.72 -6.44 1.04
N GLN B 445 -0.85 -5.98 1.94
CA GLN B 445 0.50 -6.52 1.96
C GLN B 445 0.53 -8.02 2.18
N ALA B 446 -0.18 -8.47 3.20
CA ALA B 446 -0.09 -9.92 3.52
C ALA B 446 -0.72 -10.77 2.47
N ILE B 447 -1.87 -10.40 1.93
CA ILE B 447 -2.49 -11.26 0.93
C ILE B 447 -1.77 -11.21 -0.38
N GLN B 448 -1.33 -10.01 -0.81
CA GLN B 448 -0.54 -10.02 -2.07
C GLN B 448 0.73 -10.90 -1.84
N ALA B 449 1.37 -10.85 -0.67
CA ALA B 449 2.62 -11.62 -0.49
C ALA B 449 2.22 -13.10 -0.63
N GLU B 450 1.08 -13.45 -0.07
CA GLU B 450 0.74 -14.92 -0.04
C GLU B 450 0.49 -15.35 -1.53
N VAL B 451 -0.24 -14.54 -2.29
CA VAL B 451 -0.53 -14.92 -3.71
C VAL B 451 0.76 -15.02 -4.47
N LEU B 452 1.70 -14.08 -4.26
CA LEU B 452 2.99 -14.13 -5.06
C LEU B 452 3.85 -15.33 -4.71
N LYS B 453 3.74 -15.82 -3.49
CA LYS B 453 4.45 -17.05 -3.10
C LYS B 453 3.96 -18.21 -4.00
N HIS B 454 2.70 -18.21 -4.40
CA HIS B 454 2.15 -19.24 -5.23
C HIS B 454 2.13 -18.87 -6.75
N LYS B 455 2.83 -17.79 -7.09
CA LYS B 455 2.92 -17.29 -8.50
C LYS B 455 1.57 -16.93 -9.11
N GLY B 456 0.64 -16.47 -8.27
CA GLY B 456 -0.65 -16.01 -8.73
C GLY B 456 -0.65 -14.52 -9.17
N SER B 457 -1.83 -14.07 -9.71
CA SER B 457 -1.97 -12.72 -10.08
C SER B 457 -2.85 -12.04 -8.97
N VAL B 458 -2.59 -10.74 -8.71
CA VAL B 458 -3.28 -10.13 -7.58
C VAL B 458 -3.11 -8.63 -7.65
N TYR B 459 -4.16 -7.92 -7.23
CA TYR B 459 -4.16 -6.44 -7.25
C TYR B 459 -4.98 -5.94 -6.06
N ALA B 460 -4.75 -4.67 -5.67
CA ALA B 460 -5.57 -4.09 -4.66
C ALA B 460 -6.16 -2.79 -5.18
N ILE B 461 -7.48 -2.63 -5.00
CA ILE B 461 -8.18 -1.37 -5.31
C ILE B 461 -8.61 -0.84 -3.94
N THR B 462 -8.24 0.39 -3.68
CA THR B 462 -8.40 0.93 -2.28
C THR B 462 -9.13 2.28 -2.26
N ASP B 463 -9.79 2.63 -3.40
CA ASP B 463 -10.65 3.82 -3.42
C ASP B 463 -12.06 3.27 -3.58
N ASN B 464 -12.93 3.48 -2.58
CA ASN B 464 -14.19 2.72 -2.55
C ASN B 464 -15.26 3.39 -3.44
N TRP B 465 -14.83 4.49 -4.09
CA TRP B 465 -15.73 5.06 -5.12
C TRP B 465 -15.18 4.77 -6.48
N ALA B 466 -14.15 3.94 -6.63
CA ALA B 466 -13.66 3.57 -7.95
C ALA B 466 -14.37 2.30 -8.45
N LEU B 467 -15.71 2.36 -8.46
CA LEU B 467 -16.51 1.17 -8.70
C LEU B 467 -16.37 0.65 -10.15
N SER B 468 -16.01 1.52 -11.11
CA SER B 468 -15.75 1.00 -12.45
C SER B 468 -14.62 -0.01 -12.45
N GLN B 469 -13.54 0.41 -11.78
CA GLN B 469 -12.40 -0.49 -11.70
C GLN B 469 -12.71 -1.70 -10.85
N VAL B 470 -13.42 -1.50 -9.76
CA VAL B 470 -13.84 -2.67 -8.92
C VAL B 470 -14.60 -3.69 -9.75
N GLU B 471 -15.62 -3.20 -10.51
CA GLU B 471 -16.45 -4.14 -11.21
C GLU B 471 -15.63 -4.81 -12.27
N THR B 472 -14.81 -4.07 -12.97
CA THR B 472 -13.97 -4.73 -14.01
C THR B 472 -13.08 -5.79 -13.47
N LEU B 473 -12.41 -5.47 -12.38
CA LEU B 473 -11.49 -6.47 -11.84
C LEU B 473 -12.27 -7.65 -11.21
N ALA B 474 -13.38 -7.35 -10.53
CA ALA B 474 -14.14 -8.47 -9.89
C ALA B 474 -14.59 -9.48 -10.95
N LYS B 475 -14.95 -8.97 -12.12
CA LYS B 475 -15.32 -9.90 -13.24
C LYS B 475 -14.25 -10.85 -13.67
N GLN B 476 -12.97 -10.44 -13.53
CA GLN B 476 -11.84 -11.28 -13.96
C GLN B 476 -11.28 -12.18 -12.85
N ALA B 477 -11.74 -11.97 -11.61
CA ALA B 477 -11.07 -12.62 -10.45
C ALA B 477 -11.61 -13.98 -10.06
N SER B 478 -10.75 -14.82 -9.53
CA SER B 478 -11.14 -16.13 -9.01
C SER B 478 -11.82 -15.93 -7.66
N VAL B 479 -11.35 -14.94 -6.93
CA VAL B 479 -11.90 -14.71 -5.57
C VAL B 479 -11.72 -13.18 -5.33
N SER B 480 -12.76 -12.57 -4.78
CA SER B 480 -12.70 -11.13 -4.48
C SER B 480 -12.76 -11.02 -2.96
N LEU B 481 -11.74 -10.38 -2.33
CA LEU B 481 -11.73 -10.24 -0.84
C LEU B 481 -12.01 -8.74 -0.62
N VAL B 482 -13.17 -8.46 -0.04
CA VAL B 482 -13.63 -7.06 0.06
C VAL B 482 -13.55 -6.69 1.54
N PHE B 483 -13.01 -5.51 1.75
CA PHE B 483 -12.70 -5.03 3.06
C PHE B 483 -13.48 -3.78 3.40
N VAL B 484 -14.06 -3.76 4.60
CA VAL B 484 -14.99 -2.66 4.95
C VAL B 484 -14.82 -2.40 6.42
N ASN B 485 -15.19 -1.22 6.87
CA ASN B 485 -14.94 -0.90 8.30
C ASN B 485 -16.00 0.07 8.85
N SER B 486 -16.01 0.24 10.17
CA SER B 486 -16.79 1.30 10.82
C SER B 486 -16.03 1.58 12.11
N ASP B 487 -15.79 2.87 12.38
CA ASP B 487 -14.81 3.22 13.41
C ASP B 487 -15.58 4.06 14.45
N ALA B 488 -14.92 4.40 15.57
CA ALA B 488 -15.56 5.21 16.66
C ALA B 488 -14.46 5.49 17.62
N GLY B 489 -14.77 6.29 18.63
CA GLY B 489 -13.63 6.52 19.56
C GLY B 489 -14.01 7.41 20.71
N GLU B 490 -13.01 7.86 21.45
CA GLU B 490 -13.33 8.69 22.61
C GLU B 490 -13.89 10.07 22.12
N GLY B 491 -14.76 10.65 22.95
CA GLY B 491 -15.68 11.77 22.48
C GLY B 491 -14.93 13.09 22.23
N TYR B 492 -13.66 13.24 22.62
CA TYR B 492 -12.97 14.54 22.28
C TYR B 492 -12.52 14.66 20.84
N ILE B 493 -12.61 13.54 20.08
CA ILE B 493 -12.34 13.62 18.67
C ILE B 493 -13.64 13.28 17.88
N SER B 494 -13.82 14.03 16.81
CA SER B 494 -14.98 13.76 15.91
C SER B 494 -14.44 13.44 14.51
N VAL B 495 -14.80 12.29 13.90
CA VAL B 495 -14.38 11.99 12.54
C VAL B 495 -15.69 11.94 11.72
N ASP B 496 -15.71 12.73 10.65
CA ASP B 496 -16.93 12.82 9.83
C ASP B 496 -18.22 13.03 10.66
N GLY B 497 -18.12 13.92 11.69
CA GLY B 497 -19.31 14.29 12.50
C GLY B 497 -19.74 13.19 13.48
N ASN B 498 -18.94 12.10 13.60
CA ASN B 498 -19.20 11.13 14.67
C ASN B 498 -18.41 11.55 15.85
N GLU B 499 -19.11 12.08 16.86
CA GLU B 499 -18.38 12.80 18.01
C GLU B 499 -18.18 11.61 19.03
N GLY B 500 -17.13 10.84 18.76
CA GLY B 500 -16.84 9.63 19.59
C GLY B 500 -17.82 8.51 19.26
N ASP B 501 -19.04 8.62 19.78
CA ASP B 501 -20.11 7.68 19.46
C ASP B 501 -20.31 7.61 17.92
N ARG B 502 -20.73 6.41 17.47
CA ARG B 502 -21.13 6.25 16.04
C ARG B 502 -22.47 6.86 15.80
N ASN B 503 -22.55 7.60 14.69
CA ASN B 503 -23.91 8.07 14.31
C ASN B 503 -24.77 6.97 13.79
N ASN B 504 -24.17 5.93 13.20
CA ASN B 504 -25.04 4.83 12.80
C ASN B 504 -24.22 3.54 12.80
N LEU B 505 -24.82 2.43 12.37
CA LEU B 505 -24.10 1.12 12.41
C LEU B 505 -23.83 0.68 10.94
N THR B 506 -23.88 1.63 10.00
CA THR B 506 -23.68 1.31 8.57
C THR B 506 -22.21 1.35 8.21
N LEU B 507 -21.81 0.50 7.29
CA LEU B 507 -20.35 0.49 6.94
C LEU B 507 -19.94 1.84 6.42
N TRP B 508 -18.77 2.29 6.82
CA TRP B 508 -18.20 3.53 6.36
C TRP B 508 -17.63 3.42 4.93
N LYS B 509 -17.28 4.57 4.37
CA LYS B 509 -16.59 4.68 3.07
C LYS B 509 -17.31 3.80 2.02
N ASN B 510 -18.61 3.99 1.83
CA ASN B 510 -19.26 3.35 0.70
C ASN B 510 -19.27 1.79 0.78
N GLY B 511 -19.13 1.24 1.99
CA GLY B 511 -18.79 -0.20 2.08
C GLY B 511 -19.93 -1.08 1.53
N ASP B 512 -21.21 -0.72 1.80
CA ASP B 512 -22.30 -1.57 1.29
C ASP B 512 -22.24 -1.60 -0.28
N ASN B 513 -22.06 -0.45 -0.85
CA ASN B 513 -22.05 -0.34 -2.33
C ASN B 513 -20.83 -1.07 -2.87
N LEU B 514 -19.67 -1.01 -2.15
CA LEU B 514 -18.47 -1.72 -2.60
C LEU B 514 -18.76 -3.16 -2.67
N ILE B 515 -19.33 -3.69 -1.57
CA ILE B 515 -19.60 -5.15 -1.49
C ILE B 515 -20.55 -5.56 -2.67
N LYS B 516 -21.61 -4.74 -2.87
CA LYS B 516 -22.59 -5.15 -3.92
C LYS B 516 -21.92 -5.08 -5.31
N ALA B 517 -20.97 -4.15 -5.51
CA ALA B 517 -20.32 -3.99 -6.84
C ALA B 517 -19.48 -5.25 -7.06
N ALA B 518 -18.75 -5.69 -6.00
CA ALA B 518 -17.99 -6.89 -6.20
C ALA B 518 -18.89 -8.16 -6.39
N ALA B 519 -19.90 -8.32 -5.53
CA ALA B 519 -20.70 -9.57 -5.50
C ALA B 519 -21.55 -9.63 -6.76
N ASN B 520 -21.93 -8.48 -7.33
CA ASN B 520 -22.71 -8.49 -8.63
C ASN B 520 -21.86 -9.07 -9.74
N ASN B 521 -20.50 -9.07 -9.57
CA ASN B 521 -19.63 -9.44 -10.65
C ASN B 521 -18.74 -10.66 -10.42
N CYS B 522 -18.66 -11.18 -9.20
CA CYS B 522 -17.73 -12.24 -8.90
C CYS B 522 -18.46 -13.24 -8.00
N ASN B 523 -18.54 -14.50 -8.44
CA ASN B 523 -19.28 -15.47 -7.63
C ASN B 523 -18.58 -16.04 -6.39
N ASN B 524 -17.37 -15.53 -6.06
CA ASN B 524 -16.74 -15.97 -4.85
C ASN B 524 -16.24 -14.67 -4.15
N THR B 525 -17.17 -13.94 -3.56
CA THR B 525 -16.84 -12.61 -2.93
C THR B 525 -16.89 -12.86 -1.42
N ILE B 526 -15.73 -12.60 -0.79
CA ILE B 526 -15.56 -12.86 0.67
C ILE B 526 -15.39 -11.50 1.32
N VAL B 527 -16.18 -11.22 2.39
CA VAL B 527 -16.14 -9.88 2.97
C VAL B 527 -15.43 -9.99 4.33
N VAL B 528 -14.52 -9.02 4.59
CA VAL B 528 -13.81 -8.95 5.87
C VAL B 528 -14.16 -7.57 6.43
N ILE B 529 -14.58 -7.55 7.71
CA ILE B 529 -15.02 -6.29 8.33
C ILE B 529 -14.01 -6.02 9.47
N HIS B 530 -13.46 -4.82 9.49
CA HIS B 530 -12.75 -4.38 10.68
C HIS B 530 -13.66 -3.34 11.33
N SER B 531 -13.96 -3.49 12.63
CA SER B 531 -14.84 -2.47 13.20
C SER B 531 -14.81 -2.54 14.72
N VAL B 532 -15.33 -1.46 15.32
CA VAL B 532 -15.35 -1.35 16.77
C VAL B 532 -16.49 -2.12 17.41
N GLY B 533 -17.41 -2.70 16.60
CA GLY B 533 -18.66 -3.34 17.19
C GLY B 533 -19.50 -3.79 16.00
N PRO B 534 -20.73 -4.16 16.24
CA PRO B 534 -21.52 -4.66 15.15
C PRO B 534 -21.76 -3.65 14.07
N VAL B 535 -21.96 -4.11 12.83
CA VAL B 535 -22.42 -3.20 11.80
C VAL B 535 -23.64 -3.91 11.14
N LEU B 536 -24.38 -3.15 10.31
CA LEU B 536 -25.56 -3.75 9.64
C LEU B 536 -25.11 -4.46 8.36
N VAL B 537 -25.51 -5.71 8.18
CA VAL B 537 -25.00 -6.48 7.06
C VAL B 537 -26.18 -6.94 6.19
N ASP B 538 -27.36 -6.46 6.55
CA ASP B 538 -28.66 -6.99 5.88
C ASP B 538 -28.71 -6.71 4.39
N GLU B 539 -28.07 -5.65 3.86
CA GLU B 539 -28.12 -5.40 2.44
C GLU B 539 -27.39 -6.43 1.57
N TRP B 540 -26.48 -7.19 2.14
CA TRP B 540 -25.65 -8.06 1.33
C TRP B 540 -25.25 -9.40 1.92
N TYR B 541 -25.49 -9.63 3.19
CA TYR B 541 -24.93 -10.84 3.78
C TYR B 541 -25.49 -12.14 3.15
N ASP B 542 -26.70 -12.06 2.54
CA ASP B 542 -27.29 -13.30 1.97
C ASP B 542 -27.25 -13.25 0.46
N HIS B 543 -26.45 -12.33 -0.09
CA HIS B 543 -26.24 -12.29 -1.56
C HIS B 543 -25.65 -13.66 -1.97
N PRO B 544 -26.14 -14.26 -3.06
CA PRO B 544 -25.68 -15.66 -3.37
C PRO B 544 -24.20 -15.71 -3.75
N ASN B 545 -23.63 -14.59 -4.14
CA ASN B 545 -22.19 -14.60 -4.44
C ASN B 545 -21.29 -14.13 -3.31
N VAL B 546 -21.92 -13.76 -2.16
CA VAL B 546 -21.08 -13.52 -0.91
C VAL B 546 -20.89 -14.90 -0.29
N THR B 547 -19.73 -15.49 -0.43
CA THR B 547 -19.54 -16.84 -0.02
C THR B 547 -18.95 -16.94 1.38
N ALA B 548 -18.37 -15.84 1.93
CA ALA B 548 -17.96 -16.00 3.35
C ALA B 548 -17.86 -14.56 3.88
N ILE B 549 -17.96 -14.43 5.21
CA ILE B 549 -17.97 -13.13 5.84
C ILE B 549 -17.17 -13.35 7.14
N LEU B 550 -16.22 -12.44 7.39
CA LEU B 550 -15.41 -12.52 8.68
C LEU B 550 -15.45 -11.18 9.34
N TRP B 551 -15.52 -11.18 10.67
CA TRP B 551 -15.31 -9.91 11.38
C TRP B 551 -14.02 -10.03 12.21
N ALA B 552 -13.07 -9.12 11.95
CA ALA B 552 -11.71 -9.20 12.50
C ALA B 552 -11.47 -8.14 13.57
N GLY B 553 -12.47 -7.28 13.90
CA GLY B 553 -12.31 -6.32 15.05
C GLY B 553 -11.17 -5.32 14.67
N LEU B 554 -10.30 -5.03 15.67
CA LEU B 554 -9.30 -3.96 15.59
C LEU B 554 -7.96 -4.69 15.96
N PRO B 555 -7.30 -5.29 14.97
CA PRO B 555 -6.30 -6.34 15.31
C PRO B 555 -4.93 -5.81 15.72
N GLY B 556 -4.71 -4.50 15.70
CA GLY B 556 -3.35 -4.02 16.02
C GLY B 556 -2.32 -4.30 14.91
N GLN B 557 -1.01 -4.34 15.31
CA GLN B 557 0.03 -4.06 14.27
C GLN B 557 0.21 -5.17 13.24
N GLU B 558 -0.20 -6.42 13.60
CA GLU B 558 -0.01 -7.57 12.66
C GLU B 558 -1.28 -7.89 11.81
N SER B 559 -2.15 -6.88 11.66
CA SER B 559 -3.48 -7.10 11.10
C SER B 559 -3.47 -8.02 9.90
N GLY B 560 -2.65 -7.67 8.89
CA GLY B 560 -2.78 -8.42 7.59
C GLY B 560 -2.31 -9.86 7.82
N ASN B 561 -1.27 -10.02 8.60
CA ASN B 561 -0.75 -11.41 8.83
C ASN B 561 -1.75 -12.24 9.68
N SER B 562 -2.33 -11.65 10.74
CA SER B 562 -3.41 -12.37 11.51
C SER B 562 -4.48 -12.87 10.55
N LEU B 563 -4.90 -11.98 9.62
CA LEU B 563 -5.98 -12.33 8.67
C LEU B 563 -5.52 -13.38 7.62
N ALA B 564 -4.32 -13.22 7.04
CA ALA B 564 -3.91 -14.20 6.03
C ALA B 564 -3.75 -15.56 6.69
N ASP B 565 -3.31 -15.62 7.98
CA ASP B 565 -3.20 -16.96 8.61
C ASP B 565 -4.57 -17.66 8.64
N VAL B 566 -5.65 -16.90 8.87
CA VAL B 566 -7.00 -17.53 8.91
C VAL B 566 -7.43 -17.84 7.44
N LEU B 567 -7.27 -16.84 6.55
CA LEU B 567 -7.80 -17.09 5.18
C LEU B 567 -7.14 -18.25 4.53
N TYR B 568 -5.85 -18.38 4.74
CA TYR B 568 -5.10 -19.42 4.10
C TYR B 568 -4.97 -20.74 4.92
N GLY B 569 -5.69 -20.85 6.02
CA GLY B 569 -5.81 -22.15 6.78
C GLY B 569 -4.62 -22.42 7.69
N ARG B 570 -3.65 -21.50 7.90
CA ARG B 570 -2.68 -21.80 8.93
C ARG B 570 -3.32 -21.83 10.31
N VAL B 571 -4.36 -20.99 10.50
CA VAL B 571 -5.09 -20.93 11.76
C VAL B 571 -6.55 -21.26 11.43
N ASN B 572 -7.11 -22.26 12.13
CA ASN B 572 -8.54 -22.54 11.99
C ASN B 572 -9.32 -21.62 12.94
N PRO B 573 -10.17 -20.75 12.42
CA PRO B 573 -10.76 -19.76 13.26
C PRO B 573 -11.59 -20.43 14.37
N GLY B 574 -11.49 -19.89 15.59
CA GLY B 574 -12.21 -20.45 16.72
C GLY B 574 -12.97 -19.31 17.42
N ALA B 575 -12.75 -18.08 16.96
CA ALA B 575 -13.44 -16.88 17.65
C ALA B 575 -14.97 -16.97 17.54
N LYS B 576 -15.64 -16.32 18.50
CA LYS B 576 -17.08 -16.27 18.48
C LYS B 576 -17.50 -14.87 18.72
N SER B 577 -18.67 -14.50 18.17
CA SER B 577 -19.08 -13.07 18.27
C SER B 577 -19.34 -12.75 19.78
N PRO B 578 -18.78 -11.59 20.27
CA PRO B 578 -18.99 -11.28 21.70
C PRO B 578 -20.14 -10.29 21.81
N PHE B 579 -20.90 -10.07 20.73
CA PHE B 579 -22.09 -9.17 20.82
C PHE B 579 -23.05 -9.64 19.69
N THR B 580 -24.23 -9.02 19.63
CA THR B 580 -25.23 -9.48 18.65
C THR B 580 -25.13 -8.66 17.33
N TRP B 581 -25.36 -9.36 16.19
CA TRP B 581 -25.46 -8.67 14.87
C TRP B 581 -26.94 -8.64 14.49
N GLY B 582 -27.55 -7.48 14.68
CA GLY B 582 -29.01 -7.31 14.47
C GLY B 582 -29.34 -6.93 13.02
N LYS B 583 -30.63 -7.07 12.67
CA LYS B 583 -31.04 -6.64 11.32
C LYS B 583 -31.14 -5.16 11.16
N THR B 584 -31.39 -4.41 12.26
CA THR B 584 -31.54 -2.99 12.16
C THR B 584 -30.96 -2.35 13.45
N ARG B 585 -30.73 -1.02 13.46
CA ARG B 585 -30.32 -0.37 14.73
C ARG B 585 -31.45 -0.53 15.78
N GLU B 586 -32.72 -0.45 15.32
CA GLU B 586 -33.83 -0.53 16.26
C GLU B 586 -33.88 -1.81 17.07
N ALA B 587 -33.43 -2.92 16.44
CA ALA B 587 -33.44 -4.21 17.11
C ALA B 587 -32.64 -4.20 18.39
N TYR B 588 -31.64 -3.33 18.55
CA TYR B 588 -30.78 -3.29 19.79
C TYR B 588 -31.39 -2.39 20.87
N GLY B 589 -32.39 -1.56 20.53
CA GLY B 589 -32.93 -0.59 21.48
C GLY B 589 -31.85 0.28 22.12
N ASP B 590 -31.99 0.56 23.42
CA ASP B 590 -30.87 1.26 24.11
C ASP B 590 -30.28 2.44 23.29
N TYR B 591 -31.15 3.45 22.95
CA TYR B 591 -30.65 4.55 22.17
C TYR B 591 -29.74 5.51 23.00
N LEU B 592 -28.81 6.13 22.30
CA LEU B 592 -27.98 7.07 22.95
C LEU B 592 -28.80 8.32 23.22
N VAL B 593 -28.39 9.08 24.21
CA VAL B 593 -28.96 10.40 24.46
C VAL B 593 -28.16 11.40 23.63
N ARG B 594 -28.83 11.93 22.58
CA ARG B 594 -28.11 12.76 21.61
C ARG B 594 -28.56 14.24 21.68
N GLU B 595 -29.57 14.55 22.47
CA GLU B 595 -30.06 15.95 22.50
C GLU B 595 -30.31 16.30 23.98
N LEU B 596 -30.24 17.57 24.29
CA LEU B 596 -30.44 17.96 25.70
C LEU B 596 -31.88 17.68 26.11
N ASN B 597 -32.08 17.01 27.20
CA ASN B 597 -33.41 16.66 27.67
C ASN B 597 -33.71 17.15 29.06
N ASN B 598 -32.83 17.98 29.60
CA ASN B 598 -33.06 18.51 30.94
C ASN B 598 -32.68 20.01 30.89
N GLY B 599 -33.21 20.70 29.86
CA GLY B 599 -32.79 22.08 29.69
C GLY B 599 -31.32 22.25 29.44
N ASN B 600 -30.69 23.15 30.18
CA ASN B 600 -29.21 23.35 30.14
C ASN B 600 -28.54 22.72 31.36
N GLY B 601 -29.32 21.96 32.07
CA GLY B 601 -28.78 21.07 33.16
C GLY B 601 -28.11 19.79 32.55
N ALA B 602 -27.70 18.88 33.44
CA ALA B 602 -27.14 17.62 32.97
C ALA B 602 -28.20 16.84 32.24
N PRO B 603 -27.89 16.38 31.03
CA PRO B 603 -28.77 15.48 30.33
C PRO B 603 -28.92 14.21 31.17
N GLN B 604 -30.11 13.67 31.10
CA GLN B 604 -30.46 12.51 31.90
C GLN B 604 -30.51 11.26 31.04
N ASP B 605 -29.79 10.19 31.45
CA ASP B 605 -29.71 8.98 30.67
C ASP B 605 -30.29 7.82 31.52
N ASP B 606 -31.63 7.63 31.45
CA ASP B 606 -32.28 6.58 32.22
C ASP B 606 -32.06 5.21 31.53
N PHE B 607 -31.50 4.27 32.26
CA PHE B 607 -31.24 2.92 31.65
C PHE B 607 -32.52 2.15 31.91
N SER B 608 -33.56 2.56 31.18
CA SER B 608 -34.86 2.04 31.53
C SER B 608 -35.05 0.58 31.05
N GLU B 609 -34.20 0.11 30.17
CA GLU B 609 -34.25 -1.33 29.77
C GLU B 609 -33.79 -2.25 30.88
N GLY B 610 -33.22 -1.72 31.96
CA GLY B 610 -32.75 -2.55 33.07
C GLY B 610 -31.63 -3.48 32.53
N VAL B 611 -31.76 -4.80 32.74
CA VAL B 611 -30.60 -5.65 32.35
C VAL B 611 -30.67 -5.98 30.86
N PHE B 612 -31.70 -5.53 30.15
CA PHE B 612 -31.94 -6.02 28.75
C PHE B 612 -31.17 -5.27 27.66
N ILE B 613 -29.86 -5.56 27.67
CA ILE B 613 -28.91 -5.01 26.68
C ILE B 613 -28.43 -6.15 25.77
N ASP B 614 -28.10 -5.81 24.52
CA ASP B 614 -27.55 -6.78 23.56
C ASP B 614 -28.44 -8.08 23.55
N TYR B 615 -27.88 -9.30 23.66
CA TYR B 615 -28.73 -10.48 23.35
C TYR B 615 -29.90 -10.60 24.33
N ARG B 616 -29.72 -10.13 25.58
CA ARG B 616 -30.86 -10.28 26.49
C ARG B 616 -32.04 -9.46 25.97
N GLY B 617 -31.80 -8.29 25.40
CA GLY B 617 -32.90 -7.46 24.78
C GLY B 617 -33.45 -8.13 23.49
N PHE B 618 -32.60 -8.68 22.61
CA PHE B 618 -33.09 -9.40 21.40
C PHE B 618 -34.02 -10.54 21.88
N ASP B 619 -33.56 -11.31 22.87
CA ASP B 619 -34.33 -12.53 23.30
C ASP B 619 -35.61 -12.09 23.93
N LYS B 620 -35.58 -10.99 24.71
CA LYS B 620 -36.82 -10.58 25.42
C LYS B 620 -37.83 -10.12 24.34
N ARG B 621 -37.41 -9.47 23.27
CA ARG B 621 -38.33 -9.05 22.21
C ARG B 621 -38.62 -10.08 21.12
N ASN B 622 -38.12 -11.26 21.30
CA ASN B 622 -38.23 -12.36 20.37
C ASN B 622 -37.77 -11.95 19.02
N GLU B 623 -36.66 -11.20 18.96
CA GLU B 623 -36.15 -10.79 17.64
C GLU B 623 -35.14 -11.90 17.21
N THR B 624 -34.91 -12.06 15.91
CA THR B 624 -33.91 -12.99 15.45
C THR B 624 -32.70 -12.17 14.92
N PRO B 625 -31.57 -12.33 15.60
CA PRO B 625 -30.34 -11.73 15.09
C PRO B 625 -29.94 -12.34 13.75
N ILE B 626 -29.19 -11.62 12.94
CA ILE B 626 -28.51 -12.26 11.80
C ILE B 626 -27.44 -13.20 12.31
N TYR B 627 -26.60 -12.72 13.25
CA TYR B 627 -25.58 -13.55 13.89
C TYR B 627 -25.71 -13.29 15.36
N GLU B 628 -25.99 -14.34 16.12
CA GLU B 628 -26.29 -14.14 17.55
C GLU B 628 -25.01 -14.06 18.38
N PHE B 629 -25.14 -13.53 19.60
CA PHE B 629 -24.05 -13.60 20.60
C PHE B 629 -23.53 -15.09 20.69
N GLY B 630 -22.20 -15.29 20.65
CA GLY B 630 -21.62 -16.61 20.77
C GLY B 630 -21.50 -17.32 19.44
N HIS B 631 -22.00 -16.70 18.35
CA HIS B 631 -21.89 -17.36 17.02
C HIS B 631 -20.46 -17.25 16.39
N GLY B 632 -19.96 -18.40 15.89
CA GLY B 632 -18.77 -18.26 15.01
C GLY B 632 -18.55 -19.63 14.38
N LEU B 633 -18.11 -19.72 13.15
CA LEU B 633 -17.91 -21.02 12.45
C LEU B 633 -16.44 -21.43 12.59
N SER B 634 -16.14 -22.63 12.10
CA SER B 634 -14.80 -23.13 12.17
C SER B 634 -14.58 -23.90 10.81
N TYR B 635 -13.31 -24.23 10.56
CA TYR B 635 -13.09 -25.14 9.42
C TYR B 635 -13.28 -26.64 9.82
N THR B 636 -13.77 -26.91 11.05
CA THR B 636 -14.21 -28.24 11.39
C THR B 636 -15.58 -28.14 12.06
N THR B 637 -16.16 -29.27 12.50
CA THR B 637 -17.44 -29.27 13.18
C THR B 637 -17.24 -29.92 14.51
N PHE B 638 -18.15 -29.59 15.45
CA PHE B 638 -18.07 -30.12 16.82
C PHE B 638 -19.44 -30.66 17.21
N ASN B 639 -19.43 -31.65 18.06
CA ASN B 639 -20.69 -32.18 18.63
C ASN B 639 -20.66 -32.07 20.12
N TYR B 640 -21.79 -31.71 20.73
CA TYR B 640 -21.94 -31.59 22.16
C TYR B 640 -22.92 -32.65 22.64
N SER B 641 -22.57 -33.42 23.65
CA SER B 641 -23.53 -34.44 24.01
C SER B 641 -23.34 -34.72 25.48
N GLY B 642 -24.23 -35.56 26.05
CA GLY B 642 -23.87 -36.14 27.38
C GLY B 642 -23.89 -35.16 28.58
N LEU B 643 -24.94 -34.35 28.65
CA LEU B 643 -25.02 -33.40 29.79
C LEU B 643 -25.23 -34.18 31.09
N HIS B 644 -24.42 -33.89 32.09
CA HIS B 644 -24.53 -34.49 33.44
C HIS B 644 -24.47 -33.39 34.46
N ILE B 645 -25.33 -33.48 35.47
CA ILE B 645 -25.43 -32.38 36.48
C ILE B 645 -25.29 -33.01 37.85
N GLN B 646 -24.43 -32.48 38.71
CA GLN B 646 -24.24 -33.08 40.04
C GLN B 646 -24.30 -31.95 41.12
N VAL B 647 -25.15 -32.12 42.15
CA VAL B 647 -25.23 -31.15 43.27
C VAL B 647 -24.01 -31.38 44.11
N LEU B 648 -23.34 -30.32 44.58
CA LEU B 648 -22.05 -30.48 45.28
C LEU B 648 -22.33 -30.36 46.84
N ASN B 649 -21.42 -30.84 47.67
CA ASN B 649 -21.57 -30.89 49.16
C ASN B 649 -21.50 -29.47 49.70
N ALA B 657 -16.31 -11.55 59.20
CA ALA B 657 -16.41 -10.51 60.22
C ALA B 657 -17.77 -9.80 60.08
N THR B 658 -18.36 -9.38 61.20
CA THR B 658 -19.61 -8.60 61.08
C THR B 658 -19.41 -7.10 61.33
N GLU B 659 -18.23 -6.71 61.84
CA GLU B 659 -17.86 -5.32 62.10
C GLU B 659 -16.38 -5.05 61.64
N THR B 660 -16.08 -3.84 61.18
CA THR B 660 -14.72 -3.50 60.84
C THR B 660 -13.97 -3.05 62.13
N GLY B 661 -12.68 -2.82 62.05
CA GLY B 661 -11.94 -2.17 63.11
C GLY B 661 -12.20 -0.63 62.98
N ALA B 662 -11.79 0.15 63.98
CA ALA B 662 -11.88 1.60 63.92
C ALA B 662 -10.85 2.07 62.83
N ALA B 663 -11.02 3.27 62.30
CA ALA B 663 -10.12 3.80 61.24
C ALA B 663 -8.81 4.15 61.96
N PRO B 664 -7.69 3.66 61.46
CA PRO B 664 -6.38 3.93 62.10
C PRO B 664 -5.78 5.21 61.54
N THR B 665 -4.84 5.80 62.32
CA THR B 665 -3.96 6.82 61.76
C THR B 665 -2.55 6.31 61.85
N PHE B 666 -1.76 6.73 60.89
CA PHE B 666 -0.42 6.20 60.73
C PHE B 666 0.50 7.42 60.67
N GLY B 667 1.43 7.56 61.63
CA GLY B 667 2.23 8.82 61.73
C GLY B 667 1.43 10.03 62.23
N GLN B 668 2.09 11.20 62.19
CA GLN B 668 1.61 12.39 62.94
C GLN B 668 1.43 13.58 61.98
N VAL B 669 0.56 14.49 62.37
CA VAL B 669 0.42 15.76 61.70
C VAL B 669 0.82 16.92 62.62
N GLY B 670 1.67 17.83 62.16
CA GLY B 670 2.17 18.93 62.98
C GLY B 670 1.44 20.24 62.73
N ASN B 671 2.09 21.37 62.93
CA ASN B 671 1.49 22.71 62.78
C ASN B 671 1.52 23.07 61.30
N ALA B 672 0.73 24.05 60.90
CA ALA B 672 0.77 24.50 59.50
C ALA B 672 2.22 24.85 59.06
N SER B 673 3.02 25.46 59.95
CA SER B 673 4.31 25.90 59.55
C SER B 673 5.20 24.75 59.01
N ASP B 674 4.96 23.50 59.44
CA ASP B 674 5.74 22.31 58.96
C ASP B 674 5.48 22.07 57.43
N TYR B 675 4.44 22.68 56.86
CA TYR B 675 4.01 22.40 55.45
C TYR B 675 4.05 23.54 54.50
N VAL B 676 4.74 24.65 54.90
CA VAL B 676 4.89 25.78 54.02
C VAL B 676 6.01 25.41 53.02
N TYR B 677 5.99 26.04 51.85
CA TYR B 677 6.99 25.70 50.82
C TYR B 677 8.39 25.84 51.39
N PRO B 678 9.27 24.86 51.14
CA PRO B 678 10.63 24.87 51.68
C PRO B 678 11.31 26.00 51.00
N GLU B 679 12.06 26.77 51.80
CA GLU B 679 12.68 27.98 51.29
C GLU B 679 13.57 27.89 50.06
N GLY B 680 14.35 26.83 49.94
CA GLY B 680 15.29 26.80 48.77
C GLY B 680 14.70 26.22 47.46
N LEU B 681 13.43 25.91 47.46
CA LEU B 681 12.89 25.14 46.33
C LEU B 681 12.45 26.09 45.27
N THR B 682 12.92 25.90 44.01
CA THR B 682 12.36 26.63 42.88
C THR B 682 11.04 26.06 42.39
N ARG B 683 9.97 26.81 42.52
CA ARG B 683 8.65 26.35 42.15
C ARG B 683 8.50 26.39 40.63
N ILE B 684 8.23 25.26 40.03
CA ILE B 684 8.11 25.21 38.61
C ILE B 684 6.72 25.70 38.17
N SER B 685 6.64 26.54 37.15
CA SER B 685 5.31 27.09 36.71
C SER B 685 4.32 25.94 36.41
N LYS B 686 3.12 26.04 36.98
CA LYS B 686 1.98 25.10 36.68
C LYS B 686 2.15 23.78 37.42
N PHE B 687 3.29 23.61 38.10
CA PHE B 687 3.51 22.34 38.85
C PHE B 687 2.64 22.36 40.13
N ILE B 688 2.01 21.21 40.42
CA ILE B 688 1.12 21.06 41.62
C ILE B 688 1.94 20.47 42.76
N TYR B 689 1.95 21.20 43.92
CA TYR B 689 2.68 20.82 45.08
C TYR B 689 1.75 20.62 46.27
N PRO B 690 2.27 20.02 47.36
CA PRO B 690 1.43 19.72 48.51
C PRO B 690 1.48 20.87 49.56
N TRP B 691 2.31 21.89 49.27
CA TRP B 691 2.68 22.88 50.30
C TRP B 691 1.81 24.13 50.30
N LEU B 692 1.95 24.87 51.40
CA LEU B 692 1.16 26.11 51.60
C LEU B 692 2.02 27.35 51.43
N ASN B 693 1.45 28.40 50.90
CA ASN B 693 2.25 29.65 50.81
C ASN B 693 2.59 30.19 52.20
N SER B 694 1.66 30.05 53.16
CA SER B 694 1.92 30.62 54.52
C SER B 694 1.14 29.83 55.52
N THR B 695 1.27 30.15 56.84
CA THR B 695 0.46 29.43 57.84
C THR B 695 -0.97 29.95 57.79
N ASP B 696 -1.30 30.98 57.01
CA ASP B 696 -2.68 31.42 56.87
C ASP B 696 -3.38 30.42 55.88
N LEU B 697 -4.26 29.60 56.44
CA LEU B 697 -4.87 28.46 55.66
C LEU B 697 -5.79 29.01 54.66
N LYS B 698 -6.68 29.98 55.06
CA LYS B 698 -7.58 30.55 54.06
C LYS B 698 -6.86 31.19 52.87
N ALA B 699 -5.84 32.01 53.17
CA ALA B 699 -5.20 32.69 52.04
C ALA B 699 -4.45 31.62 51.20
N SER B 700 -3.86 30.64 51.85
CA SER B 700 -3.04 29.66 51.10
C SER B 700 -3.95 28.76 50.25
N SER B 701 -5.22 28.58 50.69
CA SER B 701 -6.14 27.77 49.82
C SER B 701 -6.55 28.53 48.60
N GLY B 702 -6.83 29.83 48.69
CA GLY B 702 -7.34 30.57 47.52
C GLY B 702 -8.79 30.16 47.15
N ASP B 703 -9.46 29.37 47.99
CA ASP B 703 -10.77 28.87 47.64
C ASP B 703 -11.84 29.96 48.01
N PRO B 704 -12.62 30.44 47.08
CA PRO B 704 -13.66 31.45 47.39
C PRO B 704 -14.66 30.95 48.38
N TYR B 705 -14.79 29.62 48.60
CA TYR B 705 -15.72 29.08 49.56
C TYR B 705 -15.07 28.69 50.83
N TYR B 706 -13.79 28.98 51.03
CA TYR B 706 -13.07 28.45 52.20
C TYR B 706 -13.78 28.79 53.52
N GLY B 707 -13.99 27.78 54.38
CA GLY B 707 -14.48 28.05 55.76
C GLY B 707 -15.98 28.43 55.80
N VAL B 708 -16.69 28.42 54.64
CA VAL B 708 -18.09 28.93 54.61
C VAL B 708 -19.01 27.74 54.57
N ASP B 709 -19.92 27.67 55.56
CA ASP B 709 -20.98 26.62 55.65
C ASP B 709 -20.36 25.21 55.57
N THR B 710 -19.13 25.06 56.10
CA THR B 710 -18.39 23.82 55.85
C THR B 710 -19.15 22.60 56.36
N ALA B 711 -19.66 22.63 57.57
CA ALA B 711 -20.33 21.46 58.09
C ALA B 711 -21.63 21.09 57.38
N GLU B 712 -22.36 22.11 56.92
CA GLU B 712 -23.58 21.76 56.17
C GLU B 712 -23.20 21.13 54.81
N HIS B 713 -21.95 21.25 54.37
CA HIS B 713 -21.50 20.63 53.06
C HIS B 713 -20.72 19.32 53.26
N VAL B 714 -20.70 18.81 54.48
CA VAL B 714 -20.04 17.55 54.82
C VAL B 714 -21.18 16.59 55.22
N PRO B 715 -21.42 15.53 54.42
CA PRO B 715 -22.53 14.64 54.69
C PRO B 715 -22.42 13.92 56.00
N GLU B 716 -23.57 13.56 56.52
CA GLU B 716 -23.61 12.87 57.84
C GLU B 716 -22.77 11.57 57.79
N GLY B 717 -21.89 11.36 58.79
CA GLY B 717 -21.12 10.04 58.82
C GLY B 717 -19.76 10.20 58.10
N ALA B 718 -19.60 11.27 57.33
CA ALA B 718 -18.42 11.39 56.47
C ALA B 718 -17.13 11.46 57.26
N THR B 719 -17.19 11.83 58.57
CA THR B 719 -15.95 11.81 59.36
C THR B 719 -15.96 10.79 60.47
N ASP B 720 -16.87 9.82 60.38
CA ASP B 720 -16.99 8.83 61.40
C ASP B 720 -15.93 7.74 61.27
N GLY B 721 -14.87 7.78 62.09
CA GLY B 721 -13.90 6.71 62.08
C GLY B 721 -14.10 5.54 62.99
N SER B 722 -15.33 5.42 63.56
CA SER B 722 -15.65 4.26 64.42
C SER B 722 -15.81 2.95 63.65
N PRO B 723 -15.74 1.81 64.35
CA PRO B 723 -15.99 0.55 63.63
C PRO B 723 -17.34 0.58 62.92
N GLN B 724 -17.42 -0.10 61.76
CA GLN B 724 -18.64 -0.02 60.92
C GLN B 724 -19.21 -1.42 60.71
N PRO B 725 -20.53 -1.55 60.45
CA PRO B 725 -21.10 -2.86 60.13
C PRO B 725 -20.52 -3.36 58.82
N VAL B 726 -20.28 -4.64 58.73
CA VAL B 726 -19.95 -5.27 57.41
C VAL B 726 -21.23 -5.53 56.67
N LEU B 727 -21.36 -5.09 55.40
CA LEU B 727 -22.61 -5.33 54.63
C LEU B 727 -22.85 -6.86 54.40
N PRO B 728 -24.14 -7.29 54.34
CA PRO B 728 -24.50 -8.73 54.14
C PRO B 728 -23.80 -9.31 52.87
N ALA B 729 -23.73 -8.44 51.84
CA ALA B 729 -23.16 -8.87 50.51
C ALA B 729 -21.67 -8.63 50.44
N GLY B 730 -21.03 -8.10 51.51
CA GLY B 730 -19.56 -7.79 51.52
C GLY B 730 -18.82 -8.74 52.45
N GLY B 731 -17.64 -8.40 52.87
CA GLY B 731 -16.89 -9.22 53.79
C GLY B 731 -15.84 -10.09 53.10
N GLY B 732 -15.65 -9.91 51.79
CA GLY B 732 -14.65 -10.76 51.13
C GLY B 732 -14.01 -9.95 50.02
N SER B 733 -13.58 -10.59 48.94
CA SER B 733 -13.03 -9.82 47.80
C SER B 733 -13.90 -10.06 46.62
N GLY B 734 -14.55 -9.04 46.11
CA GLY B 734 -15.59 -9.17 45.09
C GLY B 734 -16.89 -9.65 45.66
N GLY B 735 -17.09 -9.41 46.96
CA GLY B 735 -18.34 -9.89 47.62
C GLY B 735 -18.07 -10.93 48.72
N ASN B 736 -19.06 -11.07 49.60
CA ASN B 736 -19.10 -12.14 50.59
C ASN B 736 -18.58 -13.49 50.02
N PRO B 737 -17.64 -14.10 50.69
CA PRO B 737 -17.02 -15.34 50.14
C PRO B 737 -18.04 -16.39 49.86
N ARG B 738 -19.17 -16.42 50.59
CA ARG B 738 -20.21 -17.50 50.34
C ARG B 738 -20.72 -17.41 48.87
N LEU B 739 -20.59 -16.23 48.26
CA LEU B 739 -21.03 -16.04 46.84
C LEU B 739 -20.26 -17.01 45.92
N TYR B 740 -19.06 -17.42 46.34
CA TYR B 740 -18.18 -18.15 45.41
C TYR B 740 -18.14 -19.62 45.77
N ASP B 741 -18.95 -20.01 46.76
CA ASP B 741 -19.15 -21.48 47.00
C ASP B 741 -19.68 -22.14 45.69
N GLU B 742 -19.12 -23.28 45.36
CA GLU B 742 -19.52 -24.04 44.20
C GLU B 742 -20.71 -24.95 44.58
N LEU B 743 -21.84 -24.82 43.90
CA LEU B 743 -23.09 -25.48 44.31
C LEU B 743 -23.43 -26.65 43.35
N ILE B 744 -23.15 -26.48 42.01
CA ILE B 744 -23.55 -27.53 41.04
C ILE B 744 -22.40 -27.75 40.09
N ARG B 745 -22.09 -29.02 39.78
CA ARG B 745 -21.05 -29.27 38.77
C ARG B 745 -21.80 -29.69 37.45
N VAL B 746 -21.38 -29.21 36.28
CA VAL B 746 -22.02 -29.56 35.06
C VAL B 746 -20.91 -30.10 34.10
N SER B 747 -21.21 -31.19 33.38
CA SER B 747 -20.17 -31.75 32.45
C SER B 747 -20.89 -32.03 31.16
N VAL B 748 -20.14 -31.91 30.04
CA VAL B 748 -20.66 -32.34 28.76
C VAL B 748 -19.47 -32.95 28.00
N THR B 749 -19.79 -33.71 26.94
CA THR B 749 -18.72 -34.26 26.07
C THR B 749 -18.69 -33.43 24.77
N VAL B 750 -17.49 -33.03 24.34
CA VAL B 750 -17.37 -32.26 23.11
C VAL B 750 -16.43 -33.06 22.21
N LYS B 751 -16.84 -33.24 20.99
CA LYS B 751 -16.03 -33.98 20.03
C LYS B 751 -15.80 -33.19 18.75
N ASN B 752 -14.57 -33.27 18.23
CA ASN B 752 -14.31 -32.66 16.92
C ASN B 752 -14.73 -33.78 15.86
N THR B 753 -15.82 -33.51 15.13
CA THR B 753 -16.37 -34.50 14.17
C THR B 753 -15.98 -34.17 12.78
N GLY B 754 -15.10 -33.15 12.61
CA GLY B 754 -14.70 -32.79 11.23
C GLY B 754 -13.30 -33.29 10.93
N ARG B 755 -12.62 -32.58 10.00
CA ARG B 755 -11.31 -33.13 9.50
C ARG B 755 -10.16 -32.17 9.82
N VAL B 756 -10.44 -31.07 10.58
CA VAL B 756 -9.33 -30.07 10.83
C VAL B 756 -9.25 -29.90 12.39
N ALA B 757 -8.00 -30.03 12.96
CA ALA B 757 -7.79 -29.67 14.39
C ALA B 757 -8.29 -28.21 14.58
N GLY B 758 -8.87 -27.94 15.75
CA GLY B 758 -9.19 -26.51 16.02
C GLY B 758 -9.88 -26.43 17.38
N ASP B 759 -10.43 -25.26 17.68
CA ASP B 759 -10.94 -25.07 19.01
C ASP B 759 -12.40 -24.92 18.97
N ALA B 760 -13.04 -25.56 19.95
CA ALA B 760 -14.46 -25.32 20.24
C ALA B 760 -14.57 -24.32 21.41
N VAL B 761 -15.73 -23.62 21.41
CA VAL B 761 -15.98 -22.70 22.55
C VAL B 761 -17.34 -23.15 23.14
N PRO B 762 -17.29 -24.16 24.03
CA PRO B 762 -18.61 -24.55 24.56
C PRO B 762 -19.11 -23.35 25.48
N GLN B 763 -20.43 -23.20 25.56
CA GLN B 763 -21.02 -22.04 26.31
C GLN B 763 -22.14 -22.62 27.14
N LEU B 764 -22.13 -22.27 28.41
CA LEU B 764 -23.15 -22.76 29.39
C LEU B 764 -23.92 -21.49 29.81
N TYR B 765 -25.25 -21.53 29.54
CA TYR B 765 -26.18 -20.46 29.93
C TYR B 765 -27.09 -20.99 30.99
N VAL B 766 -27.53 -20.11 31.91
CA VAL B 766 -28.62 -20.58 32.80
C VAL B 766 -29.86 -19.78 32.50
N SER B 767 -31.02 -20.22 33.05
CA SER B 767 -32.27 -19.48 32.94
C SER B 767 -32.61 -19.42 34.45
N LEU B 768 -32.51 -18.23 35.03
CA LEU B 768 -32.74 -18.16 36.48
C LEU B 768 -34.25 -18.15 36.85
N GLY B 769 -35.10 -17.90 35.87
CA GLY B 769 -36.59 -18.00 36.08
C GLY B 769 -37.18 -16.73 36.69
N GLY B 770 -38.50 -16.59 36.57
CA GLY B 770 -39.11 -15.38 37.12
C GLY B 770 -39.54 -14.48 36.02
N PRO B 771 -40.53 -13.66 36.31
CA PRO B 771 -41.17 -12.85 35.27
C PRO B 771 -40.20 -11.77 34.71
N ASN B 772 -39.24 -11.33 35.48
CA ASN B 772 -38.42 -10.26 34.99
C ASN B 772 -37.07 -10.66 34.40
N GLU B 773 -36.75 -11.95 34.33
CA GLU B 773 -35.39 -12.41 34.06
C GLU B 773 -35.19 -12.76 32.58
N PRO B 774 -34.03 -12.47 32.03
CA PRO B 774 -33.74 -12.94 30.70
C PRO B 774 -33.92 -14.44 30.54
N LYS B 775 -34.33 -14.82 29.33
CA LYS B 775 -34.53 -16.25 29.01
C LYS B 775 -33.28 -17.07 29.23
N VAL B 776 -32.11 -16.56 28.76
CA VAL B 776 -30.85 -17.27 29.02
C VAL B 776 -29.73 -16.18 29.35
N VAL B 777 -28.80 -16.56 30.22
CA VAL B 777 -27.66 -15.66 30.51
C VAL B 777 -26.42 -16.50 30.60
N LEU B 778 -25.33 -16.01 30.00
CA LEU B 778 -24.12 -16.85 30.01
C LEU B 778 -23.56 -16.94 31.41
N ARG B 779 -23.04 -18.08 31.73
CA ARG B 779 -22.28 -18.22 33.00
C ARG B 779 -20.93 -18.79 32.84
N LYS B 780 -20.76 -19.81 31.93
CA LYS B 780 -19.41 -20.41 31.89
C LYS B 780 -19.04 -20.65 30.39
N PHE B 781 -17.73 -20.68 30.14
CA PHE B 781 -17.29 -20.99 28.76
C PHE B 781 -15.83 -21.42 28.88
N ASP B 782 -15.32 -22.02 27.79
CA ASP B 782 -13.88 -22.28 27.73
C ASP B 782 -13.54 -22.43 26.29
N ARG B 783 -12.28 -22.52 25.92
CA ARG B 783 -11.90 -22.69 24.54
C ARG B 783 -11.02 -23.93 24.51
N LEU B 784 -11.52 -24.95 23.87
CA LEU B 784 -10.92 -26.31 24.04
C LEU B 784 -10.36 -26.73 22.67
N THR B 785 -9.08 -27.21 22.68
CA THR B 785 -8.46 -27.54 21.40
C THR B 785 -8.66 -29.06 21.18
N LEU B 786 -9.14 -29.44 20.01
CA LEU B 786 -9.38 -30.88 19.75
C LEU B 786 -8.87 -31.20 18.35
N LYS B 787 -8.16 -32.30 18.19
CA LYS B 787 -7.83 -32.76 16.85
C LYS B 787 -8.98 -33.53 16.26
N PRO B 788 -8.87 -33.87 14.99
CA PRO B 788 -10.08 -34.50 14.33
C PRO B 788 -10.32 -35.86 15.03
N SER B 789 -11.64 -36.04 15.33
CA SER B 789 -12.15 -37.24 16.00
C SER B 789 -11.88 -37.21 17.49
N GLU B 790 -11.08 -36.25 17.97
CA GLU B 790 -10.81 -36.28 19.46
C GLU B 790 -11.98 -35.74 20.30
N GLU B 791 -12.13 -36.24 21.57
CA GLU B 791 -13.21 -35.86 22.40
C GLU B 791 -12.62 -35.41 23.71
N THR B 792 -13.40 -34.61 24.48
CA THR B 792 -12.95 -34.33 25.84
C THR B 792 -14.25 -34.05 26.65
N VAL B 793 -14.12 -34.22 28.01
CA VAL B 793 -15.25 -33.81 28.87
C VAL B 793 -14.97 -32.42 29.39
N TRP B 794 -15.89 -31.52 29.11
CA TRP B 794 -15.79 -30.17 29.66
C TRP B 794 -16.59 -30.17 30.99
N THR B 795 -15.86 -29.88 32.06
CA THR B 795 -16.55 -29.80 33.40
C THR B 795 -16.40 -28.40 33.98
N THR B 796 -17.49 -27.87 34.45
CA THR B 796 -17.39 -26.57 35.03
C THR B 796 -18.30 -26.58 36.32
N THR B 797 -18.35 -25.50 37.10
CA THR B 797 -19.28 -25.41 38.25
C THR B 797 -20.06 -24.12 38.25
N LEU B 798 -21.25 -24.10 38.90
CA LEU B 798 -22.01 -22.89 39.08
C LEU B 798 -21.86 -22.55 40.56
N THR B 799 -21.54 -21.28 40.81
CA THR B 799 -21.40 -20.78 42.15
C THR B 799 -22.77 -20.33 42.67
N ARG B 800 -22.80 -19.99 43.98
CA ARG B 800 -24.01 -19.35 44.52
C ARG B 800 -24.30 -18.01 43.79
N ARG B 801 -23.25 -17.21 43.58
CA ARG B 801 -23.46 -15.98 42.73
C ARG B 801 -24.09 -16.23 41.35
N ASP B 802 -23.58 -17.26 40.65
CA ASP B 802 -24.09 -17.56 39.34
C ASP B 802 -25.54 -17.92 39.29
N LEU B 803 -26.06 -18.42 40.41
CA LEU B 803 -27.52 -18.76 40.39
C LEU B 803 -28.41 -17.73 41.13
N SER B 804 -27.85 -16.58 41.49
CA SER B 804 -28.57 -15.60 42.31
C SER B 804 -29.04 -14.41 41.51
N ASN B 805 -29.95 -13.68 42.14
CA ASN B 805 -30.38 -12.38 41.63
C ASN B 805 -30.16 -11.38 42.77
N TRP B 806 -29.98 -10.11 42.42
CA TRP B 806 -29.80 -9.11 43.47
C TRP B 806 -31.16 -8.66 44.03
N ASP B 807 -31.29 -8.79 45.34
CA ASP B 807 -32.59 -8.49 46.01
C ASP B 807 -32.42 -7.16 46.71
N VAL B 808 -33.13 -6.14 46.22
CA VAL B 808 -32.92 -4.73 46.74
C VAL B 808 -33.36 -4.58 48.23
N ALA B 809 -34.39 -5.34 48.62
CA ALA B 809 -34.89 -5.28 50.03
C ALA B 809 -33.85 -5.87 50.97
N ALA B 810 -33.27 -7.03 50.59
CA ALA B 810 -32.22 -7.67 51.37
C ALA B 810 -30.85 -7.02 51.22
N GLN B 811 -30.68 -6.23 50.15
CA GLN B 811 -29.32 -5.77 49.87
C GLN B 811 -28.38 -6.93 49.81
N ASP B 812 -28.79 -7.98 49.08
CA ASP B 812 -27.97 -9.16 49.03
C ASP B 812 -28.41 -9.99 47.80
N TRP B 813 -27.49 -10.86 47.40
CA TRP B 813 -27.74 -11.87 46.31
C TRP B 813 -28.57 -13.01 46.93
N VAL B 814 -29.65 -13.40 46.27
CA VAL B 814 -30.55 -14.49 46.80
C VAL B 814 -30.76 -15.43 45.63
N ILE B 815 -30.87 -16.69 45.91
CA ILE B 815 -31.30 -17.63 44.84
C ILE B 815 -32.81 -17.70 44.98
N THR B 816 -33.50 -17.24 43.96
CA THR B 816 -34.91 -17.06 44.06
C THR B 816 -35.58 -18.46 43.94
N SER B 817 -36.88 -18.53 44.32
CA SER B 817 -37.55 -19.83 44.31
C SER B 817 -37.92 -20.33 42.91
N TYR B 818 -37.90 -19.48 41.89
CA TYR B 818 -38.29 -19.90 40.54
C TYR B 818 -37.41 -21.04 40.07
N PRO B 819 -37.97 -22.05 39.40
CA PRO B 819 -37.05 -23.15 38.98
C PRO B 819 -36.05 -22.66 37.91
N LYS B 820 -34.86 -23.24 37.95
CA LYS B 820 -33.73 -22.73 37.06
C LYS B 820 -33.38 -23.87 36.11
N LYS B 821 -32.86 -23.51 34.91
CA LYS B 821 -32.46 -24.52 33.94
C LYS B 821 -31.02 -24.21 33.49
N VAL B 822 -30.37 -25.21 32.89
CA VAL B 822 -29.03 -24.95 32.35
C VAL B 822 -29.08 -25.40 30.93
N HIS B 823 -28.25 -24.76 30.04
CA HIS B 823 -28.31 -24.98 28.58
C HIS B 823 -26.87 -24.98 28.13
N VAL B 824 -26.43 -25.94 27.30
CA VAL B 824 -25.00 -25.94 26.95
C VAL B 824 -25.03 -26.14 25.41
N GLY B 825 -24.14 -25.42 24.71
CA GLY B 825 -24.06 -25.57 23.28
C GLY B 825 -23.04 -24.60 22.68
N SER B 826 -23.25 -24.24 21.41
CA SER B 826 -22.20 -23.49 20.67
C SER B 826 -22.53 -21.99 20.50
N SER B 827 -23.73 -21.57 20.88
CA SER B 827 -24.07 -20.11 20.82
C SER B 827 -25.27 -19.85 21.71
N SER B 828 -25.59 -18.57 21.89
CA SER B 828 -26.82 -18.27 22.70
C SER B 828 -28.14 -18.77 22.05
N ARG B 829 -28.08 -19.17 20.77
CA ARG B 829 -29.28 -19.67 20.08
C ARG B 829 -29.11 -21.14 19.67
N GLN B 830 -27.96 -21.73 19.85
CA GLN B 830 -27.74 -23.15 19.45
C GLN B 830 -27.36 -23.93 20.71
N LEU B 831 -28.41 -24.39 21.45
CA LEU B 831 -28.13 -24.97 22.76
C LEU B 831 -28.91 -26.33 22.79
N PRO B 832 -28.29 -27.40 22.31
CA PRO B 832 -29.05 -28.61 22.10
C PRO B 832 -29.17 -29.35 23.41
N LEU B 833 -28.34 -29.03 24.42
CA LEU B 833 -28.30 -29.73 25.67
C LEU B 833 -28.97 -28.87 26.74
N HIS B 834 -29.95 -29.44 27.49
CA HIS B 834 -30.59 -28.59 28.46
C HIS B 834 -31.18 -29.49 29.57
N ALA B 835 -31.30 -28.97 30.76
CA ALA B 835 -31.97 -29.74 31.83
C ALA B 835 -32.43 -28.79 32.90
N ALA B 836 -33.33 -29.29 33.74
CA ALA B 836 -33.67 -28.51 34.89
C ALA B 836 -32.55 -28.64 35.87
N LEU B 837 -32.29 -27.56 36.58
CA LEU B 837 -31.33 -27.66 37.68
C LEU B 837 -32.00 -28.10 38.97
N PRO B 838 -31.28 -28.90 39.79
CA PRO B 838 -31.82 -29.23 41.11
C PRO B 838 -31.86 -27.99 42.01
N LYS B 839 -32.82 -27.97 42.92
CA LYS B 839 -32.91 -26.81 43.85
C LYS B 839 -31.72 -26.82 44.74
N VAL B 840 -31.11 -25.63 44.91
CA VAL B 840 -29.95 -25.55 45.80
C VAL B 840 -30.13 -24.19 46.48
N GLN B 841 -29.42 -23.96 47.58
CA GLN B 841 -29.58 -22.64 48.26
C GLN B 841 -28.24 -22.08 48.70
C1 NAG C . -8.36 -12.98 -46.81
C2 NAG C . -8.81 -14.35 -47.40
C3 NAG C . -10.24 -14.65 -46.99
C4 NAG C . -10.38 -14.67 -45.46
C5 NAG C . -9.78 -13.36 -44.93
C6 NAG C . -9.77 -13.28 -43.35
C7 NAG C . -7.95 -14.89 -49.58
C8 NAG C . -8.09 -14.73 -51.13
N2 NAG C . -8.84 -14.19 -48.89
O3 NAG C . -10.60 -15.93 -47.55
O4 NAG C . -11.78 -14.59 -45.18
O5 NAG C . -8.39 -13.21 -45.36
O6 NAG C . -9.07 -14.44 -42.88
O7 NAG C . -7.08 -15.61 -49.17
C1 NAG C . -12.20 -15.85 -44.51
C2 NAG C . -13.62 -15.59 -43.99
C3 NAG C . -14.20 -16.90 -43.48
C4 NAG C . -13.99 -17.95 -44.58
C5 NAG C . -12.50 -18.13 -44.88
C6 NAG C . -12.01 -19.25 -45.80
C7 NAG C . -14.30 -13.47 -42.99
C8 NAG C . -14.17 -12.51 -41.85
N2 NAG C . -13.56 -14.57 -42.92
O3 NAG C . -15.54 -16.63 -43.16
O4 NAG C . -14.31 -19.23 -44.04
O5 NAG C . -12.21 -16.86 -45.52
O6 NAG C . -12.79 -18.96 -46.93
O7 NAG C . -15.07 -13.11 -43.97
C1 BMA C . -15.72 -19.50 -44.02
C2 BMA C . -15.77 -20.86 -44.71
C3 BMA C . -17.26 -21.28 -44.62
C4 BMA C . -17.87 -21.13 -43.21
C5 BMA C . -17.60 -19.69 -42.73
C6 BMA C . -18.19 -19.58 -41.31
O2 BMA C . -15.02 -21.83 -44.02
O3 BMA C . -17.05 -22.68 -44.94
O4 BMA C . -19.27 -21.38 -43.15
O5 BMA C . -16.18 -19.57 -42.67
O6 BMA C . -17.47 -20.53 -40.59
C1 MAN C . -18.28 -23.29 -45.40
C2 MAN C . -18.05 -24.36 -46.43
C3 MAN C . -17.49 -23.46 -47.59
C4 MAN C . -18.48 -22.36 -47.96
C5 MAN C . -18.40 -21.50 -46.78
C6 MAN C . -18.91 -20.03 -46.87
O2 MAN C . -19.24 -25.09 -46.81
O3 MAN C . -17.05 -24.09 -48.78
O4 MAN C . -18.28 -21.53 -49.08
O5 MAN C . -19.15 -22.46 -46.08
O6 MAN C . -17.92 -18.94 -46.63
C1 MAN C . -20.13 -25.67 -45.79
C2 MAN C . -21.02 -26.79 -46.39
C3 MAN C . -21.95 -26.13 -47.39
C4 MAN C . -22.78 -25.11 -46.71
C5 MAN C . -21.84 -24.10 -46.03
C6 MAN C . -22.61 -22.89 -45.49
O2 MAN C . -21.78 -27.56 -45.48
O3 MAN C . -22.81 -27.03 -48.08
O4 MAN C . -23.54 -24.49 -47.74
O5 MAN C . -20.96 -24.73 -45.11
O6 MAN C . -23.27 -23.26 -44.29
C1 MAN C . -17.77 -20.45 -39.05
C2 MAN C . -16.95 -21.66 -38.59
C3 MAN C . -17.61 -22.96 -39.07
C4 MAN C . -19.10 -22.87 -38.79
C5 MAN C . -19.82 -21.68 -39.38
C6 MAN C . -21.36 -21.60 -39.22
O2 MAN C . -17.06 -21.57 -37.18
O3 MAN C . -16.91 -24.11 -38.51
O4 MAN C . -19.83 -23.96 -39.29
O5 MAN C . -19.20 -20.52 -38.85
O6 MAN C . -21.79 -21.53 -37.86
C1 NAG D . 15.89 16.67 -46.08
C2 NAG D . 16.24 15.42 -46.86
C3 NAG D . 17.75 15.33 -46.91
C4 NAG D . 18.27 16.66 -47.49
C5 NAG D . 17.75 17.84 -46.63
C6 NAG D . 18.28 19.18 -47.19
C7 NAG D . 14.79 13.48 -46.65
C8 NAG D . 14.38 12.09 -45.95
N2 NAG D . 15.77 14.18 -46.16
O3 NAG D . 18.22 14.25 -47.71
O4 NAG D . 19.66 16.66 -47.39
O5 NAG D . 16.34 17.82 -46.77
O6 NAG D . 17.98 19.21 -48.59
O7 NAG D . 14.12 13.83 -47.62
C1 NAG D . 20.28 16.80 -48.73
C2 NAG D . 21.75 17.23 -48.62
C3 NAG D . 22.33 17.35 -50.08
C4 NAG D . 22.13 15.96 -50.75
C5 NAG D . 20.60 15.60 -50.60
C6 NAG D . 19.94 14.42 -51.30
C7 NAG D . 22.14 18.63 -46.62
C8 NAG D . 22.20 20.00 -45.91
N2 NAG D . 21.79 18.51 -47.96
O3 NAG D . 23.71 17.64 -49.88
O4 NAG D . 22.49 16.03 -52.19
O5 NAG D . 20.28 15.46 -49.20
O6 NAG D . 20.78 13.42 -51.01
O7 NAG D . 22.38 17.58 -45.94
C1 BMA D . 24.04 15.74 -52.53
C2 BMA D . 23.80 15.38 -54.00
C3 BMA D . 25.14 15.35 -54.70
C4 BMA D . 26.06 16.49 -54.18
C5 BMA D . 25.93 17.03 -52.69
C6 BMA D . 26.64 18.41 -52.53
O2 BMA D . 22.93 16.28 -54.65
O3 BMA D . 24.69 15.48 -56.06
O4 BMA D . 27.39 16.05 -54.30
O5 BMA D . 24.52 17.08 -52.42
O6 BMA D . 26.68 19.18 -51.31
C1 NAG E . -10.02 3.29 -52.00
C2 NAG E . -11.14 3.10 -51.01
C3 NAG E . -11.98 4.41 -51.02
C4 NAG E . -11.04 5.49 -50.61
C5 NAG E . -9.77 5.55 -51.43
C6 NAG E . -8.79 6.61 -50.92
C7 NAG E . -12.29 0.93 -50.78
C8 NAG E . -13.10 -0.16 -51.43
N2 NAG E . -11.90 1.98 -51.52
O3 NAG E . -13.04 4.23 -50.12
O4 NAG E . -11.57 6.80 -50.85
O5 NAG E . -9.14 4.26 -51.51
O6 NAG E . -7.64 6.83 -51.73
O7 NAG E . -11.94 0.72 -49.57
C1 NAG E . -12.53 7.30 -49.81
C2 NAG E . -12.33 8.80 -49.67
C3 NAG E . -13.41 9.33 -48.70
C4 NAG E . -14.78 8.74 -49.04
C5 NAG E . -14.67 7.19 -48.96
C6 NAG E . -15.99 6.44 -49.02
C7 NAG E . -10.20 9.06 -48.25
C8 NAG E . -10.91 8.35 -47.25
N2 NAG E . -10.95 9.22 -49.41
O3 NAG E . -13.38 10.72 -48.86
O4 NAG E . -15.76 9.28 -48.16
O5 NAG E . -13.84 6.79 -50.05
O6 NAG E . -16.37 6.92 -50.27
O7 NAG E . -8.97 9.50 -48.08
C1 NAG F . -5.76 2.32 -60.59
C2 NAG F . -6.06 3.73 -61.02
C3 NAG F . -5.53 4.66 -59.99
C4 NAG F . -6.09 4.24 -58.55
C5 NAG F . -5.77 2.77 -58.28
C6 NAG F . -6.39 2.31 -56.94
C7 NAG F . -5.89 4.23 -63.43
C8 NAG F . -5.02 4.39 -64.65
N2 NAG F . -5.25 3.92 -62.25
O3 NAG F . -6.02 6.02 -60.31
O4 NAG F . -5.35 5.07 -57.65
O5 NAG F . -6.45 2.05 -59.31
O6 NAG F . -7.75 2.67 -56.89
O7 NAG F . -7.09 4.43 -63.49
C1 NAG F . -5.65 6.46 -57.30
C2 NAG F . -5.07 6.65 -55.82
C3 NAG F . -5.15 8.11 -55.51
C4 NAG F . -4.51 8.97 -56.64
C5 NAG F . -5.01 8.57 -58.00
C6 NAG F . -4.38 9.33 -59.20
C7 NAG F . -5.46 4.79 -54.19
C8 NAG F . -6.52 4.07 -53.38
N2 NAG F . -5.92 5.84 -54.92
O3 NAG F . -4.43 8.41 -54.29
O4 NAG F . -4.91 10.34 -56.32
O5 NAG F . -4.78 7.13 -58.19
O6 NAG F . -5.00 8.83 -60.41
O7 NAG F . -4.27 4.48 -54.15
C1 BMA F . -3.89 11.22 -56.35
C2 BMA F . -4.46 12.65 -56.18
C3 BMA F . -3.39 13.69 -56.05
C4 BMA F . -2.48 13.32 -54.80
C5 BMA F . -1.97 11.91 -55.11
C6 BMA F . -0.98 11.39 -53.97
O2 BMA F . -5.37 12.66 -55.08
O3 BMA F . -4.06 14.90 -55.72
O4 BMA F . -1.38 14.18 -54.78
O5 BMA F . -3.05 10.97 -55.23
O6 BMA F . -1.63 11.80 -52.75
C1 MAN F . -0.83 11.15 -51.57
C2 MAN F . -1.58 11.68 -50.35
C3 MAN F . -1.45 13.17 -50.20
C4 MAN F . 0.00 13.48 -50.17
C5 MAN F . 0.64 13.03 -51.51
C6 MAN F . 2.09 13.43 -51.66
O2 MAN F . -1.03 10.95 -49.23
O3 MAN F . -2.03 13.60 -48.98
O4 MAN F . 0.16 14.89 -50.05
O5 MAN F . 0.53 11.62 -51.62
O6 MAN F . 2.41 13.03 -53.02
C1 MAN F . -3.43 14.04 -49.08
C2 MAN F . -3.57 15.14 -48.01
C3 MAN F . -3.38 14.45 -46.64
C4 MAN F . -4.40 13.33 -46.48
C5 MAN F . -4.16 12.28 -47.58
C6 MAN F . -5.27 11.26 -47.44
O2 MAN F . -4.92 15.58 -48.03
O3 MAN F . -3.67 15.39 -45.62
O4 MAN F . -4.24 12.63 -45.26
O5 MAN F . -4.30 12.98 -48.86
O6 MAN F . -5.09 10.51 -48.65
C1 MAN F . -5.07 16.87 -49.12
C2 MAN F . -6.39 17.51 -48.68
C3 MAN F . -7.54 16.55 -49.00
C4 MAN F . -7.52 16.01 -50.42
C5 MAN F . -6.16 15.39 -50.76
C6 MAN F . -6.06 14.86 -52.21
O2 MAN F . -6.41 18.67 -49.51
O3 MAN F . -8.78 17.20 -48.84
O4 MAN F . -8.54 15.05 -50.50
O5 MAN F . -5.16 16.35 -50.44
O6 MAN F . -4.78 14.27 -52.48
C1 MAN F . 3.78 13.06 -53.25
C2 MAN F . 3.95 12.92 -54.82
C3 MAN F . 3.31 11.66 -55.28
C4 MAN F . 4.02 10.46 -54.56
C5 MAN F . 3.91 10.69 -53.01
C6 MAN F . 4.78 9.63 -52.25
O2 MAN F . 5.31 13.04 -55.18
O3 MAN F . 3.49 11.50 -56.70
O4 MAN F . 3.35 9.25 -54.90
O5 MAN F . 4.52 11.97 -52.68
O6 MAN F . 4.59 9.98 -50.88
C1 MAN F . 5.83 14.38 -55.30
C2 MAN F . 6.99 14.23 -56.30
C3 MAN F . 8.15 13.38 -55.71
C4 MAN F . 8.52 13.92 -54.30
C5 MAN F . 7.30 14.05 -53.35
C6 MAN F . 7.71 14.74 -52.03
O2 MAN F . 7.54 15.55 -56.47
O3 MAN F . 9.31 13.53 -56.53
O4 MAN F . 9.59 13.11 -53.76
O5 MAN F . 6.25 14.86 -53.99
O6 MAN F . 6.52 14.79 -51.20
C1 MAN F . -3.40 16.17 -56.33
C2 MAN F . -4.07 17.24 -55.48
C3 MAN F . -5.52 17.33 -55.74
C4 MAN F . -5.71 17.53 -57.25
C5 MAN F . -5.20 16.28 -57.94
C6 MAN F . -5.46 16.34 -59.45
O2 MAN F . -3.39 18.42 -55.79
O3 MAN F . -5.90 18.48 -54.96
O4 MAN F . -7.10 17.53 -57.38
O5 MAN F . -3.79 16.16 -57.74
O6 MAN F . -4.76 15.30 -60.10
C1 MAN F . -2.09 18.80 -55.06
C2 MAN F . -2.39 20.31 -55.18
C3 MAN F . -2.08 20.89 -56.59
C4 MAN F . -0.92 20.28 -57.29
C5 MAN F . -1.09 18.78 -57.25
C6 MAN F . 0.16 18.17 -57.84
O2 MAN F . -1.79 20.94 -54.06
O3 MAN F . -1.78 22.28 -56.54
O4 MAN F . -0.96 20.62 -58.66
O5 MAN F . -1.14 18.30 -55.94
O6 MAN F . 0.04 16.81 -57.59
C1 NAG G . -5.37 9.36 -9.80
C2 NAG G . -4.94 10.58 -9.02
C3 NAG G . -6.02 11.60 -9.37
C4 NAG G . -6.00 11.79 -10.88
C5 NAG G . -6.32 10.46 -11.61
C6 NAG G . -6.31 10.59 -13.13
C7 NAG G . -4.25 9.84 -6.74
C8 NAG G . -4.71 9.35 -5.34
N2 NAG G . -5.21 10.18 -7.62
O3 NAG G . -5.60 12.79 -8.68
O4 NAG G . -7.07 12.71 -11.13
O5 NAG G . -5.31 9.51 -11.22
O6 NAG G . -5.07 11.24 -13.56
O7 NAG G . -3.04 9.96 -7.03
C1 NAG G . -6.72 13.78 -11.95
C2 NAG G . -7.96 14.54 -12.46
C3 NAG G . -7.61 15.77 -13.28
C4 NAG G . -6.45 16.60 -12.73
C5 NAG G . -5.35 15.68 -12.21
C6 NAG G . -4.34 16.57 -11.52
C7 NAG G . -9.69 12.96 -12.76
C8 NAG G . -10.33 12.00 -13.72
N2 NAG G . -8.73 13.69 -13.30
O3 NAG G . -8.75 16.57 -13.37
O4 NAG G . -5.85 17.46 -13.72
O5 NAG G . -5.87 14.69 -11.33
O6 NAG G . -3.05 16.01 -11.63
O7 NAG G . -10.02 13.05 -11.59
C1 BMA G . -6.50 18.72 -13.82
C2 BMA G . -5.53 19.86 -14.21
C3 BMA G . -6.29 21.16 -14.43
C4 BMA G . -7.29 20.90 -15.54
C5 BMA G . -8.24 19.79 -15.12
C6 BMA G . -9.09 19.44 -16.34
O2 BMA G . -4.69 19.59 -15.35
O3 BMA G . -5.38 22.25 -14.61
O4 BMA G . -8.11 22.01 -15.86
O5 BMA G . -7.54 18.64 -14.74
O6 BMA G . -10.17 18.56 -16.05
C1 NAG H . 5.46 20.70 -14.16
C2 NAG H . 4.59 21.93 -13.69
C3 NAG H . 3.87 21.48 -12.43
C4 NAG H . 3.02 20.24 -12.79
C5 NAG H . 3.86 19.12 -13.48
C6 NAG H . 3.10 17.90 -14.03
C7 NAG H . 5.65 24.06 -13.79
C8 NAG H . 6.56 25.15 -13.27
N2 NAG H . 5.55 22.90 -13.15
O3 NAG H . 2.89 22.56 -12.20
O4 NAG H . 2.47 19.65 -11.57
O5 NAG H . 4.51 19.75 -14.59
O6 NAG H . 2.01 18.29 -14.86
O7 NAG H . 4.97 24.31 -14.77
C1 NAG H . 1.18 20.11 -11.16
C2 NAG H . 0.68 19.04 -10.17
C3 NAG H . -0.60 19.63 -9.56
C4 NAG H . -0.33 20.95 -8.89
C5 NAG H . 0.23 21.86 -10.02
C6 NAG H . 0.43 23.32 -9.64
C7 NAG H . 1.06 16.78 -10.87
C8 NAG H . 0.67 15.56 -11.73
N2 NAG H . 0.34 17.90 -10.98
O3 NAG H . -1.11 18.66 -8.65
O4 NAG H . -1.64 21.50 -8.55
O5 NAG H . 1.50 21.31 -10.38
O6 NAG H . 1.21 23.27 -8.51
O7 NAG H . 2.04 16.81 -10.10
C1 BMA H . -1.68 21.85 -7.18
C2 BMA H . -2.77 22.92 -7.05
C3 BMA H . -3.02 23.32 -5.61
C4 BMA H . -3.17 22.04 -4.77
C5 BMA H . -2.06 21.06 -5.09
C6 BMA H . -2.25 19.81 -4.27
O2 BMA H . -3.94 22.43 -7.60
O3 BMA H . -4.21 24.09 -5.48
O4 BMA H . -3.18 22.32 -3.39
O5 BMA H . -2.08 20.75 -6.42
O6 BMA H . -3.48 19.22 -4.47
C1 MAN H . -3.79 17.97 -3.83
C2 MAN H . -5.24 17.79 -4.18
C3 MAN H . -6.12 18.72 -3.38
C4 MAN H . -5.71 18.73 -1.89
C5 MAN H . -4.25 19.14 -1.72
C6 MAN H . -3.69 19.23 -0.29
O2 MAN H . -5.56 16.50 -3.86
O3 MAN H . -7.48 18.49 -3.69
O4 MAN H . -6.35 19.88 -1.35
O5 MAN H . -3.47 18.17 -2.44
O6 MAN H . -4.06 17.94 0.28
C1 MAN H . -3.94 18.11 1.84
C2 MAN H . -3.74 16.63 2.19
C3 MAN H . -4.95 15.76 1.86
C4 MAN H . -6.28 16.38 2.39
C5 MAN H . -6.41 17.75 1.81
C6 MAN H . -7.61 18.30 2.66
O2 MAN H . -3.74 16.60 3.62
O3 MAN H . -4.89 14.36 2.21
O4 MAN H . -7.37 15.58 1.95
O5 MAN H . -5.28 18.54 2.23
O6 MAN H . -7.54 19.69 2.41
C1 MAN H . -2.54 16.99 4.21
C2 MAN H . -2.45 16.25 5.56
C3 MAN H . -3.62 16.66 6.46
C4 MAN H . -3.61 18.18 6.62
C5 MAN H . -3.65 18.88 5.24
C6 MAN H . -3.40 20.39 5.43
O2 MAN H . -1.25 16.75 6.19
O3 MAN H . -3.38 16.12 7.80
O4 MAN H . -4.79 18.55 7.37
O5 MAN H . -2.54 18.42 4.39
O6 MAN H . -3.33 20.97 4.09
C1 MAN H . -3.91 25.18 -4.63
C2 MAN H . -5.21 25.86 -4.24
C3 MAN H . -5.95 26.17 -5.50
C4 MAN H . -5.12 27.21 -6.19
C5 MAN H . -3.76 26.60 -6.45
C6 MAN H . -2.91 27.49 -7.34
O2 MAN H . -4.93 27.12 -3.66
O3 MAN H . -7.27 26.67 -5.23
O4 MAN H . -5.79 27.44 -7.41
O5 MAN H . -3.11 26.17 -5.25
O6 MAN H . -2.08 26.67 -8.14
C1 NAG I . 19.84 17.95 8.50
C2 NAG I . 19.19 19.31 8.57
C3 NAG I . 19.38 19.80 10.02
C4 NAG I . 18.66 18.80 10.94
C5 NAG I . 19.31 17.44 10.75
C6 NAG I . 18.54 16.40 11.62
C7 NAG I . 19.36 21.12 6.96
C8 NAG I . 20.31 22.00 6.15
N2 NAG I . 19.96 20.20 7.72
O3 NAG I . 18.68 21.05 10.10
O4 NAG I . 18.87 19.21 12.29
O5 NAG I . 19.14 17.06 9.35
O6 NAG I . 19.42 15.34 11.75
O7 NAG I . 18.14 21.32 6.85
C1 NAG I . 17.89 19.90 12.98
C2 NAG I . 18.14 19.73 14.47
C3 NAG I . 17.09 20.54 15.21
C4 NAG I . 17.13 22.00 14.78
C5 NAG I . 17.03 22.15 13.22
C6 NAG I . 17.33 23.68 12.86
C7 NAG I . 19.00 17.60 15.22
C8 NAG I . 18.64 16.15 15.62
N2 NAG I . 18.01 18.35 14.91
O3 NAG I . 17.38 20.49 16.61
O4 NAG I . 16.01 22.74 15.31
O5 NAG I . 18.05 21.27 12.70
O6 NAG I . 18.72 23.90 13.26
O7 NAG I . 20.13 18.07 15.08
C1 BMA I . 16.54 23.80 16.28
C2 BMA I . 15.51 24.93 16.33
C3 BMA I . 15.91 25.99 17.36
C4 BMA I . 16.18 25.29 18.70
C5 BMA I . 17.24 24.24 18.58
C6 BMA I . 17.39 23.54 19.94
O2 BMA I . 14.31 24.31 16.67
O3 BMA I . 14.83 26.87 17.47
O4 BMA I . 16.79 26.22 19.61
O5 BMA I . 16.79 23.32 17.57
O6 BMA I . 16.00 23.17 20.18
C1 MAN I . 16.10 22.30 21.47
C2 MAN I . 14.66 21.88 21.69
C3 MAN I . 13.78 23.07 21.82
C4 MAN I . 14.33 23.98 22.90
C5 MAN I . 15.76 24.36 22.68
C6 MAN I . 16.41 25.02 23.96
O2 MAN I . 14.67 21.13 22.87
O3 MAN I . 12.56 22.50 22.25
O4 MAN I . 13.53 25.11 22.91
O5 MAN I . 16.58 23.22 22.50
O6 MAN I . 17.74 25.52 23.66
C1 MAN I . 11.42 23.03 21.66
C2 MAN I . 10.23 22.34 22.27
C3 MAN I . 10.17 20.88 21.82
C4 MAN I . 10.12 20.89 20.29
C5 MAN I . 11.39 21.61 19.86
C6 MAN I . 11.69 21.56 18.37
O2 MAN I . 9.06 22.95 21.86
O3 MAN I . 9.12 20.15 22.40
O4 MAN I . 10.15 19.58 19.83
O5 MAN I . 11.37 22.93 20.27
O6 MAN I . 10.81 22.40 17.77
C1 MAN I . 8.67 24.05 22.69
C2 MAN I . 7.18 23.97 22.69
C3 MAN I . 6.68 24.35 21.34
C4 MAN I . 7.20 25.66 20.88
C5 MAN I . 8.71 25.71 20.93
C6 MAN I . 9.09 27.17 20.90
O2 MAN I . 6.46 24.63 23.74
O3 MAN I . 5.28 24.48 21.42
O4 MAN I . 6.71 25.58 19.58
O5 MAN I . 9.19 25.25 22.18
O6 MAN I . 9.60 27.54 19.63
C1 MAN I . 18.20 26.62 24.49
C2 MAN I . 19.57 27.04 23.85
C3 MAN I . 20.67 26.00 24.01
C4 MAN I . 20.71 25.55 25.49
C5 MAN I . 19.31 25.07 26.01
C6 MAN I . 19.43 24.73 27.46
O2 MAN I . 19.98 28.19 24.54
O3 MAN I . 21.92 26.64 23.61
O4 MAN I . 21.68 24.55 25.78
O5 MAN I . 18.34 26.10 25.83
O6 MAN I . 19.56 25.88 28.29
C1 NAG J . 6.43 16.22 46.08
C2 NAG J . 7.73 16.25 46.95
C3 NAG J . 8.65 17.33 46.41
C4 NAG J . 8.99 16.92 44.95
C5 NAG J . 7.64 16.82 44.19
C6 NAG J . 7.89 16.32 42.73
C7 NAG J . 7.39 15.84 49.37
C8 NAG J . 6.96 16.48 50.72
N2 NAG J . 7.33 16.70 48.35
O3 NAG J . 9.85 17.21 47.18
O4 NAG J . 9.64 18.07 44.36
O5 NAG J . 6.90 15.76 44.82
O6 NAG J . 8.68 15.12 42.66
O7 NAG J . 7.75 14.63 49.30
C1 NAG J . 11.02 17.85 44.01
C2 NAG J . 11.46 19.07 43.21
C3 NAG J . 12.97 18.97 43.01
C4 NAG J . 13.66 18.82 44.36
C5 NAG J . 13.10 17.55 45.06
C6 NAG J . 13.70 17.47 46.49
C7 NAG J . 10.07 20.17 41.55
C8 NAG J . 9.37 20.12 40.23
N2 NAG J . 10.72 19.06 41.93
O3 NAG J . 13.33 20.13 42.32
O4 NAG J . 15.08 18.52 44.05
O5 NAG J . 11.69 17.83 45.27
O6 NAG J . 13.38 16.10 46.80
O7 NAG J . 9.86 21.24 42.17
C1 BMA J . 15.99 19.76 43.99
C2 BMA J . 17.27 19.29 44.77
C3 BMA J . 18.21 20.52 44.51
C4 BMA J . 18.45 20.70 43.05
C5 BMA J . 17.08 20.95 42.33
C6 BMA J . 17.35 21.12 40.84
O2 BMA J . 17.83 18.04 44.31
O3 BMA J . 19.47 20.11 45.09
O4 BMA J . 19.20 21.93 42.87
O5 BMA J . 16.29 19.73 42.57
O6 BMA J . 18.10 19.92 40.58
C1 MAN J . 19.57 20.64 46.53
C2 MAN J . 21.11 20.58 46.68
C3 MAN J . 21.65 19.16 46.82
C4 MAN J . 20.86 18.43 47.88
C5 MAN J . 19.40 18.47 47.49
C6 MAN J . 18.56 17.72 48.51
O2 MAN J . 21.34 21.22 47.99
O3 MAN J . 22.99 19.31 47.22
O4 MAN J . 21.26 17.09 47.86
O5 MAN J . 18.96 19.80 47.46
O6 MAN J . 17.18 17.82 48.16
C1 MAN J . 21.62 22.75 47.87
C2 MAN J . 22.45 23.05 49.16
C3 MAN J . 21.62 22.63 50.34
C4 MAN J . 20.25 23.29 50.27
C5 MAN J . 19.58 22.94 48.89
C6 MAN J . 18.19 23.48 48.62
O2 MAN J . 22.52 24.45 49.21
O3 MAN J . 22.28 23.00 51.52
O4 MAN J . 19.59 22.74 51.38
O5 MAN J . 20.37 23.43 47.86
O6 MAN J . 18.01 23.93 49.92
C1 MAN J . 23.76 24.98 48.23
C2 MAN J . 24.01 26.32 49.01
C3 MAN J . 22.92 27.36 48.78
C4 MAN J . 22.57 27.50 47.28
C5 MAN J . 22.09 26.11 46.81
C6 MAN J . 21.68 26.25 45.29
O2 MAN J . 25.26 26.70 48.40
O3 MAN J . 23.29 28.63 49.35
O4 MAN J . 21.46 28.44 47.20
O5 MAN J . 23.18 25.19 46.96
O6 MAN J . 22.52 25.26 44.70
C1 MAN J . 18.49 19.79 39.05
C2 MAN J . 19.24 18.47 38.92
C3 MAN J . 20.54 18.36 39.65
C4 MAN J . 21.33 19.63 39.30
C5 MAN J . 20.52 20.87 39.71
C6 MAN J . 21.27 22.24 39.77
O2 MAN J . 19.52 18.48 37.53
O3 MAN J . 21.26 17.16 39.43
O4 MAN J . 22.48 19.58 40.13
O5 MAN J . 19.31 20.95 38.90
O6 MAN J . 21.78 22.60 38.50
C1 NAG K . -8.28 24.96 46.09
C2 NAG K . -7.40 25.67 45.03
C3 NAG K . -8.22 26.87 44.52
C4 NAG K . -9.60 26.38 44.03
C5 NAG K . -10.36 25.48 45.08
C6 NAG K . -11.57 24.78 44.45
C7 NAG K . -4.89 25.79 45.17
C8 NAG K . -3.71 26.36 45.98
N2 NAG K . -6.15 26.08 45.62
O3 NAG K . -7.51 27.55 43.44
O4 NAG K . -10.50 27.45 43.71
O5 NAG K . -9.46 24.46 45.49
O6 NAG K . -12.45 24.17 45.36
O7 NAG K . -4.75 25.06 44.17
C1 NAG K . -10.30 28.09 42.52
C2 NAG K . -11.68 28.50 42.02
C3 NAG K . -11.62 29.42 40.82
C4 NAG K . -10.68 30.57 41.09
C5 NAG K . -9.36 29.89 41.47
C6 NAG K . -8.18 30.83 41.51
C7 NAG K . -12.31 26.48 40.80
C8 NAG K . -13.28 25.37 40.72
N2 NAG K . -12.52 27.37 41.76
O3 NAG K . -12.90 29.86 40.47
O4 NAG K . -10.49 31.32 39.91
O5 NAG K . -9.48 29.23 42.71
O6 NAG K . -8.61 31.80 42.40
O7 NAG K . -11.45 26.51 40.02
C1 BMA K . -11.06 32.63 39.98
C2 BMA K . -10.31 33.60 39.05
C3 BMA K . -11.03 34.93 39.08
C4 BMA K . -12.39 34.75 38.53
C5 BMA K . -13.17 33.77 39.39
C6 BMA K . -14.50 33.49 38.65
O2 BMA K . -10.36 33.07 37.74
O3 BMA K . -10.42 35.92 38.26
O4 BMA K . -12.96 36.02 38.70
O5 BMA K . -12.39 32.58 39.52
O6 BMA K . -15.60 34.37 38.98
C1 NAG L . -10.73 23.31 55.17
C2 NAG L . -11.89 24.31 55.22
C3 NAG L . -12.81 23.96 54.04
C4 NAG L . -12.08 23.90 52.67
C5 NAG L . -10.81 23.03 52.90
C6 NAG L . -9.86 23.01 51.68
C7 NAG L . -12.71 25.02 57.41
C8 NAG L . -13.36 24.59 58.64
N2 NAG L . -12.60 24.02 56.46
O3 NAG L . -13.86 24.91 53.93
O4 NAG L . -12.83 23.15 51.72
O5 NAG L . -10.01 23.57 53.97
O6 NAG L . -9.62 24.33 51.26
O7 NAG L . -12.32 26.16 57.24
C1 NAG L . -13.84 23.80 50.97
C2 NAG L . -14.04 23.04 49.63
C3 NAG L . -15.25 23.59 48.87
C4 NAG L . -16.47 23.65 49.85
C5 NAG L . -16.07 24.40 51.17
C6 NAG L . -17.31 24.56 52.09
C7 NAG L . -11.98 22.23 48.58
C8 NAG L . -10.73 22.61 47.86
N2 NAG L . -12.83 23.23 48.87
O3 NAG L . -15.57 22.65 47.82
O4 NAG L . -17.41 24.49 49.18
O5 NAG L . -15.02 23.68 51.86
O6 NAG L . -16.86 25.33 53.24
O7 NAG L . -12.24 21.09 48.87
C1 BMA L . -18.71 23.94 49.01
C2 BMA L . -19.63 24.94 48.35
C3 BMA L . -21.07 24.40 48.18
C4 BMA L . -20.88 23.17 47.25
C5 BMA L . -20.00 22.19 48.00
C6 BMA L . -19.78 20.77 47.33
O2 BMA L . -19.10 25.39 47.13
O3 BMA L . -21.70 25.40 47.37
O4 BMA L . -22.13 22.55 47.10
O5 BMA L . -18.69 22.74 48.16
O6 BMA L . -19.58 21.16 45.97
C1 MAN L . -19.10 19.91 45.14
C2 MAN L . -18.98 20.38 43.68
C3 MAN L . -20.38 20.67 43.17
C4 MAN L . -21.29 19.49 43.43
C5 MAN L . -21.37 19.21 44.91
C6 MAN L . -22.26 18.03 45.19
O2 MAN L . -18.37 19.23 43.04
O3 MAN L . -20.35 20.92 41.76
O4 MAN L . -22.63 19.78 42.88
O5 MAN L . -20.08 18.94 45.37
O6 MAN L . -22.43 17.98 46.61
C1 MAN L . -20.11 22.31 41.44
C2 MAN L . -20.81 22.38 40.05
C3 MAN L . -19.95 21.63 39.03
C4 MAN L . -18.51 22.21 39.03
C5 MAN L . -17.88 21.99 40.41
C6 MAN L . -16.56 22.86 40.32
O2 MAN L . -20.66 23.81 39.69
O3 MAN L . -20.53 21.92 37.78
O4 MAN L . -17.72 21.29 38.24
O5 MAN L . -18.70 22.64 41.44
O6 MAN L . -16.18 22.41 41.64
C1 MAN L . -21.68 24.72 40.30
C2 MAN L . -21.63 26.03 39.43
C3 MAN L . -20.30 26.73 39.75
C4 MAN L . -20.17 26.99 41.24
C5 MAN L . -20.31 25.67 42.03
C6 MAN L . -20.24 25.94 43.53
O2 MAN L . -22.77 26.73 39.83
O3 MAN L . -20.26 27.94 39.10
O4 MAN L . -18.94 27.60 41.49
O5 MAN L . -21.54 25.04 41.67
O6 MAN L . -20.24 24.71 44.25
C1 MAN L . -23.15 16.79 47.10
C2 MAN L . -23.28 17.14 48.60
C3 MAN L . -21.94 17.36 49.31
C4 MAN L . -21.13 16.04 49.10
C5 MAN L . -20.98 15.80 47.54
C6 MAN L . -20.24 14.41 47.37
O2 MAN L . -23.93 16.02 49.23
O3 MAN L . -22.14 17.46 50.74
O4 MAN L . -19.85 16.24 49.63
O5 MAN L . -22.28 15.72 46.98
O6 MAN L . -20.28 14.30 45.89
C1 MAN L . -25.43 16.04 49.01
C2 MAN L . -26.02 15.32 50.29
C3 MAN L . -25.57 13.83 50.15
C4 MAN L . -26.05 13.22 48.77
C5 MAN L . -25.50 14.05 47.61
C6 MAN L . -26.07 13.55 46.26
O2 MAN L . -27.44 15.45 50.12
O3 MAN L . -26.30 13.08 51.15
O4 MAN L . -25.54 11.88 48.71
O5 MAN L . -25.85 15.47 47.76
O6 MAN L . -25.49 14.38 45.23
C1 MAN L . -23.16 25.44 47.65
C2 MAN L . -23.64 26.23 46.42
C3 MAN L . -23.19 27.69 46.35
C4 MAN L . -23.54 28.34 47.73
C5 MAN L . -22.81 27.56 48.87
C6 MAN L . -23.34 28.14 50.22
O2 MAN L . -25.08 26.18 46.49
O3 MAN L . -23.92 28.31 45.29
O4 MAN L . -23.05 29.65 47.68
O5 MAN L . -23.41 26.26 48.83
O6 MAN L . -22.57 27.51 51.30
C1 MAN L . -25.80 25.09 45.74
C2 MAN L . -27.16 25.65 45.33
C3 MAN L . -27.94 26.00 46.61
C4 MAN L . -28.00 24.82 47.50
C5 MAN L . -26.64 24.26 47.87
C6 MAN L . -27.00 22.96 48.51
O2 MAN L . -27.85 24.66 44.54
O3 MAN L . -29.28 26.34 46.17
O4 MAN L . -28.69 25.15 48.73
O5 MAN L . -25.89 24.02 46.66
O6 MAN L . -25.80 22.60 49.15
C1 NAG M . -7.96 10.92 5.58
C2 NAG M . -9.08 10.78 4.56
C3 NAG M . -9.63 12.21 4.33
C4 NAG M . -10.09 12.66 5.71
C5 NAG M . -8.93 12.68 6.75
C6 NAG M . -9.33 13.06 8.21
C7 NAG M . -8.60 9.11 2.82
C8 NAG M . -7.80 8.88 1.54
N2 NAG M . -8.44 10.36 3.31
O3 NAG M . -10.79 12.02 3.53
O4 NAG M . -10.60 14.01 5.62
O5 NAG M . -8.53 11.26 6.84
O6 NAG M . -10.53 12.36 8.68
O7 NAG M . -9.26 8.26 3.42
C1 NAG M . -11.84 14.26 6.15
C2 NAG M . -12.06 15.79 6.09
C3 NAG M . -13.44 16.15 6.60
C4 NAG M . -14.58 15.32 6.06
C5 NAG M . -14.07 13.89 6.25
C6 NAG M . -15.06 12.79 6.00
C7 NAG M . -9.92 16.87 6.50
C8 NAG M . -8.99 17.44 7.50
N2 NAG M . -11.08 16.43 6.92
O3 NAG M . -13.62 17.52 6.43
O4 NAG M . -15.79 15.44 6.79
O5 NAG M . -12.92 13.69 5.47
O6 NAG M . -15.53 13.02 4.72
O7 NAG M . -9.58 16.88 5.38
C1 BMA M . -16.66 16.48 6.34
C2 BMA M . -18.11 16.01 6.62
C3 BMA M . -19.11 17.11 6.34
C4 BMA M . -18.69 18.35 7.05
C5 BMA M . -17.23 18.69 6.92
C6 BMA M . -17.01 19.83 7.91
O2 BMA M . -18.25 15.62 7.96
O3 BMA M . -20.46 16.88 6.70
O4 BMA M . -19.42 19.32 6.35
O5 BMA M . -16.39 17.60 7.12
O6 BMA M . -15.67 20.22 7.95
C1 NAG N . -23.43 6.70 8.48
C2 NAG N . -24.07 7.68 7.48
C3 NAG N . -23.14 7.88 6.34
C4 NAG N . -21.82 8.32 6.92
C5 NAG N . -21.25 7.29 7.97
C6 NAG N . -19.95 7.73 8.67
C7 NAG N . -26.50 7.45 7.35
C8 NAG N . -27.69 6.75 6.70
N2 NAG N . -25.31 7.07 6.88
O3 NAG N . -23.79 8.95 5.54
O4 NAG N . -20.89 8.23 5.86
O5 NAG N . -22.25 7.27 8.98
O6 NAG N . -20.11 9.09 9.21
O7 NAG N . -26.62 8.36 8.18
C1 NAG N . -20.59 9.33 4.99
C2 NAG N . -19.25 9.18 4.29
C3 NAG N . -19.10 10.40 3.35
C4 NAG N . -20.28 10.49 2.36
C5 NAG N . -21.57 10.54 3.25
C6 NAG N . -22.97 10.73 2.59
C7 NAG N . -17.55 8.08 5.63
C8 NAG N . -16.56 8.21 6.74
N2 NAG N . -18.23 9.21 5.34
O3 NAG N . -17.92 10.20 2.62
O4 NAG N . -20.06 11.75 1.67
O5 NAG N . -21.64 9.32 4.00
O6 NAG N . -22.99 9.69 1.65
O7 NAG N . -17.75 7.08 4.96
C1 BMA N . -20.35 11.40 0.14
C2 BMA N . -20.66 12.83 -0.44
C3 BMA N . -20.55 12.71 -1.95
C4 BMA N . -19.19 12.13 -2.38
C5 BMA N . -19.02 10.80 -1.62
C6 BMA N . -17.72 10.18 -2.01
O2 BMA N . -19.74 13.77 0.05
O3 BMA N . -20.67 14.07 -2.48
O4 BMA N . -19.42 11.77 -3.74
O5 BMA N . -18.98 11.08 -0.20
O6 BMA N . -16.76 11.21 -1.95
C1 MAN N . -15.29 10.71 -2.14
C2 MAN N . -14.53 12.02 -2.09
C3 MAN N . -14.83 13.01 -3.19
C4 MAN N . -14.81 12.33 -4.55
C5 MAN N . -15.66 11.06 -4.56
C6 MAN N . -15.82 10.19 -5.83
O2 MAN N . -13.25 11.68 -2.29
O3 MAN N . -14.01 14.15 -3.02
O4 MAN N . -15.34 13.18 -5.52
O5 MAN N . -15.26 10.17 -3.51
O6 MAN N . -14.46 9.85 -6.15
C1 MAN N . -14.27 9.35 -7.60
C2 MAN N . -12.90 8.57 -7.48
C3 MAN N . -11.80 9.48 -7.04
C4 MAN N . -11.77 10.67 -8.05
C5 MAN N . -13.04 11.46 -7.95
C6 MAN N . -12.87 12.56 -9.05
O2 MAN N . -12.60 8.09 -8.80
O3 MAN N . -10.58 8.78 -7.12
O4 MAN N . -10.66 11.41 -7.71
O5 MAN N . -14.11 10.58 -8.30
O6 MAN N . -14.20 12.82 -9.44
C1 MAN N . -13.41 7.09 -9.29
C2 MAN N . -12.57 6.33 -10.35
C3 MAN N . -12.26 7.33 -11.50
C4 MAN N . -13.60 7.78 -12.05
C5 MAN N . -14.44 8.47 -10.98
C6 MAN N . -15.81 8.68 -11.62
O2 MAN N . -13.44 5.29 -10.79
O3 MAN N . -11.66 6.54 -12.53
O4 MAN N . -13.38 8.68 -13.12
O5 MAN N . -14.59 7.63 -9.79
O6 MAN N . -16.48 9.33 -10.56
C1 MAN N . -21.79 13.86 -3.39
C2 MAN N . -21.99 14.84 -4.52
C3 MAN N . -22.10 16.16 -3.87
C4 MAN N . -23.25 16.19 -2.88
C5 MAN N . -23.32 14.90 -2.08
C6 MAN N . -24.62 14.71 -1.33
O2 MAN N . -23.18 14.60 -5.27
O3 MAN N . -22.32 17.08 -4.93
O4 MAN N . -22.93 17.20 -1.97
O5 MAN N . -23.11 13.80 -2.89
O6 MAN N . -24.36 13.93 -0.16
C1 NAG O . -30.09 5.36 41.68
C2 NAG O . -29.30 4.75 42.83
C3 NAG O . -29.87 3.39 43.17
C4 NAG O . -31.36 3.64 43.45
C5 NAG O . -32.07 4.26 42.25
C6 NAG O . -33.60 4.52 42.49
C7 NAG O . -26.89 5.27 42.94
C8 NAG O . -25.48 4.85 42.56
N2 NAG O . -27.86 4.50 42.46
O3 NAG O . -29.21 2.83 44.28
O4 NAG O . -31.99 2.33 43.64
O5 NAG O . -31.45 5.53 42.09
O6 NAG O . -33.70 5.19 43.76
O7 NAG O . -27.03 6.28 43.61
C1 NAG O . -32.49 2.19 45.00
C2 NAG O . -33.51 1.01 45.00
C3 NAG O . -34.07 0.88 46.44
C4 NAG O . -32.86 0.76 47.39
C5 NAG O . -31.95 2.04 47.21
C6 NAG O . -30.70 2.35 48.06
C7 NAG O . -34.56 0.62 42.79
C8 NAG O . -35.70 0.91 41.77
N2 NAG O . -34.58 1.27 44.06
O3 NAG O . -34.90 -0.30 46.48
O4 NAG O . -33.38 0.92 48.68
O5 NAG O . -31.46 1.90 45.89
O6 NAG O . -30.30 1.05 48.16
O7 NAG O . -33.61 -0.20 42.45
C1 BMA O . -33.91 -0.23 49.29
C2 BMA O . -33.56 -0.20 50.79
C3 BMA O . -34.11 -1.43 51.50
C4 BMA O . -35.60 -1.44 51.26
C5 BMA O . -35.87 -1.43 49.76
C6 BMA O . -37.34 -1.32 49.45
O2 BMA O . -34.05 1.01 51.34
O3 BMA O . -33.80 -1.51 52.92
O4 BMA O . -36.10 -2.62 51.86
O5 BMA O . -35.28 -0.32 49.09
O6 BMA O . -37.49 -1.67 48.10
C1 MAN O . -38.78 -1.39 47.59
C2 MAN O . -39.08 -1.75 46.14
C3 MAN O . -38.38 -0.81 45.18
C4 MAN O . -38.92 0.58 45.52
C5 MAN O . -38.63 0.84 46.99
C6 MAN O . -38.86 2.31 47.35
O2 MAN O . -40.50 -1.77 45.91
O3 MAN O . -38.54 -1.18 43.80
O4 MAN O . -38.27 1.62 44.85
O5 MAN O . -39.29 -0.09 47.80
O6 MAN O . -40.19 2.75 47.10
C1 MAN O . -37.64 -1.98 43.14
C2 MAN O . -38.15 -1.76 41.72
C3 MAN O . -39.52 -2.41 41.53
C4 MAN O . -39.49 -3.84 42.09
C5 MAN O . -39.03 -3.82 43.53
C6 MAN O . -38.99 -5.17 44.14
O2 MAN O . -37.21 -2.27 40.84
O3 MAN O . -39.97 -2.34 40.18
O4 MAN O . -40.75 -4.46 41.95
O5 MAN O . -37.74 -3.28 43.61
O6 MAN O . -38.55 -6.09 43.16
C1 MAN O . -32.68 -2.34 53.39
C2 MAN O . -32.95 -2.41 54.91
C3 MAN O . -32.68 -0.99 55.51
C4 MAN O . -31.33 -0.37 55.04
C5 MAN O . -31.19 -0.43 53.48
C6 MAN O . -29.88 0.16 52.90
O2 MAN O . -32.15 -3.52 55.33
O3 MAN O . -32.74 -1.09 56.91
O4 MAN O . -31.12 0.92 55.55
O5 MAN O . -31.38 -1.80 53.06
O6 MAN O . -29.86 0.13 51.42
C1 NAG P . -22.80 -13.73 -9.40
C2 NAG P . -23.77 -12.74 -9.97
C3 NAG P . -23.96 -13.10 -11.48
C4 NAG P . -22.59 -13.03 -12.14
C5 NAG P . -21.59 -13.94 -11.47
C6 NAG P . -20.17 -13.87 -12.03
C7 NAG P . -25.77 -11.77 -8.94
C8 NAG P . -27.10 -12.12 -8.29
N2 NAG P . -25.06 -12.86 -9.26
O3 NAG P . -24.76 -12.08 -11.96
O4 NAG P . -22.78 -13.62 -13.46
O5 NAG P . -21.58 -13.64 -10.07
O6 NAG P . -19.68 -15.14 -11.70
O7 NAG P . -25.47 -10.56 -9.24
C1 NAG P . -22.84 -12.54 -14.46
C2 NAG P . -22.47 -13.33 -15.73
C3 NAG P . -22.68 -12.35 -16.93
C4 NAG P . -24.13 -11.90 -17.02
C5 NAG P . -24.49 -11.26 -15.66
C6 NAG P . -25.99 -10.78 -15.69
C7 NAG P . -20.81 -15.19 -15.64
C8 NAG P . -19.37 -15.60 -15.66
N2 NAG P . -21.11 -13.90 -15.79
O3 NAG P . -22.42 -13.04 -18.14
O4 NAG P . -24.16 -10.82 -17.92
O5 NAG P . -24.20 -12.22 -14.63
O6 NAG P . -26.77 -11.98 -15.83
O7 NAG P . -21.72 -15.98 -15.39
C1 BMA P . -25.02 -11.09 -19.04
C2 BMA P . -25.59 -9.79 -19.59
C3 BMA P . -26.54 -10.03 -20.76
C4 BMA P . -25.86 -10.90 -21.82
C5 BMA P . -25.33 -12.14 -21.15
C6 BMA P . -24.59 -12.97 -22.18
O2 BMA P . -24.53 -8.95 -19.91
O3 BMA P . -26.94 -8.82 -21.34
O4 BMA P . -26.72 -11.32 -22.90
O5 BMA P . -24.46 -11.84 -20.09
O6 BMA P . -23.54 -12.20 -22.68
C1 MAN P . -22.58 -12.82 -23.70
C2 MAN P . -21.64 -11.64 -23.98
C3 MAN P . -22.31 -10.47 -24.65
C4 MAN P . -23.13 -10.94 -25.83
C5 MAN P . -24.09 -11.98 -25.37
C6 MAN P . -24.83 -12.37 -26.66
O2 MAN P . -20.66 -12.26 -24.84
O3 MAN P . -21.23 -9.66 -25.12
O4 MAN P . -23.84 -9.78 -26.26
O5 MAN P . -23.49 -13.17 -24.84
O6 MAN P . -25.58 -13.57 -26.34
C1 MAN P . -21.32 -8.28 -24.94
C2 MAN P . -20.08 -7.63 -25.48
C3 MAN P . -18.87 -8.03 -24.66
C4 MAN P . -19.12 -7.61 -23.21
C5 MAN P . -20.43 -8.22 -22.76
C6 MAN P . -20.68 -7.89 -21.28
O2 MAN P . -20.10 -6.25 -25.41
O3 MAN P . -17.70 -7.44 -25.16
O4 MAN P . -18.09 -7.98 -22.33
O5 MAN P . -21.51 -7.90 -23.61
O6 MAN P . -21.25 -6.66 -21.17
C1 MAN P . -20.77 -5.74 -26.56
C2 MAN P . -20.21 -4.38 -26.91
C3 MAN P . -20.66 -3.44 -25.83
C4 MAN P . -22.15 -3.46 -25.58
C5 MAN P . -22.67 -4.88 -25.41
C6 MAN P . -24.20 -4.83 -25.54
O2 MAN P . -20.68 -4.01 -28.20
O3 MAN P . -20.31 -2.13 -26.20
O4 MAN P . -22.36 -2.72 -24.40
O5 MAN P . -22.16 -5.69 -26.44
O6 MAN P . -24.52 -4.96 -26.92
C1 MAN P . -26.81 -13.68 -27.22
C2 MAN P . -27.73 -14.66 -26.42
C3 MAN P . -27.11 -16.07 -26.25
C4 MAN P . -26.57 -16.59 -27.60
C5 MAN P . -25.51 -15.62 -28.20
C6 MAN P . -24.89 -16.16 -29.50
O2 MAN P . -28.85 -14.72 -27.29
O3 MAN P . -28.16 -16.95 -25.87
O4 MAN P . -25.99 -17.86 -27.56
O5 MAN P . -26.17 -14.33 -28.37
O6 MAN P . -25.83 -16.35 -30.56
C1 MAN P . -28.33 -8.57 -20.96
C2 MAN P . -28.99 -7.57 -21.96
C3 MAN P . -28.18 -6.28 -21.85
C4 MAN P . -28.09 -5.78 -20.47
C5 MAN P . -27.57 -6.84 -19.59
C6 MAN P . -27.66 -6.27 -18.20
O2 MAN P . -30.41 -7.40 -21.80
O3 MAN P . -28.71 -5.16 -22.49
O4 MAN P . -27.15 -4.73 -20.60
O5 MAN P . -28.35 -8.00 -19.68
O6 MAN P . -27.08 -4.98 -18.32
C1 NAG Q . -8.69 24.79 -40.28
C2 NAG Q . -9.96 25.61 -40.27
C3 NAG Q . -10.54 25.85 -41.65
C4 NAG Q . -9.51 26.51 -42.51
C5 NAG Q . -8.22 25.76 -42.37
C6 NAG Q . -7.15 26.51 -43.11
C7 NAG Q . -11.47 25.83 -38.43
C8 NAG Q . -12.17 25.06 -37.36
N2 NAG Q . -10.99 25.07 -39.40
O3 NAG Q . -11.69 26.70 -41.50
O4 NAG Q . -9.93 26.30 -43.82
O5 NAG Q . -7.80 25.57 -41.02
O6 NAG Q . -6.88 27.73 -42.46
O7 NAG Q . -11.35 27.04 -38.39
C1 NAG R . -19.56 -2.60 -52.55
C2 NAG R . -19.61 -1.15 -52.28
C3 NAG R . -20.14 -0.98 -50.88
C4 NAG R . -21.43 -1.77 -50.71
C5 NAG R . -21.17 -3.25 -50.96
C6 NAG R . -22.39 -4.17 -50.75
C7 NAG R . -17.92 0.32 -53.17
C8 NAG R . -16.52 0.85 -53.22
N2 NAG R . -18.22 -0.66 -52.35
O3 NAG R . -20.46 0.38 -50.69
O4 NAG R . -21.92 -1.54 -49.42
O5 NAG R . -20.70 -3.39 -52.31
O6 NAG R . -23.27 -3.83 -51.79
O7 NAG R . -18.77 0.88 -53.88
C1 MPD S . 15.05 -5.09 17.57
C2 MPD S . 16.53 -4.79 17.17
O2 MPD S . 17.02 -3.62 17.93
CM MPD S . 17.24 -6.00 17.69
C3 MPD S . 16.76 -4.57 15.65
C4 MPD S . 16.01 -3.35 15.12
O4 MPD S . 16.41 -2.21 15.82
C5 MPD S . 16.30 -3.08 13.64
C1 MRD T . -7.91 -5.26 -22.82
C2 MRD T . -7.89 -5.13 -21.33
O2 MRD T . -8.25 -6.37 -20.74
CM MRD T . -6.44 -4.63 -20.93
C3 MRD T . -8.91 -4.10 -21.12
C4 MRD T . -9.87 -4.18 -22.36
O4 MRD T . -10.65 -3.06 -22.15
C5 MRD T . -10.66 -5.55 -22.40
C1 MRD U . -8.07 4.55 -26.99
C2 MRD U . -7.48 3.56 -28.06
O2 MRD U . -7.85 2.21 -27.66
CM MRD U . -8.11 3.87 -29.47
C3 MRD U . -5.88 3.72 -28.16
C4 MRD U . -5.20 2.68 -29.10
O4 MRD U . -5.47 1.33 -28.60
C5 MRD U . -3.71 2.89 -29.13
NA NA V . 16.64 21.75 8.94
C ACY W . -1.69 -0.70 -30.90
O ACY W . -1.14 -1.27 -29.88
OXT ACY W . -2.95 -0.50 -30.93
CH3 ACY W . -0.80 -0.31 -32.09
C1 NAG X . -26.19 28.08 29.36
C2 NAG X . -25.94 29.54 29.12
C3 NAG X . -25.92 30.29 30.42
C4 NAG X . -27.40 30.37 30.70
C5 NAG X . -27.95 28.97 30.69
C6 NAG X . -29.44 29.17 30.70
C7 NAG X . -23.58 29.54 28.49
C8 NAG X . -23.13 29.06 29.81
N2 NAG X . -24.82 29.85 28.30
O3 NAG X . -25.27 31.52 30.24
O4 NAG X . -27.68 30.89 31.98
O5 NAG X . -27.57 28.11 29.60
O6 NAG X . -30.18 27.98 30.55
O7 NAG X . -22.85 29.70 27.56
C1 NAG Y . 0.90 31.39 46.41
C2 NAG Y . -0.34 31.97 45.76
C3 NAG Y . -0.07 32.19 44.31
C4 NAG Y . 1.22 32.97 44.11
C5 NAG Y . 2.32 32.17 44.73
C6 NAG Y . 3.69 32.76 44.41
C7 NAG Y . -2.59 31.37 46.41
C8 NAG Y . -3.66 30.29 46.53
N2 NAG Y . -1.44 31.01 45.95
O3 NAG Y . -1.12 32.89 43.69
O4 NAG Y . 1.49 33.05 42.72
O5 NAG Y . 2.07 32.18 46.16
O6 NAG Y . 3.63 33.96 45.11
O7 NAG Y . -2.75 32.52 46.76
C1 MRD Z . -5.85 16.61 22.58
C2 MRD Z . -5.40 16.02 23.99
O2 MRD Z . -3.97 15.81 24.05
CM MRD Z . -5.64 17.08 25.10
C3 MRD Z . -6.12 14.63 24.29
C4 MRD Z . -5.71 13.93 25.62
O4 MRD Z . -4.33 13.53 25.52
C5 MRD Z . -6.57 12.70 25.92
C1 MRD AA . 3.39 11.65 21.47
C2 MRD AA . 3.61 11.24 20.08
O2 MRD AA . 5.00 10.97 19.78
CM MRD AA . 2.70 9.94 19.85
C3 MRD AA . 3.23 12.40 19.35
C4 MRD AA . 3.43 13.67 20.22
O4 MRD AA . 2.92 14.72 19.47
C5 MRD AA . 4.92 13.98 20.45
C1 MRD BA . -36.31 4.28 36.08
C2 MRD BA . -34.81 4.05 36.17
O2 MRD BA . -34.67 2.78 36.71
CM MRD BA . -34.03 3.97 34.87
C3 MRD BA . -34.19 5.19 37.00
C4 MRD BA . -33.96 5.06 38.51
O4 MRD BA . -32.72 5.86 38.77
C5 MRD BA . -33.84 3.61 39.10
NA NA CA . -24.76 -9.72 -11.40
C ACY DA . -4.52 10.15 28.97
O ACY DA . -4.25 11.39 28.77
OXT ACY DA . -4.09 9.13 28.25
CH3 ACY DA . -5.31 9.79 30.28
#